data_5HCK
# 
_entry.id   5HCK 
# 
_audit_conform.dict_name       mmcif_pdbx.dic 
_audit_conform.dict_version    5.391 
_audit_conform.dict_location   http://mmcif.pdb.org/dictionaries/ascii/mmcif_pdbx.dic 
# 
loop_
_database_2.database_id 
_database_2.database_code 
_database_2.pdbx_database_accession 
_database_2.pdbx_DOI 
PDB   5HCK         pdb_00005hck 10.2210/pdb5hck/pdb 
WWPDB D_1000179722 ?            ?                   
# 
loop_
_pdbx_audit_revision_history.ordinal 
_pdbx_audit_revision_history.data_content_type 
_pdbx_audit_revision_history.major_revision 
_pdbx_audit_revision_history.minor_revision 
_pdbx_audit_revision_history.revision_date 
1 'Structure model' 1 0 1998-06-17 
2 'Structure model' 1 1 2008-03-25 
3 'Structure model' 1 2 2011-07-13 
4 'Structure model' 1 3 2024-05-01 
# 
_pdbx_audit_revision_details.ordinal             1 
_pdbx_audit_revision_details.revision_ordinal    1 
_pdbx_audit_revision_details.data_content_type   'Structure model' 
_pdbx_audit_revision_details.provider            repository 
_pdbx_audit_revision_details.type                'Initial release' 
_pdbx_audit_revision_details.description         ? 
_pdbx_audit_revision_details.details             ? 
# 
loop_
_pdbx_audit_revision_group.ordinal 
_pdbx_audit_revision_group.revision_ordinal 
_pdbx_audit_revision_group.data_content_type 
_pdbx_audit_revision_group.group 
1 2 'Structure model' 'Version format compliance' 
2 3 'Structure model' 'Version format compliance' 
3 4 'Structure model' 'Data collection'           
4 4 'Structure model' 'Database references'       
5 4 'Structure model' Other                       
# 
loop_
_pdbx_audit_revision_category.ordinal 
_pdbx_audit_revision_category.revision_ordinal 
_pdbx_audit_revision_category.data_content_type 
_pdbx_audit_revision_category.category 
1 4 'Structure model' chem_comp_atom       
2 4 'Structure model' chem_comp_bond       
3 4 'Structure model' database_2           
4 4 'Structure model' pdbx_database_status 
# 
loop_
_pdbx_audit_revision_item.ordinal 
_pdbx_audit_revision_item.revision_ordinal 
_pdbx_audit_revision_item.data_content_type 
_pdbx_audit_revision_item.item 
1 4 'Structure model' '_database_2.pdbx_DOI'                
2 4 'Structure model' '_database_2.pdbx_database_accession' 
3 4 'Structure model' '_pdbx_database_status.process_site'  
# 
_pdbx_database_status.status_code                     REL 
_pdbx_database_status.entry_id                        5HCK 
_pdbx_database_status.recvd_initial_deposition_date   1998-03-09 
_pdbx_database_status.deposit_site                    ? 
_pdbx_database_status.process_site                    BNL 
_pdbx_database_status.SG_entry                        . 
_pdbx_database_status.status_code_sf                  ? 
_pdbx_database_status.status_code_mr                  ? 
_pdbx_database_status.status_code_cs                  ? 
_pdbx_database_status.methods_development_category    ? 
_pdbx_database_status.pdb_format_compatible           Y 
_pdbx_database_status.status_code_nmr_data            ? 
# 
_pdbx_database_related.db_name        PDB 
_pdbx_database_related.db_id          4HCK 
_pdbx_database_related.details        . 
_pdbx_database_related.content_type   ensemble 
# 
loop_
_audit_author.name 
_audit_author.pdbx_ordinal 
'Horita, D.A.'     1 
'Baldisseri, D.M.' 2 
'Zhang, W.'        3 
'Altieri, A.S.'    4 
'Smithgall, T.E.'  5 
'Gmeiner, W.H.'    6 
'Byrd, R.A.'       7 
# 
_citation.id                        primary 
_citation.title                     'Solution structure of the human Hck SH3 domain and identification of its ligand binding site.' 
_citation.journal_abbrev            J.Mol.Biol. 
_citation.journal_volume            278 
_citation.page_first                253 
_citation.page_last                 265 
_citation.year                      1998 
_citation.journal_id_ASTM           JMOBAK 
_citation.country                   UK 
_citation.journal_id_ISSN           0022-2836 
_citation.journal_id_CSD            0070 
_citation.book_publisher            ? 
_citation.pdbx_database_id_PubMed   9571048 
_citation.pdbx_database_id_DOI      10.1006/jmbi.1998.1690 
# 
loop_
_citation_author.citation_id 
_citation_author.name 
_citation_author.ordinal 
_citation_author.identifier_ORCID 
primary 'Horita, D.A.'     1 ? 
primary 'Baldisseri, D.M.' 2 ? 
primary 'Zhang, W.'        3 ? 
primary 'Altieri, A.S.'    4 ? 
primary 'Smithgall, T.E.'  5 ? 
primary 'Gmeiner, W.H.'    6 ? 
primary 'Byrd, R.A.'       7 ? 
# 
_entity.id                         1 
_entity.type                       polymer 
_entity.src_method                 man 
_entity.pdbx_description           'HEMATOPOIETIC CELL KINASE' 
_entity.formula_weight             8240.034 
_entity.pdbx_number_of_molecules   1 
_entity.pdbx_ec                    2.7.10.2 
_entity.pdbx_mutation              ? 
_entity.pdbx_fragment              'SH3 DOMAIN' 
_entity.details                    ? 
# 
_entity_name_com.entity_id   1 
_entity_name_com.name        HCK 
# 
_entity_poly.entity_id                      1 
_entity_poly.type                           'polypeptide(L)' 
_entity_poly.nstd_linkage                   no 
_entity_poly.nstd_monomer                   no 
_entity_poly.pdbx_seq_one_letter_code       GIREAGSEDIIVVALYDYEAIHHEDLSFQKGDQMVVLEESGEWWKARSLATRKEGYIPSNYVARVDSLETEE 
_entity_poly.pdbx_seq_one_letter_code_can   GIREAGSEDIIVVALYDYEAIHHEDLSFQKGDQMVVLEESGEWWKARSLATRKEGYIPSNYVARVDSLETEE 
_entity_poly.pdbx_strand_id                 A 
_entity_poly.pdbx_target_identifier         ? 
# 
loop_
_entity_poly_seq.entity_id 
_entity_poly_seq.num 
_entity_poly_seq.mon_id 
_entity_poly_seq.hetero 
1 1  GLY n 
1 2  ILE n 
1 3  ARG n 
1 4  GLU n 
1 5  ALA n 
1 6  GLY n 
1 7  SER n 
1 8  GLU n 
1 9  ASP n 
1 10 ILE n 
1 11 ILE n 
1 12 VAL n 
1 13 VAL n 
1 14 ALA n 
1 15 LEU n 
1 16 TYR n 
1 17 ASP n 
1 18 TYR n 
1 19 GLU n 
1 20 ALA n 
1 21 ILE n 
1 22 HIS n 
1 23 HIS n 
1 24 GLU n 
1 25 ASP n 
1 26 LEU n 
1 27 SER n 
1 28 PHE n 
1 29 GLN n 
1 30 LYS n 
1 31 GLY n 
1 32 ASP n 
1 33 GLN n 
1 34 MET n 
1 35 VAL n 
1 36 VAL n 
1 37 LEU n 
1 38 GLU n 
1 39 GLU n 
1 40 SER n 
1 41 GLY n 
1 42 GLU n 
1 43 TRP n 
1 44 TRP n 
1 45 LYS n 
1 46 ALA n 
1 47 ARG n 
1 48 SER n 
1 49 LEU n 
1 50 ALA n 
1 51 THR n 
1 52 ARG n 
1 53 LYS n 
1 54 GLU n 
1 55 GLY n 
1 56 TYR n 
1 57 ILE n 
1 58 PRO n 
1 59 SER n 
1 60 ASN n 
1 61 TYR n 
1 62 VAL n 
1 63 ALA n 
1 64 ARG n 
1 65 VAL n 
1 66 ASP n 
1 67 SER n 
1 68 LEU n 
1 69 GLU n 
1 70 THR n 
1 71 GLU n 
1 72 GLU n 
# 
_entity_src_gen.entity_id                          1 
_entity_src_gen.pdbx_src_id                        1 
_entity_src_gen.pdbx_alt_source_flag               sample 
_entity_src_gen.pdbx_seq_type                      ? 
_entity_src_gen.pdbx_beg_seq_num                   ? 
_entity_src_gen.pdbx_end_seq_num                   ? 
_entity_src_gen.gene_src_common_name               human 
_entity_src_gen.gene_src_genus                     Homo 
_entity_src_gen.pdbx_gene_src_gene                 'RESIDUES G72-E143 OF HUMAN HCK' 
_entity_src_gen.gene_src_species                   ? 
_entity_src_gen.gene_src_strain                    ? 
_entity_src_gen.gene_src_tissue                    ? 
_entity_src_gen.gene_src_tissue_fraction           ? 
_entity_src_gen.gene_src_details                   ? 
_entity_src_gen.pdbx_gene_src_fragment             ? 
_entity_src_gen.pdbx_gene_src_scientific_name      'Homo sapiens' 
_entity_src_gen.pdbx_gene_src_ncbi_taxonomy_id     9606 
_entity_src_gen.pdbx_gene_src_variant              ? 
_entity_src_gen.pdbx_gene_src_cell_line            BL21 
_entity_src_gen.pdbx_gene_src_atcc                 ? 
_entity_src_gen.pdbx_gene_src_organ                ? 
_entity_src_gen.pdbx_gene_src_organelle            ? 
_entity_src_gen.pdbx_gene_src_cell                 ? 
_entity_src_gen.pdbx_gene_src_cellular_location    ? 
_entity_src_gen.host_org_common_name               ? 
_entity_src_gen.pdbx_host_org_scientific_name      'Escherichia coli' 
_entity_src_gen.pdbx_host_org_ncbi_taxonomy_id     562 
_entity_src_gen.host_org_genus                     Escherichia 
_entity_src_gen.pdbx_host_org_gene                 'RESIDUES G72-E143 OF HUMAN HCK' 
_entity_src_gen.pdbx_host_org_organ                ? 
_entity_src_gen.host_org_species                   ? 
_entity_src_gen.pdbx_host_org_tissue               ? 
_entity_src_gen.pdbx_host_org_tissue_fraction      ? 
_entity_src_gen.pdbx_host_org_strain               'BL21 (DE3) PLYSS' 
_entity_src_gen.pdbx_host_org_variant              ? 
_entity_src_gen.pdbx_host_org_cell_line            ? 
_entity_src_gen.pdbx_host_org_atcc                 ? 
_entity_src_gen.pdbx_host_org_culture_collection   ? 
_entity_src_gen.pdbx_host_org_cell                 ? 
_entity_src_gen.pdbx_host_org_organelle            ? 
_entity_src_gen.pdbx_host_org_cellular_location    ? 
_entity_src_gen.pdbx_host_org_vector_type          ? 
_entity_src_gen.pdbx_host_org_vector               ? 
_entity_src_gen.host_org_details                   ? 
_entity_src_gen.expression_system_id               ? 
_entity_src_gen.plasmid_name                       PET-14B 
_entity_src_gen.plasmid_details                    ? 
_entity_src_gen.pdbx_description                   ? 
# 
loop_
_chem_comp.id 
_chem_comp.type 
_chem_comp.mon_nstd_flag 
_chem_comp.name 
_chem_comp.pdbx_synonyms 
_chem_comp.formula 
_chem_comp.formula_weight 
ALA 'L-peptide linking' y ALANINE         ? 'C3 H7 N O2'     89.093  
ARG 'L-peptide linking' y ARGININE        ? 'C6 H15 N4 O2 1' 175.209 
ASN 'L-peptide linking' y ASPARAGINE      ? 'C4 H8 N2 O3'    132.118 
ASP 'L-peptide linking' y 'ASPARTIC ACID' ? 'C4 H7 N O4'     133.103 
GLN 'L-peptide linking' y GLUTAMINE       ? 'C5 H10 N2 O3'   146.144 
GLU 'L-peptide linking' y 'GLUTAMIC ACID' ? 'C5 H9 N O4'     147.129 
GLY 'peptide linking'   y GLYCINE         ? 'C2 H5 N O2'     75.067  
HIS 'L-peptide linking' y HISTIDINE       ? 'C6 H10 N3 O2 1' 156.162 
ILE 'L-peptide linking' y ISOLEUCINE      ? 'C6 H13 N O2'    131.173 
LEU 'L-peptide linking' y LEUCINE         ? 'C6 H13 N O2'    131.173 
LYS 'L-peptide linking' y LYSINE          ? 'C6 H15 N2 O2 1' 147.195 
MET 'L-peptide linking' y METHIONINE      ? 'C5 H11 N O2 S'  149.211 
PHE 'L-peptide linking' y PHENYLALANINE   ? 'C9 H11 N O2'    165.189 
PRO 'L-peptide linking' y PROLINE         ? 'C5 H9 N O2'     115.130 
SER 'L-peptide linking' y SERINE          ? 'C3 H7 N O3'     105.093 
THR 'L-peptide linking' y THREONINE       ? 'C4 H9 N O3'     119.119 
TRP 'L-peptide linking' y TRYPTOPHAN      ? 'C11 H12 N2 O2'  204.225 
TYR 'L-peptide linking' y TYROSINE        ? 'C9 H11 N O3'    181.189 
VAL 'L-peptide linking' y VALINE          ? 'C5 H11 N O2'    117.146 
# 
loop_
_pdbx_poly_seq_scheme.asym_id 
_pdbx_poly_seq_scheme.entity_id 
_pdbx_poly_seq_scheme.seq_id 
_pdbx_poly_seq_scheme.mon_id 
_pdbx_poly_seq_scheme.ndb_seq_num 
_pdbx_poly_seq_scheme.pdb_seq_num 
_pdbx_poly_seq_scheme.auth_seq_num 
_pdbx_poly_seq_scheme.pdb_mon_id 
_pdbx_poly_seq_scheme.auth_mon_id 
_pdbx_poly_seq_scheme.pdb_strand_id 
_pdbx_poly_seq_scheme.pdb_ins_code 
_pdbx_poly_seq_scheme.hetero 
A 1 1  GLY 1  72  ?   ?   ?   A . n 
A 1 2  ILE 2  73  ?   ?   ?   A . n 
A 1 3  ARG 3  74  ?   ?   ?   A . n 
A 1 4  GLU 4  75  ?   ?   ?   A . n 
A 1 5  ALA 5  76  ?   ?   ?   A . n 
A 1 6  GLY 6  77  ?   ?   ?   A . n 
A 1 7  SER 7  78  78  SER SER A . n 
A 1 8  GLU 8  79  79  GLU GLU A . n 
A 1 9  ASP 9  80  80  ASP ASP A . n 
A 1 10 ILE 10 81  81  ILE ILE A . n 
A 1 11 ILE 11 82  82  ILE ILE A . n 
A 1 12 VAL 12 83  83  VAL VAL A . n 
A 1 13 VAL 13 84  84  VAL VAL A . n 
A 1 14 ALA 14 85  85  ALA ALA A . n 
A 1 15 LEU 15 86  86  LEU LEU A . n 
A 1 16 TYR 16 87  87  TYR TYR A . n 
A 1 17 ASP 17 88  88  ASP ASP A . n 
A 1 18 TYR 18 89  89  TYR TYR A . n 
A 1 19 GLU 19 90  90  GLU GLU A . n 
A 1 20 ALA 20 91  91  ALA ALA A . n 
A 1 21 ILE 21 92  92  ILE ILE A . n 
A 1 22 HIS 22 93  93  HIS HIS A . n 
A 1 23 HIS 23 94  94  HIS HIS A . n 
A 1 24 GLU 24 95  95  GLU GLU A . n 
A 1 25 ASP 25 96  96  ASP ASP A . n 
A 1 26 LEU 26 97  97  LEU LEU A . n 
A 1 27 SER 27 98  98  SER SER A . n 
A 1 28 PHE 28 99  99  PHE PHE A . n 
A 1 29 GLN 29 100 100 GLN GLN A . n 
A 1 30 LYS 30 101 101 LYS LYS A . n 
A 1 31 GLY 31 102 102 GLY GLY A . n 
A 1 32 ASP 32 103 103 ASP ASP A . n 
A 1 33 GLN 33 104 104 GLN GLN A . n 
A 1 34 MET 34 105 105 MET MET A . n 
A 1 35 VAL 35 106 106 VAL VAL A . n 
A 1 36 VAL 36 107 107 VAL VAL A . n 
A 1 37 LEU 37 108 108 LEU LEU A . n 
A 1 38 GLU 38 109 109 GLU GLU A . n 
A 1 39 GLU 39 110 110 GLU GLU A . n 
A 1 40 SER 40 111 111 SER SER A . n 
A 1 41 GLY 41 112 112 GLY GLY A . n 
A 1 42 GLU 42 113 113 GLU GLU A . n 
A 1 43 TRP 43 114 114 TRP TRP A . n 
A 1 44 TRP 44 115 115 TRP TRP A . n 
A 1 45 LYS 45 116 116 LYS LYS A . n 
A 1 46 ALA 46 117 117 ALA ALA A . n 
A 1 47 ARG 47 118 118 ARG ARG A . n 
A 1 48 SER 48 119 119 SER SER A . n 
A 1 49 LEU 49 120 120 LEU LEU A . n 
A 1 50 ALA 50 121 121 ALA ALA A . n 
A 1 51 THR 51 122 122 THR THR A . n 
A 1 52 ARG 52 123 123 ARG ARG A . n 
A 1 53 LYS 53 124 124 LYS LYS A . n 
A 1 54 GLU 54 125 125 GLU GLU A . n 
A 1 55 GLY 55 126 126 GLY GLY A . n 
A 1 56 TYR 56 127 127 TYR TYR A . n 
A 1 57 ILE 57 128 128 ILE ILE A . n 
A 1 58 PRO 58 129 129 PRO PRO A . n 
A 1 59 SER 59 130 130 SER SER A . n 
A 1 60 ASN 60 131 131 ASN ASN A . n 
A 1 61 TYR 61 132 132 TYR TYR A . n 
A 1 62 VAL 62 133 133 VAL VAL A . n 
A 1 63 ALA 63 134 134 ALA ALA A . n 
A 1 64 ARG 64 135 135 ARG ARG A . n 
A 1 65 VAL 65 136 136 VAL VAL A . n 
A 1 66 ASP 66 137 137 ASP ASP A . n 
A 1 67 SER 67 138 138 SER SER A . n 
A 1 68 LEU 68 139 ?   ?   ?   A . n 
A 1 69 GLU 69 140 ?   ?   ?   A . n 
A 1 70 THR 70 141 ?   ?   ?   A . n 
A 1 71 GLU 71 142 ?   ?   ?   A . n 
A 1 72 GLU 72 143 ?   ?   ?   A . n 
# 
loop_
_software.name 
_software.classification 
_software.version 
_software.citation_id 
_software.pdbx_ordinal 
X-PLOR 'model building' 3.851 ? 1 
X-PLOR refinement       3.851 ? 2 
X-PLOR phasing          3.851 ? 3 
# 
_cell.entry_id           5HCK 
_cell.length_a           1.000 
_cell.length_b           1.000 
_cell.length_c           1.000 
_cell.angle_alpha        90.00 
_cell.angle_beta         90.00 
_cell.angle_gamma        90.00 
_cell.Z_PDB              1 
_cell.pdbx_unique_axis   ? 
# 
_symmetry.entry_id                         5HCK 
_symmetry.space_group_name_H-M             'P 1' 
_symmetry.pdbx_full_space_group_name_H-M   ? 
_symmetry.cell_setting                     ? 
_symmetry.Int_Tables_number                1 
# 
_exptl.entry_id          5HCK 
_exptl.method            'SOLUTION NMR' 
_exptl.crystals_number   ? 
# 
_struct.entry_id                  5HCK 
_struct.title                     'HUMAN HCK SH3 DOMAIN, NMR, MINIMIZED AVERAGE STRUCTURE' 
_struct.pdbx_model_details        ? 
_struct.pdbx_CASP_flag            ? 
_struct.pdbx_model_type_details   ? 
# 
_struct_keywords.entry_id        5HCK 
_struct_keywords.pdbx_keywords   TRANSFERASE 
_struct_keywords.text            'SH3, PROTEIN TYROSINE KINASE, SIGNAL TRANSDUCTION, TRANSFERASE' 
# 
_struct_asym.id                            A 
_struct_asym.pdbx_blank_PDB_chainid_flag   Y 
_struct_asym.pdbx_modified                 N 
_struct_asym.entity_id                     1 
_struct_asym.details                       ? 
# 
_struct_ref.id                         1 
_struct_ref.db_name                    UNP 
_struct_ref.db_code                    HCK_HUMAN 
_struct_ref.entity_id                  1 
_struct_ref.pdbx_db_accession          P08631 
_struct_ref.pdbx_align_begin           1 
_struct_ref.pdbx_seq_one_letter_code   
;MGGRSSCEDPGCPRDEERAPRMGSMKSKFLQVGGNTFSKTETSASPHCPVYVPDPTSTIKPGPNSHNSNTPGIREAGSED
IIVVALYDYEAIHHEDLSFQKGDQMVVLEESGEWWKARSLATRKEGYIPSNYVARVDSLETEEWFFKGISRKDAERQLLA
PGNMLGSFMIRDSETTKGSYSLSVRDYDPRQGDTVKHYKIRTLDNGGFYISPRSTFSTLQELVDHYKKGNDGLCQKLSVP
CMSSKPQKPWEKDAWEIPRESLKLEKKLGAGQFGEVWMATYNKHTKVAVKTMKPGSMSVEAFLAEANVMKTLQHDKLVKL
HAVVTKEPIYIITEFMAKGSLLDFLKSDEGSKQPLPKLIDFSAQIAEGMAFIEQRNYIHRDLRAANILVSASLVCKIADF
GLARVIEDNEYTAREGAKFPIKWTAPEAINFGSFTIKSDVWSFGILLMEIVTYGRIPYPGMSNPEVIRALERGYRMPRPE
NCPEELYNIMMRCWKNRPEERPTFEYIQSVLDDFYTATESQYQQQP
;
_struct_ref.pdbx_db_isoform            ? 
# 
_struct_ref_seq.align_id                      1 
_struct_ref_seq.ref_id                        1 
_struct_ref_seq.pdbx_PDB_id_code              5HCK 
_struct_ref_seq.pdbx_strand_id                A 
_struct_ref_seq.seq_align_beg                 1 
_struct_ref_seq.pdbx_seq_align_beg_ins_code   ? 
_struct_ref_seq.seq_align_end                 72 
_struct_ref_seq.pdbx_seq_align_end_ins_code   ? 
_struct_ref_seq.pdbx_db_accession             P08631 
_struct_ref_seq.db_align_beg                  72 
_struct_ref_seq.pdbx_db_align_beg_ins_code    ? 
_struct_ref_seq.db_align_end                  143 
_struct_ref_seq.pdbx_db_align_end_ins_code    ? 
_struct_ref_seq.pdbx_auth_seq_align_beg       72 
_struct_ref_seq.pdbx_auth_seq_align_end       143 
# 
_pdbx_struct_assembly.id                   1 
_pdbx_struct_assembly.details              author_defined_assembly 
_pdbx_struct_assembly.method_details       ? 
_pdbx_struct_assembly.oligomeric_details   monomeric 
_pdbx_struct_assembly.oligomeric_count     1 
# 
_pdbx_struct_assembly_gen.assembly_id       1 
_pdbx_struct_assembly_gen.oper_expression   1 
_pdbx_struct_assembly_gen.asym_id_list      A 
# 
_pdbx_struct_oper_list.id                   1 
_pdbx_struct_oper_list.type                 'identity operation' 
_pdbx_struct_oper_list.name                 1_555 
_pdbx_struct_oper_list.symmetry_operation   x,y,z 
_pdbx_struct_oper_list.matrix[1][1]         1.0000000000 
_pdbx_struct_oper_list.matrix[1][2]         0.0000000000 
_pdbx_struct_oper_list.matrix[1][3]         0.0000000000 
_pdbx_struct_oper_list.vector[1]            0.0000000000 
_pdbx_struct_oper_list.matrix[2][1]         0.0000000000 
_pdbx_struct_oper_list.matrix[2][2]         1.0000000000 
_pdbx_struct_oper_list.matrix[2][3]         0.0000000000 
_pdbx_struct_oper_list.vector[2]            0.0000000000 
_pdbx_struct_oper_list.matrix[3][1]         0.0000000000 
_pdbx_struct_oper_list.matrix[3][2]         0.0000000000 
_pdbx_struct_oper_list.matrix[3][3]         1.0000000000 
_pdbx_struct_oper_list.vector[3]            0.0000000000 
# 
_struct_biol.id        1 
_struct_biol.details   ? 
# 
_struct_conf.conf_type_id            HELX_P 
_struct_conf.id                      HELX_P1 
_struct_conf.pdbx_PDB_helix_id       1 
_struct_conf.beg_label_comp_id       SER 
_struct_conf.beg_label_asym_id       A 
_struct_conf.beg_label_seq_id        59 
_struct_conf.pdbx_beg_PDB_ins_code   ? 
_struct_conf.end_label_comp_id       TYR 
_struct_conf.end_label_asym_id       A 
_struct_conf.end_label_seq_id        61 
_struct_conf.pdbx_end_PDB_ins_code   ? 
_struct_conf.beg_auth_comp_id        SER 
_struct_conf.beg_auth_asym_id        A 
_struct_conf.beg_auth_seq_id         130 
_struct_conf.end_auth_comp_id        TYR 
_struct_conf.end_auth_asym_id        A 
_struct_conf.end_auth_seq_id         132 
_struct_conf.pdbx_PDB_helix_class    5 
_struct_conf.details                 ? 
_struct_conf.pdbx_PDB_helix_length   3 
# 
_struct_conf_type.id          HELX_P 
_struct_conf_type.criteria    ? 
_struct_conf_type.reference   ? 
# 
loop_
_struct_sheet.id 
_struct_sheet.type 
_struct_sheet.number_strands 
_struct_sheet.details 
A ? 3 ? 
B ? 2 ? 
# 
loop_
_struct_sheet_order.sheet_id 
_struct_sheet_order.range_id_1 
_struct_sheet_order.range_id_2 
_struct_sheet_order.offset 
_struct_sheet_order.sense 
A 1 2 ? anti-parallel 
A 2 3 ? anti-parallel 
B 1 2 ? anti-parallel 
# 
loop_
_struct_sheet_range.sheet_id 
_struct_sheet_range.id 
_struct_sheet_range.beg_label_comp_id 
_struct_sheet_range.beg_label_asym_id 
_struct_sheet_range.beg_label_seq_id 
_struct_sheet_range.pdbx_beg_PDB_ins_code 
_struct_sheet_range.end_label_comp_id 
_struct_sheet_range.end_label_asym_id 
_struct_sheet_range.end_label_seq_id 
_struct_sheet_range.pdbx_end_PDB_ins_code 
_struct_sheet_range.beg_auth_comp_id 
_struct_sheet_range.beg_auth_asym_id 
_struct_sheet_range.beg_auth_seq_id 
_struct_sheet_range.end_auth_comp_id 
_struct_sheet_range.end_auth_asym_id 
_struct_sheet_range.end_auth_seq_id 
A 1 ASP A 32 ? GLU A 38 ? ASP A 103 GLU A 109 
A 2 ILE A 11 ? ALA A 14 ? ILE A 82  ALA A 85  
A 3 VAL A 62 ? VAL A 65 ? VAL A 133 VAL A 136 
B 1 TRP A 43 ? SER A 48 ? TRP A 114 SER A 119 
B 2 LYS A 53 ? PRO A 58 ? LYS A 124 PRO A 129 
# 
loop_
_pdbx_struct_sheet_hbond.sheet_id 
_pdbx_struct_sheet_hbond.range_id_1 
_pdbx_struct_sheet_hbond.range_id_2 
_pdbx_struct_sheet_hbond.range_1_label_atom_id 
_pdbx_struct_sheet_hbond.range_1_label_comp_id 
_pdbx_struct_sheet_hbond.range_1_label_asym_id 
_pdbx_struct_sheet_hbond.range_1_label_seq_id 
_pdbx_struct_sheet_hbond.range_1_PDB_ins_code 
_pdbx_struct_sheet_hbond.range_1_auth_atom_id 
_pdbx_struct_sheet_hbond.range_1_auth_comp_id 
_pdbx_struct_sheet_hbond.range_1_auth_asym_id 
_pdbx_struct_sheet_hbond.range_1_auth_seq_id 
_pdbx_struct_sheet_hbond.range_2_label_atom_id 
_pdbx_struct_sheet_hbond.range_2_label_comp_id 
_pdbx_struct_sheet_hbond.range_2_label_asym_id 
_pdbx_struct_sheet_hbond.range_2_label_seq_id 
_pdbx_struct_sheet_hbond.range_2_PDB_ins_code 
_pdbx_struct_sheet_hbond.range_2_auth_atom_id 
_pdbx_struct_sheet_hbond.range_2_auth_comp_id 
_pdbx_struct_sheet_hbond.range_2_auth_asym_id 
_pdbx_struct_sheet_hbond.range_2_auth_seq_id 
A 1 2 O MET A 34 ? O MET A 105 N VAL A 12 ? N VAL A 83  
A 2 3 O ILE A 11 ? O ILE A 82  N VAL A 65 ? N VAL A 136 
B 1 2 O TRP A 44 ? O TRP A 115 N ILE A 57 ? N ILE A 128 
# 
loop_
_pdbx_validate_torsion.id 
_pdbx_validate_torsion.PDB_model_num 
_pdbx_validate_torsion.auth_comp_id 
_pdbx_validate_torsion.auth_asym_id 
_pdbx_validate_torsion.auth_seq_id 
_pdbx_validate_torsion.PDB_ins_code 
_pdbx_validate_torsion.label_alt_id 
_pdbx_validate_torsion.phi 
_pdbx_validate_torsion.psi 
1 1 ILE A 92  ? ? -140.82 -57.16  
2 1 HIS A 93  ? ? -79.11  -167.58 
3 1 HIS A 94  ? ? -66.55  -77.09  
4 1 SER A 111 ? ? -110.00 -73.42  
5 1 THR A 122 ? ? -140.49 12.99   
6 1 ASP A 137 ? ? -113.64 68.49   
# 
_pdbx_nmr_ensemble.entry_id                                      5HCK 
_pdbx_nmr_ensemble.conformers_calculated_total_number            50 
_pdbx_nmr_ensemble.conformers_submitted_total_number             1 
_pdbx_nmr_ensemble.conformer_selection_criteria                  'MINIMIZED AVERAGE STRUCTURE' 
_pdbx_nmr_ensemble.average_constraints_per_residue               ? 
_pdbx_nmr_ensemble.average_constraint_violations_per_residue     ? 
_pdbx_nmr_ensemble.maximum_distance_constraint_violation         ? 
_pdbx_nmr_ensemble.average_distance_constraint_violation         ? 
_pdbx_nmr_ensemble.maximum_upper_distance_constraint_violation   ? 
_pdbx_nmr_ensemble.maximum_lower_distance_constraint_violation   ? 
_pdbx_nmr_ensemble.distance_constraint_violation_method          ? 
_pdbx_nmr_ensemble.maximum_torsion_angle_constraint_violation    ? 
_pdbx_nmr_ensemble.average_torsion_angle_constraint_violation    ? 
_pdbx_nmr_ensemble.torsion_angle_constraint_violation_method     ? 
# 
_pdbx_nmr_exptl_sample_conditions.conditions_id       1 
_pdbx_nmr_exptl_sample_conditions.temperature         298 
_pdbx_nmr_exptl_sample_conditions.pressure            ? 
_pdbx_nmr_exptl_sample_conditions.pH                  6.25 
_pdbx_nmr_exptl_sample_conditions.ionic_strength      ? 
_pdbx_nmr_exptl_sample_conditions.pressure_units      . 
_pdbx_nmr_exptl_sample_conditions.temperature_units   K 
# 
_pdbx_nmr_exptl.experiment_id   1 
_pdbx_nmr_exptl.conditions_id   1 
_pdbx_nmr_exptl.type            'SEE JRNL ARTICLE' 
_pdbx_nmr_exptl.solution_id     1 
# 
_pdbx_nmr_refine.entry_id           5HCK 
_pdbx_nmr_refine.method             'DG, SA' 
_pdbx_nmr_refine.details            
'PRESENTED ENSEMBLE WAS CALCULATED USING NOE/DIHEDRAL AND 1H AND 13C CHEMICAL SHIFT RESTRAINTS.' 
_pdbx_nmr_refine.software_ordinal   1 
# 
loop_
_pdbx_nmr_software.classification 
_pdbx_nmr_software.name 
_pdbx_nmr_software.version 
_pdbx_nmr_software.authors 
_pdbx_nmr_software.ordinal 
refinement           X-PLOR 3.851 BRUNGER 1 
'structure solution' X-PLOR ?     ?       2 
# 
loop_
_pdbx_unobs_or_zero_occ_residues.id 
_pdbx_unobs_or_zero_occ_residues.PDB_model_num 
_pdbx_unobs_or_zero_occ_residues.polymer_flag 
_pdbx_unobs_or_zero_occ_residues.occupancy_flag 
_pdbx_unobs_or_zero_occ_residues.auth_asym_id 
_pdbx_unobs_or_zero_occ_residues.auth_comp_id 
_pdbx_unobs_or_zero_occ_residues.auth_seq_id 
_pdbx_unobs_or_zero_occ_residues.PDB_ins_code 
_pdbx_unobs_or_zero_occ_residues.label_asym_id 
_pdbx_unobs_or_zero_occ_residues.label_comp_id 
_pdbx_unobs_or_zero_occ_residues.label_seq_id 
1  1 Y 1 A GLY 72  ? A GLY 1  
2  1 Y 1 A ILE 73  ? A ILE 2  
3  1 Y 1 A ARG 74  ? A ARG 3  
4  1 Y 1 A GLU 75  ? A GLU 4  
5  1 Y 1 A ALA 76  ? A ALA 5  
6  1 Y 1 A GLY 77  ? A GLY 6  
7  1 Y 1 A LEU 139 ? A LEU 68 
8  1 Y 1 A GLU 140 ? A GLU 69 
9  1 Y 1 A THR 141 ? A THR 70 
10 1 Y 1 A GLU 142 ? A GLU 71 
11 1 Y 1 A GLU 143 ? A GLU 72 
# 
loop_
_chem_comp_atom.comp_id 
_chem_comp_atom.atom_id 
_chem_comp_atom.type_symbol 
_chem_comp_atom.pdbx_aromatic_flag 
_chem_comp_atom.pdbx_stereo_config 
_chem_comp_atom.pdbx_ordinal 
ALA N    N N N 1   
ALA CA   C N S 2   
ALA C    C N N 3   
ALA O    O N N 4   
ALA CB   C N N 5   
ALA OXT  O N N 6   
ALA H    H N N 7   
ALA H2   H N N 8   
ALA HA   H N N 9   
ALA HB1  H N N 10  
ALA HB2  H N N 11  
ALA HB3  H N N 12  
ALA HXT  H N N 13  
ARG N    N N N 14  
ARG CA   C N S 15  
ARG C    C N N 16  
ARG O    O N N 17  
ARG CB   C N N 18  
ARG CG   C N N 19  
ARG CD   C N N 20  
ARG NE   N N N 21  
ARG CZ   C N N 22  
ARG NH1  N N N 23  
ARG NH2  N N N 24  
ARG OXT  O N N 25  
ARG H    H N N 26  
ARG H2   H N N 27  
ARG HA   H N N 28  
ARG HB2  H N N 29  
ARG HB3  H N N 30  
ARG HG2  H N N 31  
ARG HG3  H N N 32  
ARG HD2  H N N 33  
ARG HD3  H N N 34  
ARG HE   H N N 35  
ARG HH11 H N N 36  
ARG HH12 H N N 37  
ARG HH21 H N N 38  
ARG HH22 H N N 39  
ARG HXT  H N N 40  
ASN N    N N N 41  
ASN CA   C N S 42  
ASN C    C N N 43  
ASN O    O N N 44  
ASN CB   C N N 45  
ASN CG   C N N 46  
ASN OD1  O N N 47  
ASN ND2  N N N 48  
ASN OXT  O N N 49  
ASN H    H N N 50  
ASN H2   H N N 51  
ASN HA   H N N 52  
ASN HB2  H N N 53  
ASN HB3  H N N 54  
ASN HD21 H N N 55  
ASN HD22 H N N 56  
ASN HXT  H N N 57  
ASP N    N N N 58  
ASP CA   C N S 59  
ASP C    C N N 60  
ASP O    O N N 61  
ASP CB   C N N 62  
ASP CG   C N N 63  
ASP OD1  O N N 64  
ASP OD2  O N N 65  
ASP OXT  O N N 66  
ASP H    H N N 67  
ASP H2   H N N 68  
ASP HA   H N N 69  
ASP HB2  H N N 70  
ASP HB3  H N N 71  
ASP HD2  H N N 72  
ASP HXT  H N N 73  
GLN N    N N N 74  
GLN CA   C N S 75  
GLN C    C N N 76  
GLN O    O N N 77  
GLN CB   C N N 78  
GLN CG   C N N 79  
GLN CD   C N N 80  
GLN OE1  O N N 81  
GLN NE2  N N N 82  
GLN OXT  O N N 83  
GLN H    H N N 84  
GLN H2   H N N 85  
GLN HA   H N N 86  
GLN HB2  H N N 87  
GLN HB3  H N N 88  
GLN HG2  H N N 89  
GLN HG3  H N N 90  
GLN HE21 H N N 91  
GLN HE22 H N N 92  
GLN HXT  H N N 93  
GLU N    N N N 94  
GLU CA   C N S 95  
GLU C    C N N 96  
GLU O    O N N 97  
GLU CB   C N N 98  
GLU CG   C N N 99  
GLU CD   C N N 100 
GLU OE1  O N N 101 
GLU OE2  O N N 102 
GLU OXT  O N N 103 
GLU H    H N N 104 
GLU H2   H N N 105 
GLU HA   H N N 106 
GLU HB2  H N N 107 
GLU HB3  H N N 108 
GLU HG2  H N N 109 
GLU HG3  H N N 110 
GLU HE2  H N N 111 
GLU HXT  H N N 112 
GLY N    N N N 113 
GLY CA   C N N 114 
GLY C    C N N 115 
GLY O    O N N 116 
GLY OXT  O N N 117 
GLY H    H N N 118 
GLY H2   H N N 119 
GLY HA2  H N N 120 
GLY HA3  H N N 121 
GLY HXT  H N N 122 
HIS N    N N N 123 
HIS CA   C N S 124 
HIS C    C N N 125 
HIS O    O N N 126 
HIS CB   C N N 127 
HIS CG   C Y N 128 
HIS ND1  N Y N 129 
HIS CD2  C Y N 130 
HIS CE1  C Y N 131 
HIS NE2  N Y N 132 
HIS OXT  O N N 133 
HIS H    H N N 134 
HIS H2   H N N 135 
HIS HA   H N N 136 
HIS HB2  H N N 137 
HIS HB3  H N N 138 
HIS HD1  H N N 139 
HIS HD2  H N N 140 
HIS HE1  H N N 141 
HIS HE2  H N N 142 
HIS HXT  H N N 143 
ILE N    N N N 144 
ILE CA   C N S 145 
ILE C    C N N 146 
ILE O    O N N 147 
ILE CB   C N S 148 
ILE CG1  C N N 149 
ILE CG2  C N N 150 
ILE CD1  C N N 151 
ILE OXT  O N N 152 
ILE H    H N N 153 
ILE H2   H N N 154 
ILE HA   H N N 155 
ILE HB   H N N 156 
ILE HG12 H N N 157 
ILE HG13 H N N 158 
ILE HG21 H N N 159 
ILE HG22 H N N 160 
ILE HG23 H N N 161 
ILE HD11 H N N 162 
ILE HD12 H N N 163 
ILE HD13 H N N 164 
ILE HXT  H N N 165 
LEU N    N N N 166 
LEU CA   C N S 167 
LEU C    C N N 168 
LEU O    O N N 169 
LEU CB   C N N 170 
LEU CG   C N N 171 
LEU CD1  C N N 172 
LEU CD2  C N N 173 
LEU OXT  O N N 174 
LEU H    H N N 175 
LEU H2   H N N 176 
LEU HA   H N N 177 
LEU HB2  H N N 178 
LEU HB3  H N N 179 
LEU HG   H N N 180 
LEU HD11 H N N 181 
LEU HD12 H N N 182 
LEU HD13 H N N 183 
LEU HD21 H N N 184 
LEU HD22 H N N 185 
LEU HD23 H N N 186 
LEU HXT  H N N 187 
LYS N    N N N 188 
LYS CA   C N S 189 
LYS C    C N N 190 
LYS O    O N N 191 
LYS CB   C N N 192 
LYS CG   C N N 193 
LYS CD   C N N 194 
LYS CE   C N N 195 
LYS NZ   N N N 196 
LYS OXT  O N N 197 
LYS H    H N N 198 
LYS H2   H N N 199 
LYS HA   H N N 200 
LYS HB2  H N N 201 
LYS HB3  H N N 202 
LYS HG2  H N N 203 
LYS HG3  H N N 204 
LYS HD2  H N N 205 
LYS HD3  H N N 206 
LYS HE2  H N N 207 
LYS HE3  H N N 208 
LYS HZ1  H N N 209 
LYS HZ2  H N N 210 
LYS HZ3  H N N 211 
LYS HXT  H N N 212 
MET N    N N N 213 
MET CA   C N S 214 
MET C    C N N 215 
MET O    O N N 216 
MET CB   C N N 217 
MET CG   C N N 218 
MET SD   S N N 219 
MET CE   C N N 220 
MET OXT  O N N 221 
MET H    H N N 222 
MET H2   H N N 223 
MET HA   H N N 224 
MET HB2  H N N 225 
MET HB3  H N N 226 
MET HG2  H N N 227 
MET HG3  H N N 228 
MET HE1  H N N 229 
MET HE2  H N N 230 
MET HE3  H N N 231 
MET HXT  H N N 232 
PHE N    N N N 233 
PHE CA   C N S 234 
PHE C    C N N 235 
PHE O    O N N 236 
PHE CB   C N N 237 
PHE CG   C Y N 238 
PHE CD1  C Y N 239 
PHE CD2  C Y N 240 
PHE CE1  C Y N 241 
PHE CE2  C Y N 242 
PHE CZ   C Y N 243 
PHE OXT  O N N 244 
PHE H    H N N 245 
PHE H2   H N N 246 
PHE HA   H N N 247 
PHE HB2  H N N 248 
PHE HB3  H N N 249 
PHE HD1  H N N 250 
PHE HD2  H N N 251 
PHE HE1  H N N 252 
PHE HE2  H N N 253 
PHE HZ   H N N 254 
PHE HXT  H N N 255 
PRO N    N N N 256 
PRO CA   C N S 257 
PRO C    C N N 258 
PRO O    O N N 259 
PRO CB   C N N 260 
PRO CG   C N N 261 
PRO CD   C N N 262 
PRO OXT  O N N 263 
PRO H    H N N 264 
PRO HA   H N N 265 
PRO HB2  H N N 266 
PRO HB3  H N N 267 
PRO HG2  H N N 268 
PRO HG3  H N N 269 
PRO HD2  H N N 270 
PRO HD3  H N N 271 
PRO HXT  H N N 272 
SER N    N N N 273 
SER CA   C N S 274 
SER C    C N N 275 
SER O    O N N 276 
SER CB   C N N 277 
SER OG   O N N 278 
SER OXT  O N N 279 
SER H    H N N 280 
SER H2   H N N 281 
SER HA   H N N 282 
SER HB2  H N N 283 
SER HB3  H N N 284 
SER HG   H N N 285 
SER HXT  H N N 286 
THR N    N N N 287 
THR CA   C N S 288 
THR C    C N N 289 
THR O    O N N 290 
THR CB   C N R 291 
THR OG1  O N N 292 
THR CG2  C N N 293 
THR OXT  O N N 294 
THR H    H N N 295 
THR H2   H N N 296 
THR HA   H N N 297 
THR HB   H N N 298 
THR HG1  H N N 299 
THR HG21 H N N 300 
THR HG22 H N N 301 
THR HG23 H N N 302 
THR HXT  H N N 303 
TRP N    N N N 304 
TRP CA   C N S 305 
TRP C    C N N 306 
TRP O    O N N 307 
TRP CB   C N N 308 
TRP CG   C Y N 309 
TRP CD1  C Y N 310 
TRP CD2  C Y N 311 
TRP NE1  N Y N 312 
TRP CE2  C Y N 313 
TRP CE3  C Y N 314 
TRP CZ2  C Y N 315 
TRP CZ3  C Y N 316 
TRP CH2  C Y N 317 
TRP OXT  O N N 318 
TRP H    H N N 319 
TRP H2   H N N 320 
TRP HA   H N N 321 
TRP HB2  H N N 322 
TRP HB3  H N N 323 
TRP HD1  H N N 324 
TRP HE1  H N N 325 
TRP HE3  H N N 326 
TRP HZ2  H N N 327 
TRP HZ3  H N N 328 
TRP HH2  H N N 329 
TRP HXT  H N N 330 
TYR N    N N N 331 
TYR CA   C N S 332 
TYR C    C N N 333 
TYR O    O N N 334 
TYR CB   C N N 335 
TYR CG   C Y N 336 
TYR CD1  C Y N 337 
TYR CD2  C Y N 338 
TYR CE1  C Y N 339 
TYR CE2  C Y N 340 
TYR CZ   C Y N 341 
TYR OH   O N N 342 
TYR OXT  O N N 343 
TYR H    H N N 344 
TYR H2   H N N 345 
TYR HA   H N N 346 
TYR HB2  H N N 347 
TYR HB3  H N N 348 
TYR HD1  H N N 349 
TYR HD2  H N N 350 
TYR HE1  H N N 351 
TYR HE2  H N N 352 
TYR HH   H N N 353 
TYR HXT  H N N 354 
VAL N    N N N 355 
VAL CA   C N S 356 
VAL C    C N N 357 
VAL O    O N N 358 
VAL CB   C N N 359 
VAL CG1  C N N 360 
VAL CG2  C N N 361 
VAL OXT  O N N 362 
VAL H    H N N 363 
VAL H2   H N N 364 
VAL HA   H N N 365 
VAL HB   H N N 366 
VAL HG11 H N N 367 
VAL HG12 H N N 368 
VAL HG13 H N N 369 
VAL HG21 H N N 370 
VAL HG22 H N N 371 
VAL HG23 H N N 372 
VAL HXT  H N N 373 
# 
loop_
_chem_comp_bond.comp_id 
_chem_comp_bond.atom_id_1 
_chem_comp_bond.atom_id_2 
_chem_comp_bond.value_order 
_chem_comp_bond.pdbx_aromatic_flag 
_chem_comp_bond.pdbx_stereo_config 
_chem_comp_bond.pdbx_ordinal 
ALA N   CA   sing N N 1   
ALA N   H    sing N N 2   
ALA N   H2   sing N N 3   
ALA CA  C    sing N N 4   
ALA CA  CB   sing N N 5   
ALA CA  HA   sing N N 6   
ALA C   O    doub N N 7   
ALA C   OXT  sing N N 8   
ALA CB  HB1  sing N N 9   
ALA CB  HB2  sing N N 10  
ALA CB  HB3  sing N N 11  
ALA OXT HXT  sing N N 12  
ARG N   CA   sing N N 13  
ARG N   H    sing N N 14  
ARG N   H2   sing N N 15  
ARG CA  C    sing N N 16  
ARG CA  CB   sing N N 17  
ARG CA  HA   sing N N 18  
ARG C   O    doub N N 19  
ARG C   OXT  sing N N 20  
ARG CB  CG   sing N N 21  
ARG CB  HB2  sing N N 22  
ARG CB  HB3  sing N N 23  
ARG CG  CD   sing N N 24  
ARG CG  HG2  sing N N 25  
ARG CG  HG3  sing N N 26  
ARG CD  NE   sing N N 27  
ARG CD  HD2  sing N N 28  
ARG CD  HD3  sing N N 29  
ARG NE  CZ   sing N N 30  
ARG NE  HE   sing N N 31  
ARG CZ  NH1  sing N N 32  
ARG CZ  NH2  doub N N 33  
ARG NH1 HH11 sing N N 34  
ARG NH1 HH12 sing N N 35  
ARG NH2 HH21 sing N N 36  
ARG NH2 HH22 sing N N 37  
ARG OXT HXT  sing N N 38  
ASN N   CA   sing N N 39  
ASN N   H    sing N N 40  
ASN N   H2   sing N N 41  
ASN CA  C    sing N N 42  
ASN CA  CB   sing N N 43  
ASN CA  HA   sing N N 44  
ASN C   O    doub N N 45  
ASN C   OXT  sing N N 46  
ASN CB  CG   sing N N 47  
ASN CB  HB2  sing N N 48  
ASN CB  HB3  sing N N 49  
ASN CG  OD1  doub N N 50  
ASN CG  ND2  sing N N 51  
ASN ND2 HD21 sing N N 52  
ASN ND2 HD22 sing N N 53  
ASN OXT HXT  sing N N 54  
ASP N   CA   sing N N 55  
ASP N   H    sing N N 56  
ASP N   H2   sing N N 57  
ASP CA  C    sing N N 58  
ASP CA  CB   sing N N 59  
ASP CA  HA   sing N N 60  
ASP C   O    doub N N 61  
ASP C   OXT  sing N N 62  
ASP CB  CG   sing N N 63  
ASP CB  HB2  sing N N 64  
ASP CB  HB3  sing N N 65  
ASP CG  OD1  doub N N 66  
ASP CG  OD2  sing N N 67  
ASP OD2 HD2  sing N N 68  
ASP OXT HXT  sing N N 69  
GLN N   CA   sing N N 70  
GLN N   H    sing N N 71  
GLN N   H2   sing N N 72  
GLN CA  C    sing N N 73  
GLN CA  CB   sing N N 74  
GLN CA  HA   sing N N 75  
GLN C   O    doub N N 76  
GLN C   OXT  sing N N 77  
GLN CB  CG   sing N N 78  
GLN CB  HB2  sing N N 79  
GLN CB  HB3  sing N N 80  
GLN CG  CD   sing N N 81  
GLN CG  HG2  sing N N 82  
GLN CG  HG3  sing N N 83  
GLN CD  OE1  doub N N 84  
GLN CD  NE2  sing N N 85  
GLN NE2 HE21 sing N N 86  
GLN NE2 HE22 sing N N 87  
GLN OXT HXT  sing N N 88  
GLU N   CA   sing N N 89  
GLU N   H    sing N N 90  
GLU N   H2   sing N N 91  
GLU CA  C    sing N N 92  
GLU CA  CB   sing N N 93  
GLU CA  HA   sing N N 94  
GLU C   O    doub N N 95  
GLU C   OXT  sing N N 96  
GLU CB  CG   sing N N 97  
GLU CB  HB2  sing N N 98  
GLU CB  HB3  sing N N 99  
GLU CG  CD   sing N N 100 
GLU CG  HG2  sing N N 101 
GLU CG  HG3  sing N N 102 
GLU CD  OE1  doub N N 103 
GLU CD  OE2  sing N N 104 
GLU OE2 HE2  sing N N 105 
GLU OXT HXT  sing N N 106 
GLY N   CA   sing N N 107 
GLY N   H    sing N N 108 
GLY N   H2   sing N N 109 
GLY CA  C    sing N N 110 
GLY CA  HA2  sing N N 111 
GLY CA  HA3  sing N N 112 
GLY C   O    doub N N 113 
GLY C   OXT  sing N N 114 
GLY OXT HXT  sing N N 115 
HIS N   CA   sing N N 116 
HIS N   H    sing N N 117 
HIS N   H2   sing N N 118 
HIS CA  C    sing N N 119 
HIS CA  CB   sing N N 120 
HIS CA  HA   sing N N 121 
HIS C   O    doub N N 122 
HIS C   OXT  sing N N 123 
HIS CB  CG   sing N N 124 
HIS CB  HB2  sing N N 125 
HIS CB  HB3  sing N N 126 
HIS CG  ND1  sing Y N 127 
HIS CG  CD2  doub Y N 128 
HIS ND1 CE1  doub Y N 129 
HIS ND1 HD1  sing N N 130 
HIS CD2 NE2  sing Y N 131 
HIS CD2 HD2  sing N N 132 
HIS CE1 NE2  sing Y N 133 
HIS CE1 HE1  sing N N 134 
HIS NE2 HE2  sing N N 135 
HIS OXT HXT  sing N N 136 
ILE N   CA   sing N N 137 
ILE N   H    sing N N 138 
ILE N   H2   sing N N 139 
ILE CA  C    sing N N 140 
ILE CA  CB   sing N N 141 
ILE CA  HA   sing N N 142 
ILE C   O    doub N N 143 
ILE C   OXT  sing N N 144 
ILE CB  CG1  sing N N 145 
ILE CB  CG2  sing N N 146 
ILE CB  HB   sing N N 147 
ILE CG1 CD1  sing N N 148 
ILE CG1 HG12 sing N N 149 
ILE CG1 HG13 sing N N 150 
ILE CG2 HG21 sing N N 151 
ILE CG2 HG22 sing N N 152 
ILE CG2 HG23 sing N N 153 
ILE CD1 HD11 sing N N 154 
ILE CD1 HD12 sing N N 155 
ILE CD1 HD13 sing N N 156 
ILE OXT HXT  sing N N 157 
LEU N   CA   sing N N 158 
LEU N   H    sing N N 159 
LEU N   H2   sing N N 160 
LEU CA  C    sing N N 161 
LEU CA  CB   sing N N 162 
LEU CA  HA   sing N N 163 
LEU C   O    doub N N 164 
LEU C   OXT  sing N N 165 
LEU CB  CG   sing N N 166 
LEU CB  HB2  sing N N 167 
LEU CB  HB3  sing N N 168 
LEU CG  CD1  sing N N 169 
LEU CG  CD2  sing N N 170 
LEU CG  HG   sing N N 171 
LEU CD1 HD11 sing N N 172 
LEU CD1 HD12 sing N N 173 
LEU CD1 HD13 sing N N 174 
LEU CD2 HD21 sing N N 175 
LEU CD2 HD22 sing N N 176 
LEU CD2 HD23 sing N N 177 
LEU OXT HXT  sing N N 178 
LYS N   CA   sing N N 179 
LYS N   H    sing N N 180 
LYS N   H2   sing N N 181 
LYS CA  C    sing N N 182 
LYS CA  CB   sing N N 183 
LYS CA  HA   sing N N 184 
LYS C   O    doub N N 185 
LYS C   OXT  sing N N 186 
LYS CB  CG   sing N N 187 
LYS CB  HB2  sing N N 188 
LYS CB  HB3  sing N N 189 
LYS CG  CD   sing N N 190 
LYS CG  HG2  sing N N 191 
LYS CG  HG3  sing N N 192 
LYS CD  CE   sing N N 193 
LYS CD  HD2  sing N N 194 
LYS CD  HD3  sing N N 195 
LYS CE  NZ   sing N N 196 
LYS CE  HE2  sing N N 197 
LYS CE  HE3  sing N N 198 
LYS NZ  HZ1  sing N N 199 
LYS NZ  HZ2  sing N N 200 
LYS NZ  HZ3  sing N N 201 
LYS OXT HXT  sing N N 202 
MET N   CA   sing N N 203 
MET N   H    sing N N 204 
MET N   H2   sing N N 205 
MET CA  C    sing N N 206 
MET CA  CB   sing N N 207 
MET CA  HA   sing N N 208 
MET C   O    doub N N 209 
MET C   OXT  sing N N 210 
MET CB  CG   sing N N 211 
MET CB  HB2  sing N N 212 
MET CB  HB3  sing N N 213 
MET CG  SD   sing N N 214 
MET CG  HG2  sing N N 215 
MET CG  HG3  sing N N 216 
MET SD  CE   sing N N 217 
MET CE  HE1  sing N N 218 
MET CE  HE2  sing N N 219 
MET CE  HE3  sing N N 220 
MET OXT HXT  sing N N 221 
PHE N   CA   sing N N 222 
PHE N   H    sing N N 223 
PHE N   H2   sing N N 224 
PHE CA  C    sing N N 225 
PHE CA  CB   sing N N 226 
PHE CA  HA   sing N N 227 
PHE C   O    doub N N 228 
PHE C   OXT  sing N N 229 
PHE CB  CG   sing N N 230 
PHE CB  HB2  sing N N 231 
PHE CB  HB3  sing N N 232 
PHE CG  CD1  doub Y N 233 
PHE CG  CD2  sing Y N 234 
PHE CD1 CE1  sing Y N 235 
PHE CD1 HD1  sing N N 236 
PHE CD2 CE2  doub Y N 237 
PHE CD2 HD2  sing N N 238 
PHE CE1 CZ   doub Y N 239 
PHE CE1 HE1  sing N N 240 
PHE CE2 CZ   sing Y N 241 
PHE CE2 HE2  sing N N 242 
PHE CZ  HZ   sing N N 243 
PHE OXT HXT  sing N N 244 
PRO N   CA   sing N N 245 
PRO N   CD   sing N N 246 
PRO N   H    sing N N 247 
PRO CA  C    sing N N 248 
PRO CA  CB   sing N N 249 
PRO CA  HA   sing N N 250 
PRO C   O    doub N N 251 
PRO C   OXT  sing N N 252 
PRO CB  CG   sing N N 253 
PRO CB  HB2  sing N N 254 
PRO CB  HB3  sing N N 255 
PRO CG  CD   sing N N 256 
PRO CG  HG2  sing N N 257 
PRO CG  HG3  sing N N 258 
PRO CD  HD2  sing N N 259 
PRO CD  HD3  sing N N 260 
PRO OXT HXT  sing N N 261 
SER N   CA   sing N N 262 
SER N   H    sing N N 263 
SER N   H2   sing N N 264 
SER CA  C    sing N N 265 
SER CA  CB   sing N N 266 
SER CA  HA   sing N N 267 
SER C   O    doub N N 268 
SER C   OXT  sing N N 269 
SER CB  OG   sing N N 270 
SER CB  HB2  sing N N 271 
SER CB  HB3  sing N N 272 
SER OG  HG   sing N N 273 
SER OXT HXT  sing N N 274 
THR N   CA   sing N N 275 
THR N   H    sing N N 276 
THR N   H2   sing N N 277 
THR CA  C    sing N N 278 
THR CA  CB   sing N N 279 
THR CA  HA   sing N N 280 
THR C   O    doub N N 281 
THR C   OXT  sing N N 282 
THR CB  OG1  sing N N 283 
THR CB  CG2  sing N N 284 
THR CB  HB   sing N N 285 
THR OG1 HG1  sing N N 286 
THR CG2 HG21 sing N N 287 
THR CG2 HG22 sing N N 288 
THR CG2 HG23 sing N N 289 
THR OXT HXT  sing N N 290 
TRP N   CA   sing N N 291 
TRP N   H    sing N N 292 
TRP N   H2   sing N N 293 
TRP CA  C    sing N N 294 
TRP CA  CB   sing N N 295 
TRP CA  HA   sing N N 296 
TRP C   O    doub N N 297 
TRP C   OXT  sing N N 298 
TRP CB  CG   sing N N 299 
TRP CB  HB2  sing N N 300 
TRP CB  HB3  sing N N 301 
TRP CG  CD1  doub Y N 302 
TRP CG  CD2  sing Y N 303 
TRP CD1 NE1  sing Y N 304 
TRP CD1 HD1  sing N N 305 
TRP CD2 CE2  doub Y N 306 
TRP CD2 CE3  sing Y N 307 
TRP NE1 CE2  sing Y N 308 
TRP NE1 HE1  sing N N 309 
TRP CE2 CZ2  sing Y N 310 
TRP CE3 CZ3  doub Y N 311 
TRP CE3 HE3  sing N N 312 
TRP CZ2 CH2  doub Y N 313 
TRP CZ2 HZ2  sing N N 314 
TRP CZ3 CH2  sing Y N 315 
TRP CZ3 HZ3  sing N N 316 
TRP CH2 HH2  sing N N 317 
TRP OXT HXT  sing N N 318 
TYR N   CA   sing N N 319 
TYR N   H    sing N N 320 
TYR N   H2   sing N N 321 
TYR CA  C    sing N N 322 
TYR CA  CB   sing N N 323 
TYR CA  HA   sing N N 324 
TYR C   O    doub N N 325 
TYR C   OXT  sing N N 326 
TYR CB  CG   sing N N 327 
TYR CB  HB2  sing N N 328 
TYR CB  HB3  sing N N 329 
TYR CG  CD1  doub Y N 330 
TYR CG  CD2  sing Y N 331 
TYR CD1 CE1  sing Y N 332 
TYR CD1 HD1  sing N N 333 
TYR CD2 CE2  doub Y N 334 
TYR CD2 HD2  sing N N 335 
TYR CE1 CZ   doub Y N 336 
TYR CE1 HE1  sing N N 337 
TYR CE2 CZ   sing Y N 338 
TYR CE2 HE2  sing N N 339 
TYR CZ  OH   sing N N 340 
TYR OH  HH   sing N N 341 
TYR OXT HXT  sing N N 342 
VAL N   CA   sing N N 343 
VAL N   H    sing N N 344 
VAL N   H2   sing N N 345 
VAL CA  C    sing N N 346 
VAL CA  CB   sing N N 347 
VAL CA  HA   sing N N 348 
VAL C   O    doub N N 349 
VAL C   OXT  sing N N 350 
VAL CB  CG1  sing N N 351 
VAL CB  CG2  sing N N 352 
VAL CB  HB   sing N N 353 
VAL CG1 HG11 sing N N 354 
VAL CG1 HG12 sing N N 355 
VAL CG1 HG13 sing N N 356 
VAL CG2 HG21 sing N N 357 
VAL CG2 HG22 sing N N 358 
VAL CG2 HG23 sing N N 359 
VAL OXT HXT  sing N N 360 
# 
loop_
_pdbx_nmr_spectrometer.spectrometer_id 
_pdbx_nmr_spectrometer.model 
_pdbx_nmr_spectrometer.manufacturer 
_pdbx_nmr_spectrometer.field_strength 
_pdbx_nmr_spectrometer.type 
1 UNITYPLUS Varian 500 ? 
2 UNITYPLUS Varian 600 ? 
# 
_atom_sites.entry_id                    5HCK 
_atom_sites.fract_transf_matrix[1][1]   1.000000 
_atom_sites.fract_transf_matrix[1][2]   0.000000 
_atom_sites.fract_transf_matrix[1][3]   0.000000 
_atom_sites.fract_transf_matrix[2][1]   0.000000 
_atom_sites.fract_transf_matrix[2][2]   1.000000 
_atom_sites.fract_transf_matrix[2][3]   0.000000 
_atom_sites.fract_transf_matrix[3][1]   0.000000 
_atom_sites.fract_transf_matrix[3][2]   0.000000 
_atom_sites.fract_transf_matrix[3][3]   1.000000 
_atom_sites.fract_transf_vector[1]      0.00000 
_atom_sites.fract_transf_vector[2]      0.00000 
_atom_sites.fract_transf_vector[3]      0.00000 
# 
loop_
_atom_type.symbol 
C 
H 
N 
O 
S 
# 
loop_
_atom_site.group_PDB 
_atom_site.id 
_atom_site.type_symbol 
_atom_site.label_atom_id 
_atom_site.label_alt_id 
_atom_site.label_comp_id 
_atom_site.label_asym_id 
_atom_site.label_entity_id 
_atom_site.label_seq_id 
_atom_site.pdbx_PDB_ins_code 
_atom_site.Cartn_x 
_atom_site.Cartn_y 
_atom_site.Cartn_z 
_atom_site.occupancy 
_atom_site.B_iso_or_equiv 
_atom_site.pdbx_formal_charge 
_atom_site.auth_seq_id 
_atom_site.auth_comp_id 
_atom_site.auth_asym_id 
_atom_site.auth_atom_id 
_atom_site.pdbx_PDB_model_num 
ATOM 1   N N    . SER A 1 7  ? 15.857  3.096   -6.354  1.00 4.41 ? 78  SER A N    1 
ATOM 2   C CA   . SER A 1 7  ? 15.977  2.452   -7.694  1.00 3.68 ? 78  SER A CA   1 
ATOM 3   C C    . SER A 1 7  ? 14.614  1.918   -8.148  1.00 2.68 ? 78  SER A C    1 
ATOM 4   O O    . SER A 1 7  ? 13.592  2.237   -7.572  1.00 2.63 ? 78  SER A O    1 
ATOM 5   C CB   . SER A 1 7  ? 16.964  1.303   -7.495  1.00 4.12 ? 78  SER A CB   1 
ATOM 6   O OG   . SER A 1 7  ? 18.257  1.717   -7.917  1.00 4.79 ? 78  SER A OG   1 
ATOM 7   H HA   . SER A 1 7  ? 16.367  3.153   -8.415  1.00 4.08 ? 78  SER A HA   1 
ATOM 8   H HB2  . SER A 1 7  ? 17.000  1.034   -6.453  1.00 4.21 ? 78  SER A HB2  1 
ATOM 9   H HB3  . SER A 1 7  ? 16.641  0.448   -8.075  1.00 4.35 ? 78  SER A HB3  1 
ATOM 10  H HG   . SER A 1 7  ? 18.504  2.488   -7.402  1.00 5.22 ? 78  SER A HG   1 
ATOM 11  N N    . GLU A 1 8  ? 14.599  1.108   -9.176  1.00 2.43 ? 79  GLU A N    1 
ATOM 12  C CA   . GLU A 1 8  ? 13.304  0.548   -9.674  1.00 1.75 ? 79  GLU A CA   1 
ATOM 13  C C    . GLU A 1 8  ? 12.757  -0.480  -8.681  1.00 1.37 ? 79  GLU A C    1 
ATOM 14  O O    . GLU A 1 8  ? 13.350  -1.521  -8.466  1.00 1.67 ? 79  GLU A O    1 
ATOM 15  C CB   . GLU A 1 8  ? 13.641  -0.122  -11.008 1.00 2.51 ? 79  GLU A CB   1 
ATOM 16  C CG   . GLU A 1 8  ? 14.114  0.937   -12.006 1.00 3.21 ? 79  GLU A CG   1 
ATOM 17  C CD   . GLU A 1 8  ? 12.919  1.449   -12.811 1.00 3.62 ? 79  GLU A CD   1 
ATOM 18  O OE1  . GLU A 1 8  ? 12.069  0.643   -13.151 1.00 3.83 ? 79  GLU A OE1  1 
ATOM 19  O OE2  . GLU A 1 8  ? 12.875  2.639   -13.075 1.00 4.20 ? 79  GLU A OE2  1 
ATOM 20  H H    . GLU A 1 8  ? 15.439  0.868   -9.621  1.00 3.08 ? 79  GLU A H    1 
ATOM 21  H HA   . GLU A 1 8  ? 12.587  1.338   -9.831  1.00 1.53 ? 79  GLU A HA   1 
ATOM 22  H HB2  . GLU A 1 8  ? 14.424  -0.851  -10.856 1.00 2.76 ? 79  GLU A HB2  1 
ATOM 23  H HB3  . GLU A 1 8  ? 12.762  -0.614  -11.397 1.00 3.00 ? 79  GLU A HB3  1 
ATOM 24  H HG2  . GLU A 1 8  ? 14.568  1.758   -11.470 1.00 3.55 ? 79  GLU A HG2  1 
ATOM 25  H HG3  . GLU A 1 8  ? 14.839  0.500   -12.677 1.00 3.71 ? 79  GLU A HG3  1 
ATOM 26  N N    . ASP A 1 9  ? 11.631  -0.195  -8.075  1.00 0.82 ? 80  ASP A N    1 
ATOM 27  C CA   . ASP A 1 9  ? 11.041  -1.156  -7.093  1.00 0.58 ? 80  ASP A CA   1 
ATOM 28  C C    . ASP A 1 9  ? 9.516   -1.136  -7.203  1.00 0.44 ? 80  ASP A C    1 
ATOM 29  O O    . ASP A 1 9  ? 8.967   -0.674  -8.186  1.00 0.56 ? 80  ASP A O    1 
ATOM 30  C CB   . ASP A 1 9  ? 11.491  -0.650  -5.720  1.00 0.69 ? 80  ASP A CB   1 
ATOM 31  C CG   . ASP A 1 9  ? 13.020  -0.669  -5.641  1.00 1.05 ? 80  ASP A CG   1 
ATOM 32  O OD1  . ASP A 1 9  ? 13.586  -1.742  -5.771  1.00 1.71 ? 80  ASP A OD1  1 
ATOM 33  O OD2  . ASP A 1 9  ? 13.596  0.388   -5.451  1.00 1.46 ? 80  ASP A OD2  1 
ATOM 34  H H    . ASP A 1 9  ? 11.171  0.653   -8.267  1.00 0.76 ? 80  ASP A H    1 
ATOM 35  H HA   . ASP A 1 9  ? 11.421  -2.151  -7.264  1.00 0.74 ? 80  ASP A HA   1 
ATOM 36  H HB2  . ASP A 1 9  ? 11.135  0.360   -5.575  1.00 0.76 ? 80  ASP A HB2  1 
ATOM 37  H HB3  . ASP A 1 9  ? 11.086  -1.288  -4.950  1.00 0.77 ? 80  ASP A HB3  1 
ATOM 38  N N    . ILE A 1 10 ? 8.828   -1.621  -6.200  1.00 0.44 ? 81  ILE A N    1 
ATOM 39  C CA   . ILE A 1 10 ? 7.338   -1.617  -6.249  1.00 0.49 ? 81  ILE A CA   1 
ATOM 40  C C    . ILE A 1 10 ? 6.764   -0.835  -5.065  1.00 0.45 ? 81  ILE A C    1 
ATOM 41  O O    . ILE A 1 10 ? 5.962   -1.345  -4.313  1.00 0.64 ? 81  ILE A O    1 
ATOM 42  C CB   . ILE A 1 10 ? 6.906   -3.086  -6.208  1.00 0.72 ? 81  ILE A CB   1 
ATOM 43  C CG1  . ILE A 1 10 ? 7.381   -3.756  -4.890  1.00 0.57 ? 81  ILE A CG1  1 
ATOM 44  C CG2  . ILE A 1 10 ? 7.445   -3.815  -7.451  1.00 1.58 ? 81  ILE A CG2  1 
ATOM 45  C CD1  . ILE A 1 10 ? 8.779   -4.393  -5.017  1.00 1.64 ? 81  ILE A CD1  1 
ATOM 46  H H    . ILE A 1 10 ? 9.291   -1.981  -5.415  1.00 0.59 ? 81  ILE A H    1 
ATOM 47  H HA   . ILE A 1 10 ? 7.004   -1.182  -7.167  1.00 0.49 ? 81  ILE A HA   1 
ATOM 48  H HB   . ILE A 1 10 ? 5.826   -3.119  -6.244  1.00 1.47 ? 81  ILE A HB   1 
ATOM 49  H HG12 . ILE A 1 10 ? 7.412   -3.015  -4.108  1.00 1.38 ? 81  ILE A HG12 1 
ATOM 50  H HG13 . ILE A 1 10 ? 6.661   -4.518  -4.619  1.00 0.33 ? 81  ILE A HG13 1 
ATOM 51  H HG21 . ILE A 1 10 ? 8.523   -3.751  -7.466  1.00 1.99 ? 81  ILE A HG21 1 
ATOM 52  H HG22 . ILE A 1 10 ? 7.146   -4.852  -7.417  1.00 2.11 ? 81  ILE A HG22 1 
ATOM 53  H HG23 . ILE A 1 10 ? 7.045   -3.353  -8.341  1.00 2.17 ? 81  ILE A HG23 1 
ATOM 54  H HD11 . ILE A 1 10 ? 9.321   -3.922  -5.823  1.00 2.22 ? 81  ILE A HD11 1 
ATOM 55  H HD12 . ILE A 1 10 ? 9.321   -4.258  -4.092  1.00 2.18 ? 81  ILE A HD12 1 
ATOM 56  H HD13 . ILE A 1 10 ? 8.676   -5.449  -5.221  1.00 2.16 ? 81  ILE A HD13 1 
ATOM 57  N N    . ILE A 1 11 ? 7.153   0.408   -4.892  1.00 0.28 ? 82  ILE A N    1 
ATOM 58  C CA   . ILE A 1 11 ? 6.602   1.200   -3.747  1.00 0.28 ? 82  ILE A CA   1 
ATOM 59  C C    . ILE A 1 11 ? 5.475   2.101   -4.229  1.00 0.31 ? 82  ILE A C    1 
ATOM 60  O O    . ILE A 1 11 ? 5.571   2.734   -5.256  1.00 0.45 ? 82  ILE A O    1 
ATOM 61  C CB   . ILE A 1 11 ? 7.759   2.037   -3.194  1.00 0.25 ? 82  ILE A CB   1 
ATOM 62  C CG1  . ILE A 1 11 ? 8.920   1.122   -2.801  1.00 0.30 ? 82  ILE A CG1  1 
ATOM 63  C CG2  . ILE A 1 11 ? 7.285   2.811   -1.957  1.00 0.24 ? 82  ILE A CG2  1 
ATOM 64  C CD1  . ILE A 1 11 ? 10.132  1.971   -2.414  1.00 0.65 ? 82  ILE A CD1  1 
ATOM 65  H H    . ILE A 1 11 ? 7.793   0.819   -5.517  1.00 0.23 ? 82  ILE A H    1 
ATOM 66  H HA   . ILE A 1 11 ? 6.238   0.534   -2.988  1.00 0.30 ? 82  ILE A HA   1 
ATOM 67  H HB   . ILE A 1 11 ? 8.087   2.733   -3.946  1.00 0.30 ? 82  ILE A HB   1 
ATOM 68  H HG12 . ILE A 1 11 ? 8.626   0.509   -1.963  1.00 0.77 ? 82  ILE A HG12 1 
ATOM 69  H HG13 . ILE A 1 11 ? 9.178   0.490   -3.638  1.00 0.64 ? 82  ILE A HG13 1 
ATOM 70  H HG21 . ILE A 1 11 ? 6.279   3.173   -2.120  1.00 1.06 ? 82  ILE A HG21 1 
ATOM 71  H HG22 . ILE A 1 11 ? 7.295   2.159   -1.097  1.00 1.06 ? 82  ILE A HG22 1 
ATOM 72  H HG23 . ILE A 1 11 ? 7.943   3.650   -1.781  1.00 1.02 ? 82  ILE A HG23 1 
ATOM 73  H HD11 . ILE A 1 11 ? 10.393  2.621   -3.235  1.00 1.29 ? 82  ILE A HD11 1 
ATOM 74  H HD12 . ILE A 1 11 ? 9.891   2.566   -1.545  1.00 1.20 ? 82  ILE A HD12 1 
ATOM 75  H HD13 . ILE A 1 11 ? 10.966  1.324   -2.187  1.00 1.27 ? 82  ILE A HD13 1 
ATOM 76  N N    . VAL A 1 12 ? 4.406   2.153   -3.485  1.00 0.26 ? 83  VAL A N    1 
ATOM 77  C CA   . VAL A 1 12 ? 3.254   3.008   -3.877  1.00 0.27 ? 83  VAL A CA   1 
ATOM 78  C C    . VAL A 1 12 ? 3.003   4.070   -2.802  1.00 0.26 ? 83  VAL A C    1 
ATOM 79  O O    . VAL A 1 12 ? 3.545   4.004   -1.713  1.00 0.27 ? 83  VAL A O    1 
ATOM 80  C CB   . VAL A 1 12 ? 2.058   2.050   -3.980  1.00 0.31 ? 83  VAL A CB   1 
ATOM 81  C CG1  . VAL A 1 12 ? 2.317   1.013   -5.078  1.00 0.27 ? 83  VAL A CG1  1 
ATOM 82  C CG2  . VAL A 1 12 ? 1.843   1.332   -2.638  1.00 0.38 ? 83  VAL A CG2  1 
ATOM 83  H H    . VAL A 1 12 ? 4.361   1.626   -2.660  1.00 0.31 ? 83  VAL A H    1 
ATOM 84  H HA   . VAL A 1 12 ? 3.438   3.472   -4.832  1.00 0.28 ? 83  VAL A HA   1 
ATOM 85  H HB   . VAL A 1 12 ? 1.175   2.614   -4.229  1.00 0.37 ? 83  VAL A HB   1 
ATOM 86  H HG11 . VAL A 1 12 ? 3.371   0.986   -5.311  1.00 1.06 ? 83  VAL A HG11 1 
ATOM 87  H HG12 . VAL A 1 12 ? 1.999   0.036   -4.740  1.00 1.07 ? 83  VAL A HG12 1 
ATOM 88  H HG13 . VAL A 1 12 ? 1.761   1.283   -5.964  1.00 1.01 ? 83  VAL A HG13 1 
ATOM 89  H HG21 . VAL A 1 12 ? 1.839   2.057   -1.838  1.00 1.02 ? 83  VAL A HG21 1 
ATOM 90  H HG22 . VAL A 1 12 ? 0.898   0.811   -2.657  1.00 1.08 ? 83  VAL A HG22 1 
ATOM 91  H HG23 . VAL A 1 12 ? 2.643   0.623   -2.477  1.00 1.02 ? 83  VAL A HG23 1 
ATOM 92  N N    . VAL A 1 13 ? 2.174   5.037   -3.094  1.00 0.26 ? 84  VAL A N    1 
ATOM 93  C CA   . VAL A 1 13 ? 1.869   6.092   -2.089  1.00 0.26 ? 84  VAL A CA   1 
ATOM 94  C C    . VAL A 1 13 ? 0.351   6.186   -1.909  1.00 0.24 ? 84  VAL A C    1 
ATOM 95  O O    . VAL A 1 13 ? -0.383  6.397   -2.860  1.00 0.27 ? 84  VAL A O    1 
ATOM 96  C CB   . VAL A 1 13 ? 2.479   7.398   -2.648  1.00 0.29 ? 84  VAL A CB   1 
ATOM 97  C CG1  . VAL A 1 13 ? 1.636   7.960   -3.801  1.00 0.32 ? 84  VAL A CG1  1 
ATOM 98  C CG2  . VAL A 1 13 ? 2.541   8.443   -1.535  1.00 0.30 ? 84  VAL A CG2  1 
ATOM 99  H H    . VAL A 1 13 ? 1.742   5.060   -3.974  1.00 0.28 ? 84  VAL A H    1 
ATOM 100 H HA   . VAL A 1 13 ? 2.334   5.845   -1.148  1.00 0.25 ? 84  VAL A HA   1 
ATOM 101 H HB   . VAL A 1 13 ? 3.480   7.199   -3.003  1.00 0.32 ? 84  VAL A HB   1 
ATOM 102 H HG11 . VAL A 1 13 ? 1.201   7.147   -4.359  1.00 1.09 ? 84  VAL A HG11 1 
ATOM 103 H HG12 . VAL A 1 13 ? 0.848   8.583   -3.394  1.00 1.04 ? 84  VAL A HG12 1 
ATOM 104 H HG13 . VAL A 1 13 ? 2.263   8.552   -4.450  1.00 1.08 ? 84  VAL A HG13 1 
ATOM 105 H HG21 . VAL A 1 13 ? 1.578   8.507   -1.048  1.00 1.10 ? 84  VAL A HG21 1 
ATOM 106 H HG22 . VAL A 1 13 ? 3.288   8.154   -0.813  1.00 1.09 ? 84  VAL A HG22 1 
ATOM 107 H HG23 . VAL A 1 13 ? 2.797   9.404   -1.955  1.00 1.00 ? 84  VAL A HG23 1 
ATOM 108 N N    . ALA A 1 14 ? -0.127  6.019   -0.705  1.00 0.21 ? 85  ALA A N    1 
ATOM 109 C CA   . ALA A 1 14 ? -1.596  6.103   -0.472  1.00 0.21 ? 85  ALA A CA   1 
ATOM 110 C C    . ALA A 1 14 ? -2.074  7.508   -0.812  1.00 0.24 ? 85  ALA A C    1 
ATOM 111 O O    . ALA A 1 14 ? -1.671  8.472   -0.183  1.00 0.27 ? 85  ALA A O    1 
ATOM 112 C CB   . ALA A 1 14 ? -1.791  5.823   1.013   1.00 0.19 ? 85  ALA A CB   1 
ATOM 113 H H    . ALA A 1 14 ? 0.483   5.842   0.043   1.00 0.22 ? 85  ALA A H    1 
ATOM 114 H HA   . ALA A 1 14 ? -2.119  5.370   -1.065  1.00 0.22 ? 85  ALA A HA   1 
ATOM 115 H HB1  . ALA A 1 14 ? -1.110  6.434   1.579   1.00 1.07 ? 85  ALA A HB1  1 
ATOM 116 H HB2  . ALA A 1 14 ? -2.804  6.063   1.289   1.00 0.98 ? 85  ALA A HB2  1 
ATOM 117 H HB3  . ALA A 1 14 ? -1.598  4.781   1.215   1.00 1.01 ? 85  ALA A HB3  1 
ATOM 118 N N    . LEU A 1 15 ? -2.921  7.624   -1.808  1.00 0.28 ? 86  LEU A N    1 
ATOM 119 C CA   . LEU A 1 15 ? -3.426  8.966   -2.224  1.00 0.31 ? 86  LEU A CA   1 
ATOM 120 C C    . LEU A 1 15 ? -4.759  9.291   -1.542  1.00 0.31 ? 86  LEU A C    1 
ATOM 121 O O    . LEU A 1 15 ? -5.376  10.295  -1.840  1.00 0.38 ? 86  LEU A O    1 
ATOM 122 C CB   . LEU A 1 15 ? -3.632  8.856   -3.735  1.00 0.37 ? 86  LEU A CB   1 
ATOM 123 C CG   . LEU A 1 15 ? -2.274  8.820   -4.436  1.00 0.42 ? 86  LEU A CG   1 
ATOM 124 C CD1  . LEU A 1 15 ? -2.477  8.562   -5.931  1.00 0.45 ? 86  LEU A CD1  1 
ATOM 125 C CD2  . LEU A 1 15 ? -1.566  10.163  -4.245  1.00 0.57 ? 86  LEU A CD2  1 
ATOM 126 H H    . LEU A 1 15 ? -3.214  6.825   -2.292  1.00 0.31 ? 86  LEU A H    1 
ATOM 127 H HA   . LEU A 1 15 ? -2.694  9.728   -2.014  1.00 0.31 ? 86  LEU A HA   1 
ATOM 128 H HB2  . LEU A 1 15 ? -4.180  7.952   -3.960  1.00 0.39 ? 86  LEU A HB2  1 
ATOM 129 H HB3  . LEU A 1 15 ? -4.193  9.711   -4.084  1.00 0.44 ? 86  LEU A HB3  1 
ATOM 130 H HG   . LEU A 1 15 ? -1.671  8.030   -4.013  1.00 0.46 ? 86  LEU A HG   1 
ATOM 131 H HD11 . LEU A 1 15 ? -3.280  9.183   -6.297  1.00 1.09 ? 86  LEU A HD11 1 
ATOM 132 H HD12 . LEU A 1 15 ? -1.568  8.798   -6.464  1.00 1.07 ? 86  LEU A HD12 1 
ATOM 133 H HD13 . LEU A 1 15 ? -2.726  7.523   -6.086  1.00 1.16 ? 86  LEU A HD13 1 
ATOM 134 H HD21 . LEU A 1 15 ? -2.301  10.942  -4.108  1.00 1.06 ? 86  LEU A HD21 1 
ATOM 135 H HD22 . LEU A 1 15 ? -0.928  10.113  -3.375  1.00 1.22 ? 86  LEU A HD22 1 
ATOM 136 H HD23 . LEU A 1 15 ? -0.967  10.382  -5.117  1.00 1.28 ? 86  LEU A HD23 1 
ATOM 137 N N    . TYR A 1 16 ? -5.210  8.461   -0.627  1.00 0.28 ? 87  TYR A N    1 
ATOM 138 C CA   . TYR A 1 16 ? -6.500  8.742   0.085   1.00 0.30 ? 87  TYR A CA   1 
ATOM 139 C C    . TYR A 1 16 ? -6.459  8.078   1.463   1.00 0.25 ? 87  TYR A C    1 
ATOM 140 O O    . TYR A 1 16 ? -5.794  7.077   1.657   1.00 0.23 ? 87  TYR A O    1 
ATOM 141 C CB   . TYR A 1 16 ? -7.623  8.130   -0.767  1.00 0.37 ? 87  TYR A CB   1 
ATOM 142 C CG   . TYR A 1 16 ? -7.552  8.643   -2.184  1.00 0.48 ? 87  TYR A CG   1 
ATOM 143 C CD1  . TYR A 1 16 ? -8.076  9.900   -2.505  1.00 0.58 ? 87  TYR A CD1  1 
ATOM 144 C CD2  . TYR A 1 16 ? -6.948  7.860   -3.175  1.00 0.51 ? 87  TYR A CD2  1 
ATOM 145 C CE1  . TYR A 1 16 ? -7.997  10.374  -3.820  1.00 0.69 ? 87  TYR A CE1  1 
ATOM 146 C CE2  . TYR A 1 16 ? -6.870  8.332   -4.489  1.00 0.62 ? 87  TYR A CE2  1 
ATOM 147 C CZ   . TYR A 1 16 ? -7.396  9.590   -4.813  1.00 0.70 ? 87  TYR A CZ   1 
ATOM 148 O OH   . TYR A 1 16 ? -7.319  10.057  -6.110  1.00 0.82 ? 87  TYR A OH   1 
ATOM 149 H H    . TYR A 1 16 ? -4.699  7.661   -0.395  1.00 0.27 ? 87  TYR A H    1 
ATOM 150 H HA   . TYR A 1 16 ? -6.642  9.812   0.192   1.00 0.33 ? 87  TYR A HA   1 
ATOM 151 H HB2  . TYR A 1 16 ? -7.518  7.057   -0.773  1.00 0.36 ? 87  TYR A HB2  1 
ATOM 152 H HB3  . TYR A 1 16 ? -8.579  8.395   -0.338  1.00 0.40 ? 87  TYR A HB3  1 
ATOM 153 H HD1  . TYR A 1 16 ? -8.541  10.503  -1.740  1.00 0.59 ? 87  TYR A HD1  1 
ATOM 154 H HD2  . TYR A 1 16 ? -6.543  6.892   -2.925  1.00 0.49 ? 87  TYR A HD2  1 
ATOM 155 H HE1  . TYR A 1 16 ? -8.402  11.343  -4.070  1.00 0.78 ? 87  TYR A HE1  1 
ATOM 156 H HE2  . TYR A 1 16 ? -6.408  7.726   -5.252  1.00 0.67 ? 87  TYR A HE2  1 
ATOM 157 H HH   . TYR A 1 16 ? -7.022  10.969  -6.078  1.00 1.02 ? 87  TYR A HH   1 
ATOM 158 N N    . ASP A 1 17 ? -7.149  8.637   2.419   1.00 0.27 ? 88  ASP A N    1 
ATOM 159 C CA   . ASP A 1 17 ? -7.139  8.052   3.793   1.00 0.26 ? 88  ASP A CA   1 
ATOM 160 C C    . ASP A 1 17 ? -7.932  6.739   3.820   1.00 0.25 ? 88  ASP A C    1 
ATOM 161 O O    . ASP A 1 17 ? -8.960  6.614   3.183   1.00 0.26 ? 88  ASP A O    1 
ATOM 162 C CB   . ASP A 1 17 ? -7.801  9.101   4.688   1.00 0.30 ? 88  ASP A CB   1 
ATOM 163 C CG   . ASP A 1 17 ? -6.805  10.227  4.977   1.00 0.33 ? 88  ASP A CG   1 
ATOM 164 O OD1  . ASP A 1 17 ? -5.650  9.920   5.220   1.00 1.12 ? 88  ASP A OD1  1 
ATOM 165 O OD2  . ASP A 1 17 ? -7.214  11.376  4.949   1.00 1.14 ? 88  ASP A OD2  1 
ATOM 166 H H    . ASP A 1 17 ? -7.663  9.449   2.234   1.00 0.32 ? 88  ASP A H    1 
ATOM 167 H HA   . ASP A 1 17 ? -6.124  7.889   4.114   1.00 0.25 ? 88  ASP A HA   1 
ATOM 168 H HB2  . ASP A 1 17 ? -8.665  9.505   4.186   1.00 0.34 ? 88  ASP A HB2  1 
ATOM 169 H HB3  . ASP A 1 17 ? -8.105  8.644   5.618   1.00 0.33 ? 88  ASP A HB3  1 
ATOM 170 N N    . TYR A 1 18 ? -7.459  5.761   4.554   1.00 0.26 ? 89  TYR A N    1 
ATOM 171 C CA   . TYR A 1 18 ? -8.182  4.449   4.629   1.00 0.27 ? 89  TYR A CA   1 
ATOM 172 C C    . TYR A 1 18 ? -7.838  3.733   5.942   1.00 0.32 ? 89  TYR A C    1 
ATOM 173 O O    . TYR A 1 18 ? -6.877  4.073   6.603   1.00 0.53 ? 89  TYR A O    1 
ATOM 174 C CB   . TYR A 1 18 ? -7.672  3.654   3.423   1.00 0.26 ? 89  TYR A CB   1 
ATOM 175 C CG   . TYR A 1 18 ? -8.612  2.508   3.138   1.00 0.29 ? 89  TYR A CG   1 
ATOM 176 C CD1  . TYR A 1 18 ? -9.850  2.754   2.529   1.00 0.36 ? 89  TYR A CD1  1 
ATOM 177 C CD2  . TYR A 1 18 ? -8.251  1.201   3.489   1.00 0.33 ? 89  TYR A CD2  1 
ATOM 178 C CE1  . TYR A 1 18 ? -10.727 1.692   2.272   1.00 0.42 ? 89  TYR A CE1  1 
ATOM 179 C CE2  . TYR A 1 18 ? -9.127  0.139   3.231   1.00 0.39 ? 89  TYR A CE2  1 
ATOM 180 C CZ   . TYR A 1 18 ? -10.365 0.384   2.624   1.00 0.42 ? 89  TYR A CZ   1 
ATOM 181 O OH   . TYR A 1 18 ? -11.230 -0.662  2.372   1.00 0.51 ? 89  TYR A OH   1 
ATOM 182 H H    . TYR A 1 18 ? -6.627  5.888   5.059   1.00 0.27 ? 89  TYR A H    1 
ATOM 183 H HA   . TYR A 1 18 ? -9.249  4.598   4.551   1.00 0.29 ? 89  TYR A HA   1 
ATOM 184 H HB2  . TYR A 1 18 ? -7.624  4.302   2.560   1.00 0.27 ? 89  TYR A HB2  1 
ATOM 185 H HB3  . TYR A 1 18 ? -6.686  3.265   3.637   1.00 0.28 ? 89  TYR A HB3  1 
ATOM 186 H HD1  . TYR A 1 18 ? -10.128 3.762   2.259   1.00 0.40 ? 89  TYR A HD1  1 
ATOM 187 H HD2  . TYR A 1 18 ? -7.296  1.012   3.957   1.00 0.36 ? 89  TYR A HD2  1 
ATOM 188 H HE1  . TYR A 1 18 ? -11.681 1.881   1.804   1.00 0.49 ? 89  TYR A HE1  1 
ATOM 189 H HE2  . TYR A 1 18 ? -8.848  -0.869  3.502   1.00 0.46 ? 89  TYR A HE2  1 
ATOM 190 H HH   . TYR A 1 18 ? -11.609 -0.940  3.209   1.00 1.03 ? 89  TYR A HH   1 
ATOM 191 N N    . GLU A 1 19 ? -8.623  2.752   6.328   1.00 0.32 ? 90  GLU A N    1 
ATOM 192 C CA   . GLU A 1 19 ? -8.345  2.021   7.608   1.00 0.35 ? 90  GLU A CA   1 
ATOM 193 C C    . GLU A 1 19 ? -8.410  0.502   7.400   1.00 0.37 ? 90  GLU A C    1 
ATOM 194 O O    . GLU A 1 19 ? -9.160  0.007   6.583   1.00 0.57 ? 90  GLU A O    1 
ATOM 195 C CB   . GLU A 1 19 ? -9.445  2.473   8.568   1.00 0.50 ? 90  GLU A CB   1 
ATOM 196 C CG   . GLU A 1 19 ? -8.912  2.459   10.003  1.00 1.34 ? 90  GLU A CG   1 
ATOM 197 C CD   . GLU A 1 19 ? -8.347  3.836   10.352  1.00 2.04 ? 90  GLU A CD   1 
ATOM 198 O OE1  . GLU A 1 19 ? -9.043  4.814   10.129  1.00 2.51 ? 90  GLU A OE1  1 
ATOM 199 O OE2  . GLU A 1 19 ? -7.229  3.891   10.838  1.00 2.77 ? 90  GLU A OE2  1 
ATOM 200 H H    . GLU A 1 19 ? -9.396  2.501   5.783   1.00 0.44 ? 90  GLU A H    1 
ATOM 201 H HA   . GLU A 1 19 ? -7.381  2.305   8.000   1.00 0.35 ? 90  GLU A HA   1 
ATOM 202 H HB2  . GLU A 1 19 ? -9.759  3.474   8.310   1.00 1.07 ? 90  GLU A HB2  1 
ATOM 203 H HB3  . GLU A 1 19 ? -10.287 1.802   8.492   1.00 1.01 ? 90  GLU A HB3  1 
ATOM 204 H HG2  . GLU A 1 19 ? -9.716  2.214   10.682  1.00 1.85 ? 90  GLU A HG2  1 
ATOM 205 H HG3  . GLU A 1 19 ? -8.130  1.719   10.089  1.00 1.81 ? 90  GLU A HG3  1 
ATOM 206 N N    . ALA A 1 20 ? -7.622  -0.234  8.146   1.00 0.39 ? 91  ALA A N    1 
ATOM 207 C CA   . ALA A 1 20 ? -7.615  -1.730  8.014   1.00 0.44 ? 91  ALA A CA   1 
ATOM 208 C C    . ALA A 1 20 ? -9.022  -2.307  8.229   1.00 0.47 ? 91  ALA A C    1 
ATOM 209 O O    . ALA A 1 20 ? -9.830  -1.742  8.938   1.00 0.68 ? 91  ALA A O    1 
ATOM 210 C CB   . ALA A 1 20 ? -6.664  -2.224  9.111   1.00 0.68 ? 91  ALA A CB   1 
ATOM 211 H H    . ALA A 1 20 ? -7.030  0.201   8.796   1.00 0.54 ? 91  ALA A H    1 
ATOM 212 H HA   . ALA A 1 20 ? -7.235  -2.017  7.045   1.00 0.64 ? 91  ALA A HA   1 
ATOM 213 H HB1  . ALA A 1 20 ? -6.400  -1.404  9.759   1.00 1.13 ? 91  ALA A HB1  1 
ATOM 214 H HB2  . ALA A 1 20 ? -7.149  -2.994  9.692   1.00 1.12 ? 91  ALA A HB2  1 
ATOM 215 H HB3  . ALA A 1 20 ? -5.771  -2.625  8.658   1.00 1.47 ? 91  ALA A HB3  1 
ATOM 216 N N    . ILE A 1 21 ? -9.310  -3.433  7.619   1.00 0.66 ? 92  ILE A N    1 
ATOM 217 C CA   . ILE A 1 21 ? -10.657 -4.072  7.780   1.00 0.93 ? 92  ILE A CA   1 
ATOM 218 C C    . ILE A 1 21 ? -10.507 -5.604  7.878   1.00 1.43 ? 92  ILE A C    1 
ATOM 219 O O    . ILE A 1 21 ? -10.944 -6.215  8.835   1.00 2.29 ? 92  ILE A O    1 
ATOM 220 C CB   . ILE A 1 21 ? -11.439 -3.684  6.513   1.00 1.10 ? 92  ILE A CB   1 
ATOM 221 C CG1  . ILE A 1 21 ? -11.612 -2.155  6.441   1.00 1.57 ? 92  ILE A CG1  1 
ATOM 222 C CG2  . ILE A 1 21 ? -12.819 -4.358  6.519   1.00 2.16 ? 92  ILE A CG2  1 
ATOM 223 C CD1  . ILE A 1 21 ? -12.464 -1.648  7.615   1.00 1.89 ? 92  ILE A CD1  1 
ATOM 224 H H    . ILE A 1 21 ? -8.637  -3.863  7.055   1.00 0.78 ? 92  ILE A H    1 
ATOM 225 H HA   . ILE A 1 21 ? -11.158 -3.690  8.658   1.00 0.93 ? 92  ILE A HA   1 
ATOM 226 H HB   . ILE A 1 21 ? -10.890 -4.020  5.644   1.00 1.53 ? 92  ILE A HB   1 
ATOM 227 H HG12 . ILE A 1 21 ? -10.643 -1.682  6.473   1.00 2.24 ? 92  ILE A HG12 1 
ATOM 228 H HG13 . ILE A 1 21 ? -12.101 -1.898  5.513   1.00 2.05 ? 92  ILE A HG13 1 
ATOM 229 H HG21 . ILE A 1 21 ? -12.698 -5.427  6.610   1.00 2.67 ? 92  ILE A HG21 1 
ATOM 230 H HG22 . ILE A 1 21 ? -13.397 -3.988  7.354   1.00 2.72 ? 92  ILE A HG22 1 
ATOM 231 H HG23 . ILE A 1 21 ? -13.335 -4.131  5.598   1.00 2.56 ? 92  ILE A HG23 1 
ATOM 232 H HD11 . ILE A 1 21 ? -11.998 -1.921  8.548   1.00 1.96 ? 92  ILE A HD11 1 
ATOM 233 H HD12 . ILE A 1 21 ? -12.552 -0.574  7.557   1.00 2.31 ? 92  ILE A HD12 1 
ATOM 234 H HD13 . ILE A 1 21 ? -13.448 -2.092  7.561   1.00 2.47 ? 92  ILE A HD13 1 
ATOM 235 N N    . HIS A 1 22 ? -9.905  -6.225  6.890   1.00 1.15 ? 93  HIS A N    1 
ATOM 236 C CA   . HIS A 1 22 ? -9.747  -7.723  6.907   1.00 1.61 ? 93  HIS A CA   1 
ATOM 237 C C    . HIS A 1 22 ? -8.585  -8.155  7.816   1.00 1.11 ? 93  HIS A C    1 
ATOM 238 O O    . HIS A 1 22 ? -8.065  -7.377  8.591   1.00 1.37 ? 93  HIS A O    1 
ATOM 239 C CB   . HIS A 1 22 ? -9.452  -8.102  5.453   1.00 2.38 ? 93  HIS A CB   1 
ATOM 240 C CG   . HIS A 1 22 ? -10.139 -9.398  5.120   1.00 3.09 ? 93  HIS A CG   1 
ATOM 241 N ND1  . HIS A 1 22 ? -11.514 -9.486  4.961   1.00 3.72 ? 93  HIS A ND1  1 
ATOM 242 C CD2  . HIS A 1 22 ? -9.658  -10.670 4.927   1.00 3.70 ? 93  HIS A CD2  1 
ATOM 243 C CE1  . HIS A 1 22 ? -11.809 -10.770 4.687   1.00 4.35 ? 93  HIS A CE1  1 
ATOM 244 N NE2  . HIS A 1 22 ? -10.714 -11.534 4.655   1.00 4.35 ? 93  HIS A NE2  1 
ATOM 245 H H    . HIS A 1 22 ? -9.571  -5.710  6.127   1.00 1.06 ? 93  HIS A H    1 
ATOM 246 H HA   . HIS A 1 22 ? -10.670 -8.195  7.226   1.00 2.04 ? 93  HIS A HA   1 
ATOM 247 H HB2  . HIS A 1 22 ? -9.815  -7.323  4.797   1.00 2.58 ? 93  HIS A HB2  1 
ATOM 248 H HB3  . HIS A 1 22 ? -8.387  -8.215  5.319   1.00 2.52 ? 93  HIS A HB3  1 
ATOM 249 H HD1  . HIS A 1 22 ? -12.154 -8.747  5.035   1.00 3.95 ? 93  HIS A HD1  1 
ATOM 250 H HD2  . HIS A 1 22 ? -8.618  -10.955 4.978   1.00 3.96 ? 93  HIS A HD2  1 
ATOM 251 H HE1  . HIS A 1 22 ? -12.810 -11.138 4.515   1.00 5.03 ? 93  HIS A HE1  1 
ATOM 252 N N    . HIS A 1 23 ? -8.184  -9.403  7.724   1.00 0.99 ? 94  HIS A N    1 
ATOM 253 C CA   . HIS A 1 23 ? -7.062  -9.911  8.582   1.00 0.76 ? 94  HIS A CA   1 
ATOM 254 C C    . HIS A 1 23 ? -5.741  -9.231  8.203   1.00 0.61 ? 94  HIS A C    1 
ATOM 255 O O    . HIS A 1 23 ? -5.283  -8.336  8.888   1.00 0.91 ? 94  HIS A O    1 
ATOM 256 C CB   . HIS A 1 23 ? -6.993  -11.416 8.305   1.00 1.28 ? 94  HIS A CB   1 
ATOM 257 C CG   . HIS A 1 23 ? -7.889  -12.143 9.271   1.00 1.60 ? 94  HIS A CG   1 
ATOM 258 N ND1  . HIS A 1 23 ? -9.234  -11.835 9.405   1.00 2.18 ? 94  HIS A ND1  1 
ATOM 259 C CD2  . HIS A 1 23 ? -7.647  -13.160 10.161  1.00 2.24 ? 94  HIS A CD2  1 
ATOM 260 C CE1  . HIS A 1 23 ? -9.745  -12.651 10.345  1.00 2.61 ? 94  HIS A CE1  1 
ATOM 261 N NE2  . HIS A 1 23 ? -8.820  -13.479 10.838  1.00 2.64 ? 94  HIS A NE2  1 
ATOM 262 H H    . HIS A 1 23 ? -8.626  -10.008 7.094   1.00 1.45 ? 94  HIS A H    1 
ATOM 263 H HA   . HIS A 1 23 ? -7.285  -9.743  9.627   1.00 0.82 ? 94  HIS A HA   1 
ATOM 264 H HB2  . HIS A 1 23 ? -7.318  -11.613 7.294   1.00 1.63 ? 94  HIS A HB2  1 
ATOM 265 H HB3  . HIS A 1 23 ? -5.977  -11.759 8.432   1.00 1.61 ? 94  HIS A HB3  1 
ATOM 266 H HD1  . HIS A 1 23 ? -9.722  -11.147 8.907   1.00 2.65 ? 94  HIS A HD1  1 
ATOM 267 H HD2  . HIS A 1 23 ? -6.691  -13.640 10.312  1.00 2.82 ? 94  HIS A HD2  1 
ATOM 268 H HE1  . HIS A 1 23 ? -10.778 -12.639 10.661  1.00 3.25 ? 94  HIS A HE1  1 
ATOM 269 N N    . GLU A 1 24 ? -5.128  -9.639  7.114   1.00 0.66 ? 95  GLU A N    1 
ATOM 270 C CA   . GLU A 1 24 ? -3.840  -9.002  6.688   1.00 0.49 ? 95  GLU A CA   1 
ATOM 271 C C    . GLU A 1 24 ? -4.133  -7.664  6.000   1.00 0.54 ? 95  GLU A C    1 
ATOM 272 O O    . GLU A 1 24 ? -3.768  -7.449  4.863   1.00 1.07 ? 95  GLU A O    1 
ATOM 273 C CB   . GLU A 1 24 ? -3.212  -9.993  5.698   1.00 0.45 ? 95  GLU A CB   1 
ATOM 274 C CG   . GLU A 1 24 ? -1.679  -9.901  5.754   1.00 0.47 ? 95  GLU A CG   1 
ATOM 275 C CD   . GLU A 1 24 ? -1.189  -10.317 7.143   1.00 0.98 ? 95  GLU A CD   1 
ATOM 276 O OE1  . GLU A 1 24 ? -0.933  -11.495 7.330   1.00 1.75 ? 95  GLU A OE1  1 
ATOM 277 O OE2  . GLU A 1 24 ? -1.077  -9.452  7.995   1.00 1.52 ? 95  GLU A OE2  1 
ATOM 278 H H    . GLU A 1 24 ? -5.520  -10.357 6.575   1.00 1.04 ? 95  GLU A H    1 
ATOM 279 H HA   . GLU A 1 24 ? -3.192  -8.858  7.535   1.00 0.52 ? 95  GLU A HA   1 
ATOM 280 H HB2  . GLU A 1 24 ? -3.519  -10.997 5.954   1.00 0.53 ? 95  GLU A HB2  1 
ATOM 281 H HB3  . GLU A 1 24 ? -3.546  -9.759  4.697   1.00 0.60 ? 95  GLU A HB3  1 
ATOM 282 H HG2  . GLU A 1 24 ? -1.254  -10.563 5.012   1.00 0.69 ? 95  GLU A HG2  1 
ATOM 283 H HG3  . GLU A 1 24 ? -1.363  -8.887  5.549   1.00 0.66 ? 95  GLU A HG3  1 
ATOM 284 N N    . ASP A 1 25 ? -4.796  -6.771  6.690   1.00 0.41 ? 96  ASP A N    1 
ATOM 285 C CA   . ASP A 1 25 ? -5.136  -5.443  6.094   1.00 0.39 ? 96  ASP A CA   1 
ATOM 286 C C    . ASP A 1 25 ? -4.114  -4.387  6.524   1.00 0.41 ? 96  ASP A C    1 
ATOM 287 O O    . ASP A 1 25 ? -3.209  -4.671  7.289   1.00 0.78 ? 96  ASP A O    1 
ATOM 288 C CB   . ASP A 1 25 ? -6.527  -5.111  6.646   1.00 0.52 ? 96  ASP A CB   1 
ATOM 289 C CG   . ASP A 1 25 ? -6.514  -5.077  8.184   1.00 0.70 ? 96  ASP A CG   1 
ATOM 290 O OD1  . ASP A 1 25 ? -5.442  -5.178  8.764   1.00 1.42 ? 96  ASP A OD1  1 
ATOM 291 O OD2  . ASP A 1 25 ? -7.582  -4.960  8.759   1.00 1.26 ? 96  ASP A OD2  1 
ATOM 292 H H    . ASP A 1 25 ? -5.073  -6.975  7.603   1.00 0.78 ? 96  ASP A H    1 
ATOM 293 H HA   . ASP A 1 25 ? -5.183  -5.513  5.018   1.00 0.39 ? 96  ASP A HA   1 
ATOM 294 H HB2  . ASP A 1 25 ? -6.837  -4.147  6.269   1.00 0.93 ? 96  ASP A HB2  1 
ATOM 295 H HB3  . ASP A 1 25 ? -7.227  -5.866  6.313   1.00 1.02 ? 96  ASP A HB3  1 
ATOM 296 N N    . LEU A 1 26 ? -4.243  -3.179  6.035   1.00 0.35 ? 97  LEU A N    1 
ATOM 297 C CA   . LEU A 1 26 ? -3.271  -2.110  6.413   1.00 0.39 ? 97  LEU A CA   1 
ATOM 298 C C    . LEU A 1 26 ? -3.925  -0.728  6.315   1.00 0.33 ? 97  LEU A C    1 
ATOM 299 O O    . LEU A 1 26 ? -4.528  -0.386  5.314   1.00 0.35 ? 97  LEU A O    1 
ATOM 300 C CB   . LEU A 1 26 ? -2.133  -2.241  5.401   1.00 0.54 ? 97  LEU A CB   1 
ATOM 301 C CG   . LEU A 1 26 ? -1.024  -1.244  5.741   1.00 0.66 ? 97  LEU A CG   1 
ATOM 302 C CD1  . LEU A 1 26 ? -0.275  -1.714  6.991   1.00 1.06 ? 97  LEU A CD1  1 
ATOM 303 C CD2  . LEU A 1 26 ? -0.046  -1.146  4.564   1.00 1.19 ? 97  LEU A CD2  1 
ATOM 304 H H    . LEU A 1 26 ? -4.977  -2.978  5.418   1.00 0.59 ? 97  LEU A H    1 
ATOM 305 H HA   . LEU A 1 26 ? -2.897  -2.279  7.409   1.00 0.46 ? 97  LEU A HA   1 
ATOM 306 H HB2  . LEU A 1 26 ? -1.735  -3.247  5.435   1.00 0.65 ? 97  LEU A HB2  1 
ATOM 307 H HB3  . LEU A 1 26 ? -2.508  -2.034  4.409   1.00 0.59 ? 97  LEU A HB3  1 
ATOM 308 H HG   . LEU A 1 26 ? -1.460  -0.274  5.928   1.00 1.31 ? 97  LEU A HG   1 
ATOM 309 H HD11 . LEU A 1 26 ? -0.916  -2.353  7.577   1.00 1.49 ? 97  LEU A HD11 1 
ATOM 310 H HD12 . LEU A 1 26 ? 0.609   -2.261  6.698   1.00 1.65 ? 97  LEU A HD12 1 
ATOM 311 H HD13 . LEU A 1 26 ? 0.014   -0.856  7.581   1.00 1.64 ? 97  LEU A HD13 1 
ATOM 312 H HD21 . LEU A 1 26 ? -0.541  -1.460  3.657   1.00 1.81 ? 97  LEU A HD21 1 
ATOM 313 H HD22 . LEU A 1 26 ? 0.287   -0.125  4.458   1.00 1.70 ? 97  LEU A HD22 1 
ATOM 314 H HD23 . LEU A 1 26 ? 0.806   -1.785  4.749   1.00 1.65 ? 97  LEU A HD23 1 
ATOM 315 N N    . SER A 1 27 ? -3.806  0.068   7.349   1.00 0.33 ? 98  SER A N    1 
ATOM 316 C CA   . SER A 1 27 ? -4.410  1.432   7.325   1.00 0.34 ? 98  SER A CA   1 
ATOM 317 C C    . SER A 1 27 ? -3.375  2.465   6.883   1.00 0.36 ? 98  SER A C    1 
ATOM 318 O O    . SER A 1 27 ? -2.272  2.509   7.393   1.00 0.73 ? 98  SER A O    1 
ATOM 319 C CB   . SER A 1 27 ? -4.844  1.709   8.762   1.00 0.41 ? 98  SER A CB   1 
ATOM 320 O OG   . SER A 1 27 ? -5.417  0.535   9.318   1.00 0.46 ? 98  SER A OG   1 
ATOM 321 H H    . SER A 1 27 ? -3.314  -0.232  8.142   1.00 0.36 ? 98  SER A H    1 
ATOM 322 H HA   . SER A 1 27 ? -5.261  1.452   6.671   1.00 0.34 ? 98  SER A HA   1 
ATOM 323 H HB2  . SER A 1 27 ? -3.988  1.996   9.349   1.00 0.48 ? 98  SER A HB2  1 
ATOM 324 H HB3  . SER A 1 27 ? -5.567  2.514   8.771   1.00 0.53 ? 98  SER A HB3  1 
ATOM 325 H HG   . SER A 1 27 ? -5.271  0.553   10.267  1.00 0.71 ? 98  SER A HG   1 
ATOM 326 N N    . PHE A 1 28 ? -3.730  3.303   5.942   1.00 0.27 ? 99  PHE A N    1 
ATOM 327 C CA   . PHE A 1 28 ? -2.775  4.354   5.466   1.00 0.26 ? 99  PHE A CA   1 
ATOM 328 C C    . PHE A 1 28 ? -3.475  5.712   5.395   1.00 0.25 ? 99  PHE A C    1 
ATOM 329 O O    . PHE A 1 28 ? -4.618  5.854   5.790   1.00 0.27 ? 99  PHE A O    1 
ATOM 330 C CB   . PHE A 1 28 ? -2.287  3.915   4.074   1.00 0.26 ? 99  PHE A CB   1 
ATOM 331 C CG   . PHE A 1 28 ? -3.440  3.499   3.180   1.00 0.25 ? 99  PHE A CG   1 
ATOM 332 C CD1  . PHE A 1 28 ? -4.229  4.468   2.549   1.00 0.22 ? 99  PHE A CD1  1 
ATOM 333 C CD2  . PHE A 1 28 ? -3.697  2.139   2.961   1.00 0.28 ? 99  PHE A CD2  1 
ATOM 334 C CE1  . PHE A 1 28 ? -5.275  4.078   1.700   1.00 0.23 ? 99  PHE A CE1  1 
ATOM 335 C CE2  . PHE A 1 28 ? -4.746  1.751   2.118   1.00 0.29 ? 99  PHE A CE2  1 
ATOM 336 C CZ   . PHE A 1 28 ? -5.533  2.722   1.487   1.00 0.27 ? 99  PHE A CZ   1 
ATOM 337 H H    . PHE A 1 28 ? -4.629  3.248   5.556   1.00 0.53 ? 99  PHE A H    1 
ATOM 338 H HA   . PHE A 1 28 ? -1.931  4.417   6.141   1.00 0.29 ? 99  PHE A HA   1 
ATOM 339 H HB2  . PHE A 1 28 ? -1.762  4.736   3.610   1.00 0.27 ? 99  PHE A HB2  1 
ATOM 340 H HB3  . PHE A 1 28 ? -1.608  3.084   4.188   1.00 0.30 ? 99  PHE A HB3  1 
ATOM 341 H HD1  . PHE A 1 28 ? -4.034  5.517   2.719   1.00 0.22 ? 99  PHE A HD1  1 
ATOM 342 H HD2  . PHE A 1 28 ? -3.090  1.390   3.448   1.00 0.32 ? 99  PHE A HD2  1 
ATOM 343 H HE1  . PHE A 1 28 ? -5.884  4.826   1.211   1.00 0.24 ? 99  PHE A HE1  1 
ATOM 344 H HE2  . PHE A 1 28 ? -4.946  0.703   1.953   1.00 0.33 ? 99  PHE A HE2  1 
ATOM 345 H HZ   . PHE A 1 28 ? -6.340  2.421   0.834   1.00 0.29 ? 99  PHE A HZ   1 
ATOM 346 N N    . GLN A 1 29 ? -2.783  6.716   4.921   1.00 0.25 ? 100 GLN A N    1 
ATOM 347 C CA   . GLN A 1 29 ? -3.384  8.079   4.844   1.00 0.26 ? 100 GLN A CA   1 
ATOM 348 C C    . GLN A 1 29 ? -3.395  8.596   3.402   1.00 0.26 ? 100 GLN A C    1 
ATOM 349 O O    . GLN A 1 29 ? -2.969  7.932   2.478   1.00 0.26 ? 100 GLN A O    1 
ATOM 350 C CB   . GLN A 1 29 ? -2.497  8.959   5.733   1.00 0.30 ? 100 GLN A CB   1 
ATOM 351 C CG   . GLN A 1 29 ? -3.367  9.702   6.748   1.00 0.43 ? 100 GLN A CG   1 
ATOM 352 C CD   . GLN A 1 29 ? -2.548  10.000  8.006   1.00 0.50 ? 100 GLN A CD   1 
ATOM 353 O OE1  . GLN A 1 29 ? -1.398  10.381  7.919   1.00 1.17 ? 100 GLN A OE1  1 
ATOM 354 N NE2  . GLN A 1 29 ? -3.097  9.843   9.179   1.00 1.29 ? 100 GLN A NE2  1 
ATOM 355 H H    . GLN A 1 29 ? -1.862  6.576   4.634   1.00 0.25 ? 100 GLN A H    1 
ATOM 356 H HA   . GLN A 1 29 ? -4.393  8.060   5.233   1.00 0.28 ? 100 GLN A HA   1 
ATOM 357 H HB2  . GLN A 1 29 ? -1.783  8.340   6.257   1.00 0.35 ? 100 GLN A HB2  1 
ATOM 358 H HB3  . GLN A 1 29 ? -1.970  9.676   5.123   1.00 0.42 ? 100 GLN A HB3  1 
ATOM 359 H HG2  . GLN A 1 29 ? -3.714  10.628  6.315   1.00 0.75 ? 100 GLN A HG2  1 
ATOM 360 H HG3  . GLN A 1 29 ? -4.214  9.085   7.010   1.00 0.68 ? 100 GLN A HG3  1 
ATOM 361 H HE21 . GLN A 1 29 ? -4.026  9.537   9.249   1.00 2.01 ? 100 GLN A HE21 1 
ATOM 362 H HE22 . GLN A 1 29 ? -2.581  10.032  9.992   1.00 1.44 ? 100 GLN A HE22 1 
ATOM 363 N N    . LYS A 1 30 ? -3.931  9.768   3.220   1.00 0.28 ? 101 LYS A N    1 
ATOM 364 C CA   . LYS A 1 30 ? -4.045  10.373  1.855   1.00 0.29 ? 101 LYS A CA   1 
ATOM 365 C C    . LYS A 1 30 ? -2.709  10.605  1.157   1.00 0.29 ? 101 LYS A C    1 
ATOM 366 O O    . LYS A 1 30 ? -2.653  10.742  -0.050  1.00 0.46 ? 101 LYS A O    1 
ATOM 367 C CB   . LYS A 1 30 ? -4.751  11.692  2.076   1.00 0.34 ? 101 LYS A CB   1 
ATOM 368 C CG   . LYS A 1 30 ? -5.221  12.227  0.736   1.00 0.39 ? 101 LYS A CG   1 
ATOM 369 C CD   . LYS A 1 30 ? -6.520  12.999  0.937   1.00 0.43 ? 101 LYS A CD   1 
ATOM 370 C CE   . LYS A 1 30 ? -7.663  12.014  1.208   1.00 0.42 ? 101 LYS A CE   1 
ATOM 371 N NZ   . LYS A 1 30 ? -8.849  12.869  1.490   1.00 0.51 ? 101 LYS A NZ   1 
ATOM 372 H H    . LYS A 1 30 ? -4.292  10.251  3.994   1.00 0.30 ? 101 LYS A H    1 
ATOM 373 H HA   . LYS A 1 30 ? -4.646  9.753   1.247   1.00 0.31 ? 101 LYS A HA   1 
ATOM 374 H HB2  . LYS A 1 30 ? -5.591  11.542  2.732   1.00 0.37 ? 101 LYS A HB2  1 
ATOM 375 H HB3  . LYS A 1 30 ? -4.073  12.390  2.519   1.00 0.36 ? 101 LYS A HB3  1 
ATOM 376 H HG2  . LYS A 1 30 ? -4.462  12.877  0.327   1.00 0.42 ? 101 LYS A HG2  1 
ATOM 377 H HG3  . LYS A 1 30 ? -5.390  11.403  0.063   1.00 0.38 ? 101 LYS A HG3  1 
ATOM 378 H HD2  . LYS A 1 30 ? -6.409  13.666  1.780   1.00 0.44 ? 101 LYS A HD2  1 
ATOM 379 H HD3  . LYS A 1 30 ? -6.741  13.571  0.049   1.00 0.46 ? 101 LYS A HD3  1 
ATOM 380 H HE2  . LYS A 1 30 ? -7.839  11.396  0.339   1.00 0.45 ? 101 LYS A HE2  1 
ATOM 381 H HE3  . LYS A 1 30 ? -7.437  11.399  2.068   1.00 0.40 ? 101 LYS A HE3  1 
ATOM 382 H HZ1  . LYS A 1 30 ? -8.654  13.474  2.312   1.00 1.20 ? 101 LYS A HZ1  1 
ATOM 383 H HZ2  . LYS A 1 30 ? -9.049  13.467  0.663   1.00 1.01 ? 101 LYS A HZ2  1 
ATOM 384 H HZ3  . LYS A 1 30 ? -9.672  12.265  1.689   1.00 1.12 ? 101 LYS A HZ3  1 
ATOM 385 N N    . GLY A 1 31 ? -1.657  10.681  1.893   1.00 0.27 ? 102 GLY A N    1 
ATOM 386 C CA   . GLY A 1 31 ? -0.317  10.929  1.277   1.00 0.29 ? 102 GLY A CA   1 
ATOM 387 C C    . GLY A 1 31 ? 0.725   10.057  1.965   1.00 0.27 ? 102 GLY A C    1 
ATOM 388 O O    . GLY A 1 31 ? 1.826   10.493  2.244   1.00 0.30 ? 102 GLY A O    1 
ATOM 389 H H    . GLY A 1 31 ? -1.752  10.590  2.851   1.00 0.36 ? 102 GLY A H    1 
ATOM 390 H HA2  . GLY A 1 31 ? -0.355  10.685  0.223   1.00 0.32 ? 102 GLY A HA2  1 
ATOM 391 H HA3  . GLY A 1 31 ? -0.051  11.970  1.399   1.00 0.35 ? 102 GLY A HA3  1 
ATOM 392 N N    . ASP A 1 32 ? 0.381   8.829   2.244   1.00 0.24 ? 103 ASP A N    1 
ATOM 393 C CA   . ASP A 1 32 ? 1.362   7.915   2.932   1.00 0.23 ? 103 ASP A CA   1 
ATOM 394 C C    . ASP A 1 32 ? 2.197   7.122   1.921   1.00 0.22 ? 103 ASP A C    1 
ATOM 395 O O    . ASP A 1 32 ? 1.916   7.114   0.743   1.00 0.23 ? 103 ASP A O    1 
ATOM 396 C CB   . ASP A 1 32 ? 0.522   6.972   3.790   1.00 0.22 ? 103 ASP A CB   1 
ATOM 397 C CG   . ASP A 1 32 ? 0.339   7.582   5.183   1.00 0.25 ? 103 ASP A CG   1 
ATOM 398 O OD1  . ASP A 1 32 ? 0.203   8.791   5.266   1.00 1.08 ? 103 ASP A OD1  1 
ATOM 399 O OD2  . ASP A 1 32 ? 0.340   6.828   6.142   1.00 1.06 ? 103 ASP A OD2  1 
ATOM 400 H H    . ASP A 1 32 ? -0.526  8.509   1.996   1.00 0.23 ? 103 ASP A H    1 
ATOM 401 H HA   . ASP A 1 32 ? 2.014   8.493   3.571   1.00 0.26 ? 103 ASP A HA   1 
ATOM 402 H HB2  . ASP A 1 32 ? -0.440  6.832   3.330   1.00 0.21 ? 103 ASP A HB2  1 
ATOM 403 H HB3  . ASP A 1 32 ? 1.025   6.019   3.877   1.00 0.21 ? 103 ASP A HB3  1 
ATOM 404 N N    . GLN A 1 33 ? 3.214   6.437   2.386   1.00 0.22 ? 104 GLN A N    1 
ATOM 405 C CA   . GLN A 1 33 ? 4.063   5.626   1.472   1.00 0.23 ? 104 GLN A CA   1 
ATOM 406 C C    . GLN A 1 33 ? 4.095   4.168   1.932   1.00 0.22 ? 104 GLN A C    1 
ATOM 407 O O    . GLN A 1 33 ? 4.300   3.876   3.095   1.00 0.29 ? 104 GLN A O    1 
ATOM 408 C CB   . GLN A 1 33 ? 5.456   6.247   1.559   1.00 0.27 ? 104 GLN A CB   1 
ATOM 409 C CG   . GLN A 1 33 ? 5.598   7.335   0.495   1.00 0.29 ? 104 GLN A CG   1 
ATOM 410 C CD   . GLN A 1 33 ? 7.030   7.340   -0.043  1.00 0.38 ? 104 GLN A CD   1 
ATOM 411 O OE1  . GLN A 1 33 ? 7.673   8.369   -0.085  1.00 0.46 ? 104 GLN A OE1  1 
ATOM 412 N NE2  . GLN A 1 33 ? 7.560   6.221   -0.458  1.00 0.43 ? 104 GLN A NE2  1 
ATOM 413 H H    . GLN A 1 33 ? 3.413   6.449   3.341   1.00 0.23 ? 104 GLN A H    1 
ATOM 414 H HA   . GLN A 1 33 ? 3.692   5.692   0.463   1.00 0.23 ? 104 GLN A HA   1 
ATOM 415 H HB2  . GLN A 1 33 ? 5.595   6.680   2.539   1.00 0.28 ? 104 GLN A HB2  1 
ATOM 416 H HB3  . GLN A 1 33 ? 6.201   5.483   1.394   1.00 0.28 ? 104 GLN A HB3  1 
ATOM 417 H HG2  . GLN A 1 33 ? 4.910   7.136   -0.315  1.00 0.29 ? 104 GLN A HG2  1 
ATOM 418 H HG3  . GLN A 1 33 ? 5.374   8.300   0.930   1.00 0.29 ? 104 GLN A HG3  1 
ATOM 419 H HE21 . GLN A 1 33 ? 7.041   5.391   -0.423  1.00 0.43 ? 104 GLN A HE21 1 
ATOM 420 H HE22 . GLN A 1 33 ? 8.478   6.211   -0.803  1.00 0.50 ? 104 GLN A HE22 1 
ATOM 421 N N    . MET A 1 34 ? 3.896   3.259   1.019   1.00 0.22 ? 105 MET A N    1 
ATOM 422 C CA   . MET A 1 34 ? 3.912   1.808   1.367   1.00 0.22 ? 105 MET A CA   1 
ATOM 423 C C    . MET A 1 34 ? 4.653   1.036   0.282   1.00 0.21 ? 105 MET A C    1 
ATOM 424 O O    . MET A 1 34 ? 4.635   1.408   -0.874  1.00 0.27 ? 105 MET A O    1 
ATOM 425 C CB   . MET A 1 34 ? 2.440   1.389   1.406   1.00 0.25 ? 105 MET A CB   1 
ATOM 426 C CG   . MET A 1 34 ? 1.699   2.202   2.471   1.00 0.30 ? 105 MET A CG   1 
ATOM 427 S SD   . MET A 1 34 ? -0.038  1.695   2.520   1.00 1.13 ? 105 MET A SD   1 
ATOM 428 C CE   . MET A 1 34 ? -0.538  2.397   0.927   1.00 0.36 ? 105 MET A CE   1 
ATOM 429 H H    . MET A 1 34 ? 3.737   3.532   0.091   1.00 0.28 ? 105 MET A H    1 
ATOM 430 H HA   . MET A 1 34 ? 4.372   1.640   2.328   1.00 0.21 ? 105 MET A HA   1 
ATOM 431 H HB2  . MET A 1 34 ? 1.990   1.567   0.440   1.00 0.26 ? 105 MET A HB2  1 
ATOM 432 H HB3  . MET A 1 34 ? 2.372   0.339   1.646   1.00 0.32 ? 105 MET A HB3  1 
ATOM 433 H HG2  . MET A 1 34 ? 2.151   2.026   3.435   1.00 0.72 ? 105 MET A HG2  1 
ATOM 434 H HG3  . MET A 1 34 ? 1.763   3.252   2.230   1.00 0.75 ? 105 MET A HG3  1 
ATOM 435 H HE1  . MET A 1 34 ? 0.075   3.261   0.707   1.00 1.00 ? 105 MET A HE1  1 
ATOM 436 H HE2  . MET A 1 34 ? -0.409  1.660   0.152   1.00 1.12 ? 105 MET A HE2  1 
ATOM 437 H HE3  . MET A 1 34 ? -1.579  2.690   0.975   1.00 1.13 ? 105 MET A HE3  1 
ATOM 438 N N    . VAL A 1 35 ? 5.301   -0.036  0.643   1.00 0.19 ? 106 VAL A N    1 
ATOM 439 C CA   . VAL A 1 35 ? 6.031   -0.842  -0.374  1.00 0.21 ? 106 VAL A CA   1 
ATOM 440 C C    . VAL A 1 35 ? 5.133   -1.998  -0.793  1.00 0.18 ? 106 VAL A C    1 
ATOM 441 O O    . VAL A 1 35 ? 4.292   -2.432  -0.038  1.00 0.18 ? 106 VAL A O    1 
ATOM 442 C CB   . VAL A 1 35 ? 7.289   -1.370  0.323   1.00 0.28 ? 106 VAL A CB   1 
ATOM 443 C CG1  . VAL A 1 35 ? 8.174   -2.093  -0.691  1.00 0.99 ? 106 VAL A CG1  1 
ATOM 444 C CG2  . VAL A 1 35 ? 8.076   -0.209  0.943   1.00 0.83 ? 106 VAL A CG2  1 
ATOM 445 H H    . VAL A 1 35 ? 5.296   -0.317  1.583   1.00 0.20 ? 106 VAL A H    1 
ATOM 446 H HA   . VAL A 1 35 ? 6.297   -0.232  -1.224  1.00 0.27 ? 106 VAL A HA   1 
ATOM 447 H HB   . VAL A 1 35 ? 6.999   -2.067  1.089   1.00 0.87 ? 106 VAL A HB   1 
ATOM 448 H HG11 . VAL A 1 35 ? 7.578   -2.796  -1.252  1.00 1.55 ? 106 VAL A HG11 1 
ATOM 449 H HG12 . VAL A 1 35 ? 8.611   -1.374  -1.364  1.00 1.54 ? 106 VAL A HG12 1 
ATOM 450 H HG13 . VAL A 1 35 ? 8.958   -2.622  -0.168  1.00 1.49 ? 106 VAL A HG13 1 
ATOM 451 H HG21 . VAL A 1 35 ? 7.886   0.694   0.381   1.00 1.52 ? 106 VAL A HG21 1 
ATOM 452 H HG22 . VAL A 1 35 ? 7.764   -0.068  1.967   1.00 1.35 ? 106 VAL A HG22 1 
ATOM 453 H HG23 . VAL A 1 35 ? 9.132   -0.434  0.915   1.00 1.46 ? 106 VAL A HG23 1 
ATOM 454 N N    . VAL A 1 36 ? 5.306   -2.511  -1.973  1.00 0.20 ? 107 VAL A N    1 
ATOM 455 C CA   . VAL A 1 36 ? 4.444   -3.653  -2.414  1.00 0.21 ? 107 VAL A CA   1 
ATOM 456 C C    . VAL A 1 36 ? 5.196   -4.967  -2.213  1.00 0.20 ? 107 VAL A C    1 
ATOM 457 O O    . VAL A 1 36 ? 6.375   -5.077  -2.485  1.00 0.22 ? 107 VAL A O    1 
ATOM 458 C CB   . VAL A 1 36 ? 4.120   -3.417  -3.895  1.00 0.27 ? 107 VAL A CB   1 
ATOM 459 C CG1  . VAL A 1 36 ? 3.254   -4.565  -4.424  1.00 0.37 ? 107 VAL A CG1  1 
ATOM 460 C CG2  . VAL A 1 36 ? 3.352   -2.102  -4.047  1.00 0.28 ? 107 VAL A CG2  1 
ATOM 461 H H    . VAL A 1 36 ? 6.002   -2.158  -2.559  1.00 0.23 ? 107 VAL A H    1 
ATOM 462 H HA   . VAL A 1 36 ? 3.523   -3.660  -1.844  1.00 0.22 ? 107 VAL A HA   1 
ATOM 463 H HB   . VAL A 1 36 ? 5.028   -3.373  -4.464  1.00 0.35 ? 107 VAL A HB   1 
ATOM 464 H HG11 . VAL A 1 36 ? 3.727   -5.509  -4.194  1.00 1.08 ? 107 VAL A HG11 1 
ATOM 465 H HG12 . VAL A 1 36 ? 2.280   -4.526  -3.958  1.00 1.04 ? 107 VAL A HG12 1 
ATOM 466 H HG13 . VAL A 1 36 ? 3.145   -4.470  -5.494  1.00 1.15 ? 107 VAL A HG13 1 
ATOM 467 H HG21 . VAL A 1 36 ? 3.872   -1.317  -3.518  1.00 1.05 ? 107 VAL A HG21 1 
ATOM 468 H HG22 . VAL A 1 36 ? 3.282   -1.845  -5.093  1.00 1.11 ? 107 VAL A HG22 1 
ATOM 469 H HG23 . VAL A 1 36 ? 2.358   -2.216  -3.638  1.00 1.01 ? 107 VAL A HG23 1 
ATOM 470 N N    . LEU A 1 37 ? 4.502   -5.956  -1.747  1.00 0.22 ? 108 LEU A N    1 
ATOM 471 C CA   . LEU A 1 37 ? 5.117   -7.285  -1.509  1.00 0.24 ? 108 LEU A CA   1 
ATOM 472 C C    . LEU A 1 37 ? 4.895   -8.163  -2.742  1.00 0.26 ? 108 LEU A C    1 
ATOM 473 O O    . LEU A 1 37 ? 5.719   -8.983  -3.094  1.00 0.28 ? 108 LEU A O    1 
ATOM 474 C CB   . LEU A 1 37 ? 4.345   -7.851  -0.308  1.00 0.27 ? 108 LEU A CB   1 
ATOM 475 C CG   . LEU A 1 37 ? 4.831   -7.211  0.996   1.00 0.27 ? 108 LEU A CG   1 
ATOM 476 C CD1  . LEU A 1 37 ? 3.983   -5.986  1.317   1.00 0.22 ? 108 LEU A CD1  1 
ATOM 477 C CD2  . LEU A 1 37 ? 4.698   -8.221  2.142   1.00 0.35 ? 108 LEU A CD2  1 
ATOM 478 H H    . LEU A 1 37 ? 3.557   -5.823  -1.551  1.00 0.23 ? 108 LEU A H    1 
ATOM 479 H HA   . LEU A 1 37 ? 6.167   -7.194  -1.278  1.00 0.25 ? 108 LEU A HA   1 
ATOM 480 H HB2  . LEU A 1 37 ? 3.292   -7.647  -0.433  1.00 0.28 ? 108 LEU A HB2  1 
ATOM 481 H HB3  . LEU A 1 37 ? 4.494   -8.915  -0.257  1.00 0.32 ? 108 LEU A HB3  1 
ATOM 482 H HG   . LEU A 1 37 ? 5.861   -6.911  0.892   1.00 0.28 ? 108 LEU A HG   1 
ATOM 483 H HD11 . LEU A 1 37 ? 2.991   -6.120  0.914   1.00 1.04 ? 108 LEU A HD11 1 
ATOM 484 H HD12 . LEU A 1 37 ? 3.921   -5.861  2.388   1.00 1.00 ? 108 LEU A HD12 1 
ATOM 485 H HD13 . LEU A 1 37 ? 4.433   -5.109  0.876   1.00 0.96 ? 108 LEU A HD13 1 
ATOM 486 H HD21 . LEU A 1 37 ? 4.903   -9.215  1.774   1.00 1.02 ? 108 LEU A HD21 1 
ATOM 487 H HD22 . LEU A 1 37 ? 5.401   -7.974  2.923   1.00 1.17 ? 108 LEU A HD22 1 
ATOM 488 H HD23 . LEU A 1 37 ? 3.690   -8.187  2.542   1.00 1.03 ? 108 LEU A HD23 1 
ATOM 489 N N    . GLU A 1 38 ? 3.781   -7.978  -3.403  1.00 0.28 ? 109 GLU A N    1 
ATOM 490 C CA   . GLU A 1 38 ? 3.478   -8.782  -4.625  1.00 0.31 ? 109 GLU A CA   1 
ATOM 491 C C    . GLU A 1 38 ? 2.502   -8.021  -5.531  1.00 0.34 ? 109 GLU A C    1 
ATOM 492 O O    . GLU A 1 38 ? 1.973   -6.991  -5.157  1.00 0.50 ? 109 GLU A O    1 
ATOM 493 C CB   . GLU A 1 38 ? 2.833   -10.067 -4.102  1.00 0.37 ? 109 GLU A CB   1 
ATOM 494 C CG   . GLU A 1 38 ? 3.922   -11.106 -3.820  1.00 0.39 ? 109 GLU A CG   1 
ATOM 495 C CD   . GLU A 1 38 ? 3.387   -12.505 -4.131  1.00 0.53 ? 109 GLU A CD   1 
ATOM 496 O OE1  . GLU A 1 38 ? 2.869   -12.691 -5.220  1.00 1.24 ? 109 GLU A OE1  1 
ATOM 497 O OE2  . GLU A 1 38 ? 3.506   -13.367 -3.276  1.00 1.19 ? 109 GLU A OE2  1 
ATOM 498 H H    . GLU A 1 38 ? 3.148   -7.295  -3.100  1.00 0.28 ? 109 GLU A H    1 
ATOM 499 H HA   . GLU A 1 38 ? 4.384   -9.016  -5.157  1.00 0.29 ? 109 GLU A HA   1 
ATOM 500 H HB2  . GLU A 1 38 ? 2.295   -9.852  -3.191  1.00 0.38 ? 109 GLU A HB2  1 
ATOM 501 H HB3  . GLU A 1 38 ? 2.151   -10.455 -4.842  1.00 0.41 ? 109 GLU A HB3  1 
ATOM 502 H HG2  . GLU A 1 38 ? 4.782   -10.902 -4.441  1.00 0.43 ? 109 GLU A HG2  1 
ATOM 503 H HG3  . GLU A 1 38 ? 4.206   -11.054 -2.780  1.00 0.39 ? 109 GLU A HG3  1 
ATOM 504 N N    . GLU A 1 39 ? 2.256   -8.529  -6.712  1.00 0.35 ? 110 GLU A N    1 
ATOM 505 C CA   . GLU A 1 39 ? 1.307   -7.850  -7.651  1.00 0.37 ? 110 GLU A CA   1 
ATOM 506 C C    . GLU A 1 39 ? 0.215   -8.836  -8.085  1.00 0.48 ? 110 GLU A C    1 
ATOM 507 O O    . GLU A 1 39 ? 0.494   -9.842  -8.711  1.00 0.86 ? 110 GLU A O    1 
ATOM 508 C CB   . GLU A 1 39 ? 2.164   -7.442  -8.852  1.00 0.40 ? 110 GLU A CB   1 
ATOM 509 C CG   . GLU A 1 39 ? 3.033   -6.238  -8.478  1.00 0.97 ? 110 GLU A CG   1 
ATOM 510 C CD   . GLU A 1 39 ? 4.000   -5.929  -9.624  1.00 1.39 ? 110 GLU A CD   1 
ATOM 511 O OE1  . GLU A 1 39 ? 3.544   -5.851  -10.753 1.00 2.11 ? 110 GLU A OE1  1 
ATOM 512 O OE2  . GLU A 1 39 ? 5.179   -5.776  -9.352  1.00 1.83 ? 110 GLU A OE2  1 
ATOM 513 H H    . GLU A 1 39 ? 2.691   -9.363  -6.982  1.00 0.47 ? 110 GLU A H    1 
ATOM 514 H HA   . GLU A 1 39 ? 0.869   -6.974  -7.193  1.00 0.37 ? 110 GLU A HA   1 
ATOM 515 H HB2  . GLU A 1 39 ? 2.798   -8.269  -9.138  1.00 0.71 ? 110 GLU A HB2  1 
ATOM 516 H HB3  . GLU A 1 39 ? 1.523   -7.178  -9.679  1.00 0.75 ? 110 GLU A HB3  1 
ATOM 517 H HG2  . GLU A 1 39 ? 2.400   -5.379  -8.298  1.00 1.37 ? 110 GLU A HG2  1 
ATOM 518 H HG3  . GLU A 1 39 ? 3.598   -6.465  -7.585  1.00 1.52 ? 110 GLU A HG3  1 
ATOM 519 N N    . SER A 1 40 ? -1.020  -8.561  -7.748  1.00 0.48 ? 111 SER A N    1 
ATOM 520 C CA   . SER A 1 40 ? -2.131  -9.485  -8.131  1.00 0.57 ? 111 SER A CA   1 
ATOM 521 C C    . SER A 1 40 ? -3.015  -8.841  -9.203  1.00 0.59 ? 111 SER A C    1 
ATOM 522 O O    . SER A 1 40 ? -2.972  -9.218  -10.358 1.00 0.94 ? 111 SER A O    1 
ATOM 523 C CB   . SER A 1 40 ? -2.926  -9.711  -6.846  1.00 0.72 ? 111 SER A CB   1 
ATOM 524 O OG   . SER A 1 40 ? -4.152  -10.356 -7.161  1.00 0.90 ? 111 SER A OG   1 
ATOM 525 H H    . SER A 1 40 ? -1.216  -7.749  -7.236  1.00 0.70 ? 111 SER A H    1 
ATOM 526 H HA   . SER A 1 40 ? -1.734  -10.423 -8.487  1.00 0.61 ? 111 SER A HA   1 
ATOM 527 H HB2  . SER A 1 40 ? -2.359  -10.334 -6.174  1.00 0.80 ? 111 SER A HB2  1 
ATOM 528 H HB3  . SER A 1 40 ? -3.120  -8.757  -6.371  1.00 0.81 ? 111 SER A HB3  1 
ATOM 529 H HG   . SER A 1 40 ? -4.622  -10.520 -6.340  1.00 1.25 ? 111 SER A HG   1 
ATOM 530 N N    . GLY A 1 41 ? -3.816  -7.873  -8.827  1.00 0.70 ? 112 GLY A N    1 
ATOM 531 C CA   . GLY A 1 41 ? -4.704  -7.207  -9.826  1.00 0.74 ? 112 GLY A CA   1 
ATOM 532 C C    . GLY A 1 41 ? -5.579  -6.152  -9.139  1.00 0.81 ? 112 GLY A C    1 
ATOM 533 O O    . GLY A 1 41 ? -5.196  -5.005  -9.012  1.00 1.63 ? 112 GLY A O    1 
ATOM 534 H H    . GLY A 1 41 ? -3.833  -7.588  -7.890  1.00 1.03 ? 112 GLY A H    1 
ATOM 535 H HA2  . GLY A 1 41 ? -4.097  -6.732  -10.583 1.00 0.84 ? 112 GLY A HA2  1 
ATOM 536 H HA3  . GLY A 1 41 ? -5.339  -7.946  -10.289 1.00 0.85 ? 112 GLY A HA3  1 
ATOM 537 N N    . GLU A 1 42 ? -6.756  -6.533  -8.709  1.00 0.52 ? 113 GLU A N    1 
ATOM 538 C CA   . GLU A 1 42 ? -7.678  -5.554  -8.042  1.00 0.55 ? 113 GLU A CA   1 
ATOM 539 C C    . GLU A 1 42 ? -7.084  -5.039  -6.723  1.00 0.47 ? 113 GLU A C    1 
ATOM 540 O O    . GLU A 1 42 ? -7.097  -3.851  -6.452  1.00 0.60 ? 113 GLU A O    1 
ATOM 541 C CB   . GLU A 1 42 ? -8.967  -6.335  -7.776  1.00 0.81 ? 113 GLU A CB   1 
ATOM 542 C CG   . GLU A 1 42 ? -9.568  -6.806  -9.101  1.00 1.51 ? 113 GLU A CG   1 
ATOM 543 C CD   . GLU A 1 42 ? -10.289 -5.640  -9.781  1.00 2.14 ? 113 GLU A CD   1 
ATOM 544 O OE1  . GLU A 1 42 ? -11.113 -5.019  -9.130  1.00 2.79 ? 113 GLU A OE1  1 
ATOM 545 O OE2  . GLU A 1 42 ? -10.003 -5.387  -10.939 1.00 2.60 ? 113 GLU A OE2  1 
ATOM 546 H H    . GLU A 1 42 ? -7.039  -7.464  -8.834  1.00 1.03 ? 113 GLU A H    1 
ATOM 547 H HA   . GLU A 1 42 ? -7.884  -4.729  -8.705  1.00 0.66 ? 113 GLU A HA   1 
ATOM 548 H HB2  . GLU A 1 42 ? -8.746  -7.192  -7.154  1.00 1.11 ? 113 GLU A HB2  1 
ATOM 549 H HB3  . GLU A 1 42 ? -9.675  -5.697  -7.268  1.00 1.40 ? 113 GLU A HB3  1 
ATOM 550 H HG2  . GLU A 1 42 ? -8.780  -7.167  -9.747  1.00 1.94 ? 113 GLU A HG2  1 
ATOM 551 H HG3  . GLU A 1 42 ? -10.272 -7.602  -8.915  1.00 1.94 ? 113 GLU A HG3  1 
ATOM 552 N N    . TRP A 1 43 ? -6.579  -5.921  -5.899  1.00 0.44 ? 114 TRP A N    1 
ATOM 553 C CA   . TRP A 1 43 ? -5.991  -5.488  -4.594  1.00 0.37 ? 114 TRP A CA   1 
ATOM 554 C C    . TRP A 1 43 ? -4.575  -6.060  -4.455  1.00 0.32 ? 114 TRP A C    1 
ATOM 555 O O    . TRP A 1 43 ? -4.326  -7.195  -4.811  1.00 0.35 ? 114 TRP A O    1 
ATOM 556 C CB   . TRP A 1 43 ? -6.914  -6.077  -3.522  1.00 0.43 ? 114 TRP A CB   1 
ATOM 557 C CG   . TRP A 1 43 ? -8.201  -5.306  -3.447  1.00 0.42 ? 114 TRP A CG   1 
ATOM 558 C CD1  . TRP A 1 43 ? -9.163  -5.295  -4.400  1.00 0.57 ? 114 TRP A CD1  1 
ATOM 559 C CD2  . TRP A 1 43 ? -8.692  -4.455  -2.366  1.00 0.48 ? 114 TRP A CD2  1 
ATOM 560 N NE1  . TRP A 1 43 ? -10.204 -4.488  -3.978  1.00 0.66 ? 114 TRP A NE1  1 
ATOM 561 C CE2  . TRP A 1 43 ? -9.962  -3.949  -2.729  1.00 0.59 ? 114 TRP A CE2  1 
ATOM 562 C CE3  . TRP A 1 43 ? -8.162  -4.076  -1.119  1.00 0.64 ? 114 TRP A CE3  1 
ATOM 563 C CZ2  . TRP A 1 43 ? -10.681 -3.099  -1.885  1.00 0.74 ? 114 TRP A CZ2  1 
ATOM 564 C CZ3  . TRP A 1 43 ? -8.882  -3.223  -0.265  1.00 0.81 ? 114 TRP A CZ3  1 
ATOM 565 C CH2  . TRP A 1 43 ? -10.141 -2.735  -0.649  1.00 0.82 ? 114 TRP A CH2  1 
ATOM 566 H H    . TRP A 1 43 ? -6.589  -6.871  -6.135  1.00 0.57 ? 114 TRP A H    1 
ATOM 567 H HA   . TRP A 1 43 ? -5.975  -4.413  -4.522  1.00 0.39 ? 114 TRP A HA   1 
ATOM 568 H HB2  . TRP A 1 43 ? -7.132  -7.105  -3.767  1.00 0.49 ? 114 TRP A HB2  1 
ATOM 569 H HB3  . TRP A 1 43 ? -6.417  -6.037  -2.564  1.00 0.54 ? 114 TRP A HB3  1 
ATOM 570 H HD1  . TRP A 1 43 ? -9.125  -5.827  -5.338  1.00 0.70 ? 114 TRP A HD1  1 
ATOM 571 H HE1  . TRP A 1 43 ? -11.024 -4.310  -4.486  1.00 0.82 ? 114 TRP A HE1  1 
ATOM 572 H HE3  . TRP A 1 43 ? -7.194  -4.446  -0.813  1.00 0.71 ? 114 TRP A HE3  1 
ATOM 573 H HZ2  . TRP A 1 43 ? -11.649 -2.727  -2.186  1.00 0.86 ? 114 TRP A HZ2  1 
ATOM 574 H HZ3  . TRP A 1 43 ? -8.465  -2.941  0.690   1.00 0.99 ? 114 TRP A HZ3  1 
ATOM 575 H HH2  . TRP A 1 43 ? -10.690 -2.079  0.009   1.00 0.98 ? 114 TRP A HH2  1 
ATOM 576 N N    . TRP A 1 44 ? -3.647  -5.285  -3.946  1.00 0.30 ? 115 TRP A N    1 
ATOM 577 C CA   . TRP A 1 44 ? -2.241  -5.790  -3.792  1.00 0.27 ? 115 TRP A CA   1 
ATOM 578 C C    . TRP A 1 44 ? -1.833  -5.803  -2.316  1.00 0.24 ? 115 TRP A C    1 
ATOM 579 O O    . TRP A 1 44 ? -2.421  -5.130  -1.493  1.00 0.26 ? 115 TRP A O    1 
ATOM 580 C CB   . TRP A 1 44 ? -1.359  -4.795  -4.565  1.00 0.30 ? 115 TRP A CB   1 
ATOM 581 C CG   . TRP A 1 44 ? -1.797  -4.671  -6.000  1.00 0.29 ? 115 TRP A CG   1 
ATOM 582 C CD1  . TRP A 1 44 ? -2.440  -5.625  -6.723  1.00 0.32 ? 115 TRP A CD1  1 
ATOM 583 C CD2  . TRP A 1 44 ? -1.615  -3.536  -6.900  1.00 0.36 ? 115 TRP A CD2  1 
ATOM 584 N NE1  . TRP A 1 44 ? -2.666  -5.142  -8.001  1.00 0.35 ? 115 TRP A NE1  1 
ATOM 585 C CE2  . TRP A 1 44 ? -2.178  -3.861  -8.159  1.00 0.41 ? 115 TRP A CE2  1 
ATOM 586 C CE3  . TRP A 1 44 ? -1.026  -2.266  -6.745  1.00 0.45 ? 115 TRP A CE3  1 
ATOM 587 C CZ2  . TRP A 1 44 ? -2.155  -2.959  -9.225  1.00 0.54 ? 115 TRP A CZ2  1 
ATOM 588 C CZ3  . TRP A 1 44 ? -1.002  -1.357  -7.817  1.00 0.59 ? 115 TRP A CZ3  1 
ATOM 589 C CH2  . TRP A 1 44 ? -1.565  -1.704  -9.055  1.00 0.64 ? 115 TRP A CH2  1 
ATOM 590 H H    . TRP A 1 44 ? -3.871  -4.372  -3.671  1.00 0.35 ? 115 TRP A H    1 
ATOM 591 H HA   . TRP A 1 44 ? -2.142  -6.779  -4.220  1.00 0.28 ? 115 TRP A HA   1 
ATOM 592 H HB2  . TRP A 1 44 ? -1.422  -3.825  -4.095  1.00 0.36 ? 115 TRP A HB2  1 
ATOM 593 H HB3  . TRP A 1 44 ? -0.334  -5.138  -4.537  1.00 0.36 ? 115 TRP A HB3  1 
ATOM 594 H HD1  . TRP A 1 44 ? -2.729  -6.599  -6.360  1.00 0.37 ? 115 TRP A HD1  1 
ATOM 595 H HE1  . TRP A 1 44 ? -3.116  -5.632  -8.719  1.00 0.38 ? 115 TRP A HE1  1 
ATOM 596 H HE3  . TRP A 1 44 ? -0.588  -1.990  -5.797  1.00 0.43 ? 115 TRP A HE3  1 
ATOM 597 H HZ2  . TRP A 1 44 ? -2.591  -3.231  -10.176 1.00 0.58 ? 115 TRP A HZ2  1 
ATOM 598 H HZ3  . TRP A 1 44 ? -0.547  -0.386  -7.687  1.00 0.68 ? 115 TRP A HZ3  1 
ATOM 599 H HH2  . TRP A 1 44 ? -1.543  -1.001  -9.875  1.00 0.76 ? 115 TRP A HH2  1 
ATOM 600 N N    . LYS A 1 45 ? -0.812  -6.554  -1.983  1.00 0.22 ? 116 LYS A N    1 
ATOM 601 C CA   . LYS A 1 45 ? -0.343  -6.617  -0.560  1.00 0.21 ? 116 LYS A CA   1 
ATOM 602 C C    . LYS A 1 45 ? 0.881   -5.708  -0.372  1.00 0.20 ? 116 LYS A C    1 
ATOM 603 O O    . LYS A 1 45 ? 1.891   -5.915  -1.010  1.00 0.27 ? 116 LYS A O    1 
ATOM 604 C CB   . LYS A 1 45 ? 0.049   -8.084  -0.350  1.00 0.22 ? 116 LYS A CB   1 
ATOM 605 C CG   . LYS A 1 45 ? -0.471  -8.574  1.003   1.00 0.45 ? 116 LYS A CG   1 
ATOM 606 C CD   . LYS A 1 45 ? 0.025   -9.999  1.248   1.00 0.72 ? 116 LYS A CD   1 
ATOM 607 C CE   . LYS A 1 45 ? -0.044  -10.316 2.744   1.00 0.84 ? 116 LYS A CE   1 
ATOM 608 N NZ   . LYS A 1 45 ? -0.306  -11.781 2.815   1.00 1.41 ? 116 LYS A NZ   1 
ATOM 609 H H    . LYS A 1 45 ? -0.348  -7.074  -2.673  1.00 0.23 ? 116 LYS A H    1 
ATOM 610 H HA   . LYS A 1 45 ? -1.139  -6.348  0.115   1.00 0.22 ? 116 LYS A HA   1 
ATOM 611 H HB2  . LYS A 1 45 ? -0.380  -8.688  -1.137  1.00 0.36 ? 116 LYS A HB2  1 
ATOM 612 H HB3  . LYS A 1 45 ? 1.124   -8.178  -0.373  1.00 0.31 ? 116 LYS A HB3  1 
ATOM 613 H HG2  . LYS A 1 45 ? -0.107  -7.925  1.788   1.00 0.54 ? 116 LYS A HG2  1 
ATOM 614 H HG3  . LYS A 1 45 ? -1.550  -8.565  1.000   1.00 0.58 ? 116 LYS A HG3  1 
ATOM 615 H HD2  . LYS A 1 45 ? -0.597  -10.695 0.703   1.00 0.97 ? 116 LYS A HD2  1 
ATOM 616 H HD3  . LYS A 1 45 ? 1.047   -10.088 0.909   1.00 1.02 ? 116 LYS A HD3  1 
ATOM 617 H HE2  . LYS A 1 45 ? 0.897   -10.076 3.221   1.00 1.09 ? 116 LYS A HE2  1 
ATOM 618 H HE3  . LYS A 1 45 ? -0.852  -9.773  3.207   1.00 1.20 ? 116 LYS A HE3  1 
ATOM 619 H HZ1  . LYS A 1 45 ? 0.461   -12.294 2.337   1.00 1.86 ? 116 LYS A HZ1  1 
ATOM 620 H HZ2  . LYS A 1 45 ? -0.353  -12.078 3.809   1.00 1.80 ? 116 LYS A HZ2  1 
ATOM 621 H HZ3  . LYS A 1 45 ? -1.211  -11.993 2.346   1.00 1.93 ? 116 LYS A HZ3  1 
ATOM 622 N N    . ALA A 1 46 ? 0.810   -4.711  0.488   1.00 0.17 ? 117 ALA A N    1 
ATOM 623 C CA   . ALA A 1 46 ? 1.992   -3.803  0.678   1.00 0.17 ? 117 ALA A CA   1 
ATOM 624 C C    . ALA A 1 46 ? 2.367   -3.623  2.164   1.00 0.17 ? 117 ALA A C    1 
ATOM 625 O O    . ALA A 1 46 ? 1.589   -3.899  3.061   1.00 0.18 ? 117 ALA A O    1 
ATOM 626 C CB   . ALA A 1 46 ? 1.549   -2.468  0.085   1.00 0.21 ? 117 ALA A CB   1 
ATOM 627 H H    . ALA A 1 46 ? -0.015  -4.560  0.996   1.00 0.20 ? 117 ALA A H    1 
ATOM 628 H HA   . ALA A 1 46 ? 2.837   -4.179  0.123   1.00 0.18 ? 117 ALA A HA   1 
ATOM 629 H HB1  . ALA A 1 46 ? 0.501   -2.310  0.295   1.00 1.02 ? 117 ALA A HB1  1 
ATOM 630 H HB2  . ALA A 1 46 ? 2.128   -1.670  0.526   1.00 1.05 ? 117 ALA A HB2  1 
ATOM 631 H HB3  . ALA A 1 46 ? 1.706   -2.478  -0.983  1.00 1.00 ? 117 ALA A HB3  1 
ATOM 632 N N    . ARG A 1 47 ? 3.564   -3.136  2.419   1.00 0.16 ? 118 ARG A N    1 
ATOM 633 C CA   . ARG A 1 47 ? 4.024   -2.913  3.815   1.00 0.17 ? 118 ARG A CA   1 
ATOM 634 C C    . ARG A 1 47 ? 4.211   -1.413  4.087   1.00 0.17 ? 118 ARG A C    1 
ATOM 635 O O    . ARG A 1 47 ? 5.035   -0.759  3.475   1.00 0.19 ? 118 ARG A O    1 
ATOM 636 C CB   . ARG A 1 47 ? 5.363   -3.658  3.899   1.00 0.21 ? 118 ARG A CB   1 
ATOM 637 C CG   . ARG A 1 47 ? 6.014   -3.439  5.275   1.00 0.23 ? 118 ARG A CG   1 
ATOM 638 C CD   . ARG A 1 47 ? 7.500   -3.112  5.100   1.00 0.28 ? 118 ARG A CD   1 
ATOM 639 N NE   . ARG A 1 47 ? 8.070   -3.083  6.484   1.00 0.92 ? 118 ARG A NE   1 
ATOM 640 C CZ   . ARG A 1 47 ? 9.371   -2.991  6.684   1.00 1.19 ? 118 ARG A CZ   1 
ATOM 641 N NH1  . ARG A 1 47 ? 10.216  -2.887  5.684   1.00 1.25 ? 118 ARG A NH1  1 
ATOM 642 N NH2  . ARG A 1 47 ? 9.831   -3.001  7.904   1.00 1.61 ? 118 ARG A NH2  1 
ATOM 643 H H    . ARG A 1 47 ? 4.164   -2.907  1.679   1.00 0.17 ? 118 ARG A H    1 
ATOM 644 H HA   . ARG A 1 47 ? 3.328   -3.336  4.507   1.00 0.18 ? 118 ARG A HA   1 
ATOM 645 H HB2  . ARG A 1 47 ? 5.189   -4.718  3.754   1.00 0.22 ? 118 ARG A HB2  1 
ATOM 646 H HB3  . ARG A 1 47 ? 6.024   -3.295  3.126   1.00 0.21 ? 118 ARG A HB3  1 
ATOM 647 H HG2  . ARG A 1 47 ? 5.527   -2.623  5.784   1.00 0.22 ? 118 ARG A HG2  1 
ATOM 648 H HG3  . ARG A 1 47 ? 5.912   -4.338  5.859   1.00 0.28 ? 118 ARG A HG3  1 
ATOM 649 H HD2  . ARG A 1 47 ? 7.984   -3.877  4.528   1.00 0.75 ? 118 ARG A HD2  1 
ATOM 650 H HD3  . ARG A 1 47 ? 7.620   -2.152  4.616   1.00 0.60 ? 118 ARG A HD3  1 
ATOM 651 H HE   . ARG A 1 47 ? 7.469   -3.150  7.255   1.00 1.30 ? 118 ARG A HE   1 
ATOM 652 H HH11 . ARG A 1 47 ? 9.887   -2.875  4.741   1.00 1.28 ? 118 ARG A HH11 1 
ATOM 653 H HH12 . ARG A 1 47 ? 11.197  -2.819  5.867   1.00 1.43 ? 118 ARG A HH12 1 
ATOM 654 H HH21 . ARG A 1 47 ? 9.201   -3.078  8.673   1.00 1.78 ? 118 ARG A HH21 1 
ATOM 655 H HH22 . ARG A 1 47 ? 10.815  -2.930  8.068   1.00 1.84 ? 118 ARG A HH22 1 
ATOM 656 N N    . SER A 1 48 ? 3.467   -0.877  5.022   1.00 0.17 ? 119 SER A N    1 
ATOM 657 C CA   . SER A 1 48 ? 3.607   0.568   5.365   1.00 0.19 ? 119 SER A CA   1 
ATOM 658 C C    . SER A 1 48 ? 4.894   0.782   6.166   1.00 0.22 ? 119 SER A C    1 
ATOM 659 O O    . SER A 1 48 ? 5.056   0.244   7.254   1.00 0.24 ? 119 SER A O    1 
ATOM 660 C CB   . SER A 1 48 ? 2.388   0.901   6.224   1.00 0.20 ? 119 SER A CB   1 
ATOM 661 O OG   . SER A 1 48 ? 2.036   2.265   6.034   1.00 0.32 ? 119 SER A OG   1 
ATOM 662 H H    . SER A 1 48 ? 2.827   -1.436  5.511   1.00 0.18 ? 119 SER A H    1 
ATOM 663 H HA   . SER A 1 48 ? 3.608   1.172   4.472   1.00 0.21 ? 119 SER A HA   1 
ATOM 664 H HB2  . SER A 1 48 ? 1.559   0.277   5.934   1.00 0.29 ? 119 SER A HB2  1 
ATOM 665 H HB3  . SER A 1 48 ? 2.623   0.721   7.266   1.00 0.24 ? 119 SER A HB3  1 
ATOM 666 H HG   . SER A 1 48 ? 1.373   2.495   6.688   1.00 0.88 ? 119 SER A HG   1 
ATOM 667 N N    . LEU A 1 49 ? 5.807   1.561   5.638   1.00 0.28 ? 120 LEU A N    1 
ATOM 668 C CA   . LEU A 1 49 ? 7.094   1.817   6.356   1.00 0.34 ? 120 LEU A CA   1 
ATOM 669 C C    . LEU A 1 49 ? 6.848   2.679   7.598   1.00 0.36 ? 120 LEU A C    1 
ATOM 670 O O    . LEU A 1 49 ? 7.611   2.643   8.545   1.00 0.41 ? 120 LEU A O    1 
ATOM 671 C CB   . LEU A 1 49 ? 7.978   2.567   5.355   1.00 0.40 ? 120 LEU A CB   1 
ATOM 672 C CG   . LEU A 1 49 ? 8.371   1.625   4.216   1.00 0.41 ? 120 LEU A CG   1 
ATOM 673 C CD1  . LEU A 1 49 ? 8.617   2.439   2.944   1.00 0.50 ? 120 LEU A CD1  1 
ATOM 674 C CD2  . LEU A 1 49 ? 9.650   0.875   4.593   1.00 0.42 ? 120 LEU A CD2  1 
ATOM 675 H H    . LEU A 1 49 ? 5.643   1.976   4.763   1.00 0.31 ? 120 LEU A H    1 
ATOM 676 H HA   . LEU A 1 49 ? 7.562   0.886   6.633   1.00 0.36 ? 120 LEU A HA   1 
ATOM 677 H HB2  . LEU A 1 49 ? 7.434   3.411   4.955   1.00 0.45 ? 120 LEU A HB2  1 
ATOM 678 H HB3  . LEU A 1 49 ? 8.869   2.916   5.853   1.00 0.45 ? 120 LEU A HB3  1 
ATOM 679 H HG   . LEU A 1 49 ? 7.573   0.917   4.041   1.00 0.42 ? 120 LEU A HG   1 
ATOM 680 H HD11 . LEU A 1 49 ? 9.356   3.202   3.141   1.00 1.00 ? 120 LEU A HD11 1 
ATOM 681 H HD12 . LEU A 1 49 ? 8.973   1.786   2.162   1.00 1.15 ? 120 LEU A HD12 1 
ATOM 682 H HD13 . LEU A 1 49 ? 7.694   2.905   2.631   1.00 1.24 ? 120 LEU A HD13 1 
ATOM 683 H HD21 . LEU A 1 49 ? 10.443  1.585   4.778   1.00 1.08 ? 120 LEU A HD21 1 
ATOM 684 H HD22 . LEU A 1 49 ? 9.475   0.290   5.484   1.00 1.16 ? 120 LEU A HD22 1 
ATOM 685 H HD23 . LEU A 1 49 ? 9.935   0.220   3.783   1.00 1.08 ? 120 LEU A HD23 1 
ATOM 686 N N    . ALA A 1 50 ? 5.790   3.453   7.601   1.00 0.33 ? 121 ALA A N    1 
ATOM 687 C CA   . ALA A 1 50 ? 5.491   4.318   8.786   1.00 0.37 ? 121 ALA A CA   1 
ATOM 688 C C    . ALA A 1 50 ? 5.364   3.460   10.051  1.00 0.36 ? 121 ALA A C    1 
ATOM 689 O O    . ALA A 1 50 ? 5.570   3.934   11.153  1.00 0.41 ? 121 ALA A O    1 
ATOM 690 C CB   . ALA A 1 50 ? 4.159   5.001   8.466   1.00 0.36 ? 121 ALA A CB   1 
ATOM 691 H H    . ALA A 1 50 ? 5.191   3.465   6.824   1.00 0.31 ? 121 ALA A H    1 
ATOM 692 H HA   . ALA A 1 50 ? 6.263   5.058   8.913   1.00 0.41 ? 121 ALA A HA   1 
ATOM 693 H HB1  . ALA A 1 50 ? 3.542   4.331   7.887   1.00 1.12 ? 121 ALA A HB1  1 
ATOM 694 H HB2  . ALA A 1 50 ? 3.652   5.252   9.386   1.00 1.05 ? 121 ALA A HB2  1 
ATOM 695 H HB3  . ALA A 1 50 ? 4.344   5.901   7.900   1.00 1.04 ? 121 ALA A HB3  1 
ATOM 696 N N    . THR A 1 51 ? 5.036   2.200   9.895   1.00 0.33 ? 122 THR A N    1 
ATOM 697 C CA   . THR A 1 51 ? 4.906   1.305   11.083  1.00 0.33 ? 122 THR A CA   1 
ATOM 698 C C    . THR A 1 51 ? 5.478   -0.091  10.779  1.00 0.32 ? 122 THR A C    1 
ATOM 699 O O    . THR A 1 51 ? 5.261   -1.025  11.527  1.00 0.33 ? 122 THR A O    1 
ATOM 700 C CB   . THR A 1 51 ? 3.402   1.222   11.356  1.00 0.32 ? 122 THR A CB   1 
ATOM 701 O OG1  . THR A 1 51 ? 2.720   0.890   10.154  1.00 0.28 ? 122 THR A OG1  1 
ATOM 702 C CG2  . THR A 1 51 ? 2.897   2.569   11.876  1.00 0.38 ? 122 THR A CG2  1 
ATOM 703 H H    . THR A 1 51 ? 4.882   1.841   8.998   1.00 0.31 ? 122 THR A H    1 
ATOM 704 H HA   . THR A 1 51 ? 5.407   1.738   11.932  1.00 0.38 ? 122 THR A HA   1 
ATOM 705 H HB   . THR A 1 51 ? 3.214   0.462   12.099  1.00 0.35 ? 122 THR A HB   1 
ATOM 706 H HG1  . THR A 1 51 ? 1.895   0.461   10.390  1.00 0.87 ? 122 THR A HG1  1 
ATOM 707 H HG21 . THR A 1 51 ? 3.723   3.130   12.291  1.00 1.04 ? 122 THR A HG21 1 
ATOM 708 H HG22 . THR A 1 51 ? 2.455   3.128   11.064  1.00 1.07 ? 122 THR A HG22 1 
ATOM 709 H HG23 . THR A 1 51 ? 2.154   2.403   12.643  1.00 1.06 ? 122 THR A HG23 1 
ATOM 710 N N    . ARG A 1 52 ? 6.212   -0.244  9.692   1.00 0.32 ? 123 ARG A N    1 
ATOM 711 C CA   . ARG A 1 52 ? 6.800   -1.584  9.343   1.00 0.33 ? 123 ARG A CA   1 
ATOM 712 C C    . ARG A 1 52 ? 5.718   -2.668  9.337   1.00 0.30 ? 123 ARG A C    1 
ATOM 713 O O    . ARG A 1 52 ? 5.991   -3.826  9.589   1.00 0.34 ? 123 ARG A O    1 
ATOM 714 C CB   . ARG A 1 52 ? 7.831   -1.876  10.438  1.00 0.38 ? 123 ARG A CB   1 
ATOM 715 C CG   . ARG A 1 52 ? 9.013   -0.908  10.311  1.00 0.47 ? 123 ARG A CG   1 
ATOM 716 C CD   . ARG A 1 52 ? 10.324  -1.646  10.613  1.00 1.20 ? 123 ARG A CD   1 
ATOM 717 N NE   . ARG A 1 52 ? 10.993  -0.860  11.713  1.00 1.38 ? 123 ARG A NE   1 
ATOM 718 C CZ   . ARG A 1 52 ? 11.305  0.414   11.590  1.00 1.83 ? 123 ARG A CZ   1 
ATOM 719 N NH1  . ARG A 1 52 ? 11.183  1.039   10.443  1.00 2.42 ? 123 ARG A NH1  1 
ATOM 720 N NH2  . ARG A 1 52 ? 11.790  1.055   12.617  1.00 2.44 ? 123 ARG A NH2  1 
ATOM 721 H H    . ARG A 1 52 ? 6.378   0.521   9.105   1.00 0.32 ? 123 ARG A H    1 
ATOM 722 H HA   . ARG A 1 52 ? 7.291   -1.545  8.375   1.00 0.34 ? 123 ARG A HA   1 
ATOM 723 H HB2  . ARG A 1 52 ? 7.367   -1.752  11.406  1.00 0.37 ? 123 ARG A HB2  1 
ATOM 724 H HB3  . ARG A 1 52 ? 8.183   -2.891  10.340  1.00 0.40 ? 123 ARG A HB3  1 
ATOM 725 H HG2  . ARG A 1 52 ? 9.046   -0.513  9.306   1.00 1.06 ? 123 ARG A HG2  1 
ATOM 726 H HG3  . ARG A 1 52 ? 8.890   -0.097  11.012  1.00 1.02 ? 123 ARG A HG3  1 
ATOM 727 H HD2  . ARG A 1 52 ? 10.121  -2.635  10.978  1.00 1.89 ? 123 ARG A HD2  1 
ATOM 728 H HD3  . ARG A 1 52 ? 10.933  -1.703  9.714   1.00 1.88 ? 123 ARG A HD3  1 
ATOM 729 H HE   . ARG A 1 52 ? 11.168  -1.306  12.568  1.00 1.88 ? 123 ARG A HE   1 
ATOM 730 H HH11 . ARG A 1 52 ? 10.853  0.556   9.635   1.00 2.57 ? 123 ARG A HH11 1 
ATOM 731 H HH12 . ARG A 1 52 ? 11.422  2.008   10.378  1.00 3.07 ? 123 ARG A HH12 1 
ATOM 732 H HH21 . ARG A 1 52 ? 11.921  0.580   13.487  1.00 2.66 ? 123 ARG A HH21 1 
ATOM 733 H HH22 . ARG A 1 52 ? 12.031  2.023   12.534  1.00 3.03 ? 123 ARG A HH22 1 
ATOM 734 N N    . LYS A 1 53 ? 4.497   -2.303  9.039   1.00 0.26 ? 124 LYS A N    1 
ATOM 735 C CA   . LYS A 1 53 ? 3.399   -3.316  9.007   1.00 0.26 ? 124 LYS A CA   1 
ATOM 736 C C    . LYS A 1 53 ? 3.037   -3.605  7.556   1.00 0.23 ? 124 LYS A C    1 
ATOM 737 O O    . LYS A 1 53 ? 3.527   -2.953  6.666   1.00 0.23 ? 124 LYS A O    1 
ATOM 738 C CB   . LYS A 1 53 ? 2.219   -2.668  9.730   1.00 0.27 ? 124 LYS A CB   1 
ATOM 739 C CG   . LYS A 1 53 ? 2.631   -2.278  11.153  1.00 0.35 ? 124 LYS A CG   1 
ATOM 740 C CD   . LYS A 1 53 ? 1.428   -2.407  12.090  1.00 0.53 ? 124 LYS A CD   1 
ATOM 741 C CE   . LYS A 1 53 ? 1.920   -2.662  13.517  1.00 1.18 ? 124 LYS A CE   1 
ATOM 742 N NZ   . LYS A 1 53 ? 0.710   -2.515  14.374  1.00 1.39 ? 124 LYS A NZ   1 
ATOM 743 H H    . LYS A 1 53 ? 4.302   -1.363  8.824   1.00 0.25 ? 124 LYS A H    1 
ATOM 744 H HA   . LYS A 1 53 ? 3.697   -4.220  9.515   1.00 0.29 ? 124 LYS A HA   1 
ATOM 745 H HB2  . LYS A 1 53 ? 1.906   -1.791  9.188   1.00 0.27 ? 124 LYS A HB2  1 
ATOM 746 H HB3  . LYS A 1 53 ? 1.404   -3.367  9.775   1.00 0.28 ? 124 LYS A HB3  1 
ATOM 747 H HG2  . LYS A 1 53 ? 3.423   -2.931  11.491  1.00 0.51 ? 124 LYS A HG2  1 
ATOM 748 H HG3  . LYS A 1 53 ? 2.980   -1.258  11.157  1.00 0.44 ? 124 LYS A HG3  1 
ATOM 749 H HD2  . LYS A 1 53 ? 0.852   -1.492  12.065  1.00 1.19 ? 124 LYS A HD2  1 
ATOM 750 H HD3  . LYS A 1 53 ? 0.809   -3.232  11.772  1.00 1.14 ? 124 LYS A HD3  1 
ATOM 751 H HE2  . LYS A 1 53 ? 2.324   -3.661  13.600  1.00 1.80 ? 124 LYS A HE2  1 
ATOM 752 H HE3  . LYS A 1 53 ? 2.661   -1.931  13.796  1.00 1.82 ? 124 LYS A HE3  1 
ATOM 753 H HZ1  . LYS A 1 53 ? -0.036  -3.154  14.035  1.00 1.74 ? 124 LYS A HZ1  1 
ATOM 754 H HZ2  . LYS A 1 53 ? 0.950   -2.758  15.357  1.00 1.84 ? 124 LYS A HZ2  1 
ATOM 755 H HZ3  . LYS A 1 53 ? 0.372   -1.532  14.332  1.00 1.79 ? 124 LYS A HZ3  1 
ATOM 756 N N    . GLU A 1 54 ? 2.189   -4.568  7.306   1.00 0.23 ? 125 GLU A N    1 
ATOM 757 C CA   . GLU A 1 54 ? 1.822   -4.871  5.890   1.00 0.23 ? 125 GLU A CA   1 
ATOM 758 C C    . GLU A 1 54 ? 0.458   -5.541  5.785   1.00 0.25 ? 125 GLU A C    1 
ATOM 759 O O    . GLU A 1 54 ? 0.057   -6.317  6.631   1.00 0.32 ? 125 GLU A O    1 
ATOM 760 C CB   . GLU A 1 54 ? 2.933   -5.786  5.365   1.00 0.28 ? 125 GLU A CB   1 
ATOM 761 C CG   . GLU A 1 54 ? 3.023   -7.057  6.219   1.00 0.36 ? 125 GLU A CG   1 
ATOM 762 C CD   . GLU A 1 54 ? 4.201   -6.958  7.197   1.00 0.59 ? 125 GLU A CD   1 
ATOM 763 O OE1  . GLU A 1 54 ? 4.608   -5.848  7.504   1.00 1.15 ? 125 GLU A OE1  1 
ATOM 764 O OE2  . GLU A 1 54 ? 4.675   -7.996  7.624   1.00 1.42 ? 125 GLU A OE2  1 
ATOM 765 H H    . GLU A 1 54 ? 1.798   -5.083  8.042   1.00 0.25 ? 125 GLU A H    1 
ATOM 766 H HA   . GLU A 1 54 ? 1.811   -3.965  5.320   1.00 0.22 ? 125 GLU A HA   1 
ATOM 767 H HB2  . GLU A 1 54 ? 2.718   -6.057  4.342   1.00 0.41 ? 125 GLU A HB2  1 
ATOM 768 H HB3  . GLU A 1 54 ? 3.875   -5.261  5.405   1.00 0.33 ? 125 GLU A HB3  1 
ATOM 769 H HG2  . GLU A 1 54 ? 2.105   -7.185  6.773   1.00 0.63 ? 125 GLU A HG2  1 
ATOM 770 H HG3  . GLU A 1 54 ? 3.173   -7.906  5.570   1.00 0.48 ? 125 GLU A HG3  1 
ATOM 771 N N    . GLY A 1 55 ? -0.248  -5.239  4.729   1.00 0.26 ? 126 GLY A N    1 
ATOM 772 C CA   . GLY A 1 55 ? -1.591  -5.838  4.517   1.00 0.29 ? 126 GLY A CA   1 
ATOM 773 C C    . GLY A 1 55 ? -2.047  -5.554  3.086   1.00 0.26 ? 126 GLY A C    1 
ATOM 774 O O    . GLY A 1 55 ? -1.256  -5.555  2.167   1.00 0.29 ? 126 GLY A O    1 
ATOM 775 H H    . GLY A 1 55 ? 0.112   -4.613  4.067   1.00 0.28 ? 126 GLY A H    1 
ATOM 776 H HA2  . GLY A 1 55 ? -1.537  -6.905  4.677   1.00 0.33 ? 126 GLY A HA2  1 
ATOM 777 H HA3  . GLY A 1 55 ? -2.293  -5.404  5.209   1.00 0.33 ? 126 GLY A HA3  1 
ATOM 778 N N    . TYR A 1 56 ? -3.315  -5.294  2.903   1.00 0.31 ? 127 TYR A N    1 
ATOM 779 C CA   . TYR A 1 56 ? -3.854  -5.014  1.536   1.00 0.30 ? 127 TYR A CA   1 
ATOM 780 C C    . TYR A 1 56 ? -3.885  -3.508  1.262   1.00 0.32 ? 127 TYR A C    1 
ATOM 781 O O    . TYR A 1 56 ? -3.902  -2.704  2.175   1.00 0.45 ? 127 TYR A O    1 
ATOM 782 C CB   . TYR A 1 56 ? -5.294  -5.543  1.565   1.00 0.33 ? 127 TYR A CB   1 
ATOM 783 C CG   . TYR A 1 56 ? -5.318  -7.016  1.899   1.00 0.30 ? 127 TYR A CG   1 
ATOM 784 C CD1  . TYR A 1 56 ? -4.832  -7.958  0.984   1.00 0.44 ? 127 TYR A CD1  1 
ATOM 785 C CD2  . TYR A 1 56 ? -5.834  -7.436  3.128   1.00 0.29 ? 127 TYR A CD2  1 
ATOM 786 C CE1  . TYR A 1 56 ? -4.861  -9.321  1.304   1.00 0.50 ? 127 TYR A CE1  1 
ATOM 787 C CE2  . TYR A 1 56 ? -5.864  -8.795  3.450   1.00 0.37 ? 127 TYR A CE2  1 
ATOM 788 C CZ   . TYR A 1 56 ? -5.377  -9.740  2.538   1.00 0.45 ? 127 TYR A CZ   1 
ATOM 789 O OH   . TYR A 1 56 ? -5.405  -11.083 2.855   1.00 0.57 ? 127 TYR A OH   1 
ATOM 790 H H    . TYR A 1 56 ? -3.919  -5.287  3.665   1.00 0.40 ? 127 TYR A H    1 
ATOM 791 H HA   . TYR A 1 56 ? -3.284  -5.534  0.783   1.00 0.28 ? 127 TYR A HA   1 
ATOM 792 H HB2  . TYR A 1 56 ? -5.855  -5.005  2.314   1.00 0.35 ? 127 TYR A HB2  1 
ATOM 793 H HB3  . TYR A 1 56 ? -5.752  -5.390  0.606   1.00 0.43 ? 127 TYR A HB3  1 
ATOM 794 H HD1  . TYR A 1 56 ? -4.433  -7.634  0.034   1.00 0.56 ? 127 TYR A HD1  1 
ATOM 795 H HD2  . TYR A 1 56 ? -6.212  -6.709  3.830   1.00 0.34 ? 127 TYR A HD2  1 
ATOM 796 H HE1  . TYR A 1 56 ? -4.487  -10.050 0.601   1.00 0.64 ? 127 TYR A HE1  1 
ATOM 797 H HE2  . TYR A 1 56 ? -6.261  -9.114  4.403   1.00 0.46 ? 127 TYR A HE2  1 
ATOM 798 H HH   . TYR A 1 56 ? -5.648  -11.570 2.064   1.00 1.02 ? 127 TYR A HH   1 
ATOM 799 N N    . ILE A 1 57 ? -3.918  -3.128  0.008   1.00 0.29 ? 128 ILE A N    1 
ATOM 800 C CA   . ILE A 1 57 ? -3.977  -1.679  -0.349  1.00 0.34 ? 128 ILE A CA   1 
ATOM 801 C C    . ILE A 1 57 ? -4.741  -1.510  -1.678  1.00 0.33 ? 128 ILE A C    1 
ATOM 802 O O    . ILE A 1 57 ? -4.290  -1.991  -2.700  1.00 0.38 ? 128 ILE A O    1 
ATOM 803 C CB   . ILE A 1 57 ? -2.522  -1.214  -0.502  1.00 0.35 ? 128 ILE A CB   1 
ATOM 804 C CG1  . ILE A 1 57 ? -1.804  -2.067  -1.562  1.00 0.33 ? 128 ILE A CG1  1 
ATOM 805 C CG2  . ILE A 1 57 ? -1.802  -1.342  0.843   1.00 0.43 ? 128 ILE A CG2  1 
ATOM 806 C CD1  . ILE A 1 57 ? -1.623  -1.252  -2.845  1.00 0.45 ? 128 ILE A CD1  1 
ATOM 807 H H    . ILE A 1 57 ? -3.921  -3.803  -0.704  1.00 0.34 ? 128 ILE A H    1 
ATOM 808 H HA   . ILE A 1 57 ? -4.456  -1.129  0.441   1.00 0.40 ? 128 ILE A HA   1 
ATOM 809 H HB   . ILE A 1 57 ? -2.514  -0.176  -0.807  1.00 0.37 ? 128 ILE A HB   1 
ATOM 810 H HG12 . ILE A 1 57 ? -0.837  -2.371  -1.190  1.00 0.38 ? 128 ILE A HG12 1 
ATOM 811 H HG13 . ILE A 1 57 ? -2.396  -2.942  -1.779  1.00 0.33 ? 128 ILE A HG13 1 
ATOM 812 H HG21 . ILE A 1 57 ? -2.483  -1.078  1.639   1.00 1.06 ? 128 ILE A HG21 1 
ATOM 813 H HG22 . ILE A 1 57 ? -1.465  -2.359  0.976   1.00 1.16 ? 128 ILE A HG22 1 
ATOM 814 H HG23 . ILE A 1 57 ? -0.952  -0.676  0.860   1.00 1.11 ? 128 ILE A HG23 1 
ATOM 815 H HD11 . ILE A 1 57 ? -2.354  -0.458  -2.875  1.00 1.17 ? 128 ILE A HD11 1 
ATOM 816 H HD12 . ILE A 1 57 ? -0.630  -0.828  -2.865  1.00 1.06 ? 128 ILE A HD12 1 
ATOM 817 H HD13 . ILE A 1 57 ? -1.757  -1.896  -3.702  1.00 1.12 ? 128 ILE A HD13 1 
ATOM 818 N N    . PRO A 1 58 ? -5.883  -0.849  -1.636  1.00 0.39 ? 129 PRO A N    1 
ATOM 819 C CA   . PRO A 1 58 ? -6.682  -0.645  -2.879  1.00 0.44 ? 129 PRO A CA   1 
ATOM 820 C C    . PRO A 1 58 ? -5.841  0.006   -3.988  1.00 0.38 ? 129 PRO A C    1 
ATOM 821 O O    . PRO A 1 58 ? -5.480  1.163   -3.913  1.00 0.33 ? 129 PRO A O    1 
ATOM 822 C CB   . PRO A 1 58 ? -7.819  0.273   -2.430  1.00 0.56 ? 129 PRO A CB   1 
ATOM 823 C CG   . PRO A 1 58 ? -7.933  0.044   -0.958  1.00 0.63 ? 129 PRO A CG   1 
ATOM 824 C CD   . PRO A 1 58 ? -6.543  -0.245  -0.465  1.00 0.52 ? 129 PRO A CD   1 
ATOM 825 H HA   . PRO A 1 58 ? -7.079  -1.579  -3.224  1.00 0.51 ? 129 PRO A HA   1 
ATOM 826 H HB2  . PRO A 1 58 ? -7.569  1.305   -2.632  1.00 0.60 ? 129 PRO A HB2  1 
ATOM 827 H HB3  . PRO A 1 58 ? -8.741  0.002   -2.920  1.00 0.62 ? 129 PRO A HB3  1 
ATOM 828 H HG2  . PRO A 1 58 ? -8.332  0.927   -0.470  1.00 0.75 ? 129 PRO A HG2  1 
ATOM 829 H HG3  . PRO A 1 58 ? -8.570  -0.804  -0.768  1.00 0.70 ? 129 PRO A HG3  1 
ATOM 830 H HD2  . PRO A 1 58 ? -6.046  0.671   -0.170  1.00 0.62 ? 129 PRO A HD2  1 
ATOM 831 H HD3  . PRO A 1 58 ? -6.567  -0.948  0.352   1.00 0.53 ? 129 PRO A HD3  1 
ATOM 832 N N    . SER A 1 59 ? -5.538  -0.746  -5.018  1.00 0.47 ? 130 SER A N    1 
ATOM 833 C CA   . SER A 1 59 ? -4.715  -0.207  -6.149  1.00 0.51 ? 130 SER A CA   1 
ATOM 834 C C    . SER A 1 59 ? -5.424  0.955   -6.859  1.00 0.49 ? 130 SER A C    1 
ATOM 835 O O    . SER A 1 59 ? -4.785  1.838   -7.402  1.00 0.56 ? 130 SER A O    1 
ATOM 836 C CB   . SER A 1 59 ? -4.549  -1.377  -7.121  1.00 0.71 ? 130 SER A CB   1 
ATOM 837 O OG   . SER A 1 59 ? -4.108  -2.523  -6.407  1.00 0.70 ? 130 SER A OG   1 
ATOM 838 H H    . SER A 1 59 ? -5.850  -1.675  -5.044  1.00 0.56 ? 130 SER A H    1 
ATOM 839 H HA   . SER A 1 59 ? -3.742  0.100   -5.794  1.00 0.52 ? 130 SER A HA   1 
ATOM 840 H HB2  . SER A 1 59 ? -5.492  -1.594  -7.595  1.00 0.88 ? 130 SER A HB2  1 
ATOM 841 H HB3  . SER A 1 59 ? -3.825  -1.108  -7.880  1.00 0.80 ? 130 SER A HB3  1 
ATOM 842 H HG   . SER A 1 59 ? -4.625  -3.275  -6.705  1.00 1.11 ? 130 SER A HG   1 
ATOM 843 N N    . ASN A 1 60 ? -6.733  0.943   -6.890  1.00 0.50 ? 131 ASN A N    1 
ATOM 844 C CA   . ASN A 1 60 ? -7.481  2.035   -7.594  1.00 0.55 ? 131 ASN A CA   1 
ATOM 845 C C    . ASN A 1 60 ? -7.397  3.368   -6.826  1.00 0.47 ? 131 ASN A C    1 
ATOM 846 O O    . ASN A 1 60 ? -7.742  4.407   -7.357  1.00 0.68 ? 131 ASN A O    1 
ATOM 847 C CB   . ASN A 1 60 ? -8.929  1.541   -7.681  1.00 0.65 ? 131 ASN A CB   1 
ATOM 848 C CG   . ASN A 1 60 ? -9.491  1.310   -6.276  1.00 0.61 ? 131 ASN A CG   1 
ATOM 849 O OD1  . ASN A 1 60 ? -8.781  1.414   -5.298  1.00 1.08 ? 131 ASN A OD1  1 
ATOM 850 N ND2  . ASN A 1 60 ? -10.753 1.005   -6.136  1.00 1.07 ? 131 ASN A ND2  1 
ATOM 851 H H    . ASN A 1 60 ? -7.225  0.207   -6.467  1.00 0.55 ? 131 ASN A H    1 
ATOM 852 H HA   . ASN A 1 60 ? -7.085  2.165   -8.588  1.00 0.64 ? 131 ASN A HA   1 
ATOM 853 H HB2  . ASN A 1 60 ? -9.530  2.280   -8.191  1.00 0.70 ? 131 ASN A HB2  1 
ATOM 854 H HB3  . ASN A 1 60 ? -8.957  0.611   -8.232  1.00 0.76 ? 131 ASN A HB3  1 
ATOM 855 H HD21 . ASN A 1 60 ? -11.329 0.927   -6.925  1.00 1.69 ? 131 ASN A HD21 1 
ATOM 856 H HD22 . ASN A 1 60 ? -11.125 0.856   -5.241  1.00 1.04 ? 131 ASN A HD22 1 
ATOM 857 N N    . TYR A 1 61 ? -6.942  3.353   -5.595  1.00 0.30 ? 132 TYR A N    1 
ATOM 858 C CA   . TYR A 1 61 ? -6.834  4.629   -4.812  1.00 0.39 ? 132 TYR A CA   1 
ATOM 859 C C    . TYR A 1 61 ? -5.388  4.831   -4.342  1.00 0.34 ? 132 TYR A C    1 
ATOM 860 O O    . TYR A 1 61 ? -5.138  5.164   -3.198  1.00 0.38 ? 132 TYR A O    1 
ATOM 861 C CB   . TYR A 1 61 ? -7.756  4.450   -3.604  1.00 0.55 ? 132 TYR A CB   1 
ATOM 862 C CG   . TYR A 1 61 ? -9.189  4.712   -4.015  1.00 0.70 ? 132 TYR A CG   1 
ATOM 863 C CD1  . TYR A 1 61 ? -9.593  6.007   -4.360  1.00 1.01 ? 132 TYR A CD1  1 
ATOM 864 C CD2  . TYR A 1 61 ? -10.112 3.660   -4.052  1.00 0.99 ? 132 TYR A CD2  1 
ATOM 865 C CE1  . TYR A 1 61 ? -10.918 6.249   -4.740  1.00 1.13 ? 132 TYR A CE1  1 
ATOM 866 C CE2  . TYR A 1 61 ? -11.436 3.903   -4.433  1.00 1.14 ? 132 TYR A CE2  1 
ATOM 867 C CZ   . TYR A 1 61 ? -11.840 5.197   -4.777  1.00 1.04 ? 132 TYR A CZ   1 
ATOM 868 O OH   . TYR A 1 61 ? -13.146 5.436   -5.154  1.00 1.22 ? 132 TYR A OH   1 
ATOM 869 H H    . TYR A 1 61 ? -6.665  2.507   -5.185  1.00 0.29 ? 132 TYR A H    1 
ATOM 870 H HA   . TYR A 1 61 ? -7.162  5.470   -5.407  1.00 0.48 ? 132 TYR A HA   1 
ATOM 871 H HB2  . TYR A 1 61 ? -7.661  3.443   -3.225  1.00 0.57 ? 132 TYR A HB2  1 
ATOM 872 H HB3  . TYR A 1 61 ? -7.471  5.150   -2.831  1.00 0.65 ? 132 TYR A HB3  1 
ATOM 873 H HD1  . TYR A 1 61 ? -8.884  6.819   -4.333  1.00 1.34 ? 132 TYR A HD1  1 
ATOM 874 H HD2  . TYR A 1 61 ? -9.803  2.661   -3.784  1.00 1.31 ? 132 TYR A HD2  1 
ATOM 875 H HE1  . TYR A 1 61 ? -11.230 7.249   -5.004  1.00 1.50 ? 132 TYR A HE1  1 
ATOM 876 H HE2  . TYR A 1 61 ? -12.147 3.091   -4.462  1.00 1.52 ? 132 TYR A HE2  1 
ATOM 877 H HH   . TYR A 1 61 ? -13.416 6.276   -4.777  1.00 1.60 ? 132 TYR A HH   1 
ATOM 878 N N    . VAL A 1 62 ? -4.435  4.621   -5.216  1.00 0.31 ? 133 VAL A N    1 
ATOM 879 C CA   . VAL A 1 62 ? -3.005  4.781   -4.819  1.00 0.29 ? 133 VAL A CA   1 
ATOM 880 C C    . VAL A 1 62 ? -2.134  5.076   -6.040  1.00 0.32 ? 133 VAL A C    1 
ATOM 881 O O    . VAL A 1 62 ? -2.566  4.967   -7.172  1.00 0.35 ? 133 VAL A O    1 
ATOM 882 C CB   . VAL A 1 62 ? -2.630  3.433   -4.189  1.00 0.31 ? 133 VAL A CB   1 
ATOM 883 C CG1  . VAL A 1 62 ? -2.832  2.300   -5.198  1.00 0.93 ? 133 VAL A CG1  1 
ATOM 884 C CG2  . VAL A 1 62 ? -1.172  3.434   -3.731  1.00 0.91 ? 133 VAL A CG2  1 
ATOM 885 H H    . VAL A 1 62 ? -4.660  4.348   -6.130  1.00 0.34 ? 133 VAL A H    1 
ATOM 886 H HA   . VAL A 1 62 ? -2.908  5.562   -4.088  1.00 0.29 ? 133 VAL A HA   1 
ATOM 887 H HB   . VAL A 1 62 ? -3.261  3.268   -3.338  1.00 0.85 ? 133 VAL A HB   1 
ATOM 888 H HG11 . VAL A 1 62 ? -2.541  2.636   -6.182  1.00 1.52 ? 133 VAL A HG11 1 
ATOM 889 H HG12 . VAL A 1 62 ? -2.224  1.454   -4.914  1.00 1.53 ? 133 VAL A HG12 1 
ATOM 890 H HG13 . VAL A 1 62 ? -3.871  2.009   -5.209  1.00 1.51 ? 133 VAL A HG13 1 
ATOM 891 H HG21 . VAL A 1 62 ? -0.999  4.280   -3.086  1.00 1.46 ? 133 VAL A HG21 1 
ATOM 892 H HG22 . VAL A 1 62 ? -0.964  2.522   -3.193  1.00 1.53 ? 133 VAL A HG22 1 
ATOM 893 H HG23 . VAL A 1 62 ? -0.527  3.498   -4.593  1.00 1.48 ? 133 VAL A HG23 1 
ATOM 894 N N    . ALA A 1 63 ? -0.906  5.434   -5.804  1.00 0.33 ? 134 ALA A N    1 
ATOM 895 C CA   . ALA A 1 63 ? 0.034   5.729   -6.929  1.00 0.37 ? 134 ALA A CA   1 
ATOM 896 C C    . ALA A 1 63 ? 1.251   4.800   -6.834  1.00 0.35 ? 134 ALA A C    1 
ATOM 897 O O    . ALA A 1 63 ? 1.967   4.806   -5.851  1.00 0.35 ? 134 ALA A O    1 
ATOM 898 C CB   . ALA A 1 63 ? 0.443   7.194   -6.739  1.00 0.39 ? 134 ALA A CB   1 
ATOM 899 H H    . ALA A 1 63 ? -0.597  5.499   -4.875  1.00 0.32 ? 134 ALA A H    1 
ATOM 900 H HA   . ALA A 1 63 ? -0.464  5.602   -7.878  1.00 0.45 ? 134 ALA A HA   1 
ATOM 901 H HB1  . ALA A 1 63 ? -0.067  7.603   -5.878  1.00 1.01 ? 134 ALA A HB1  1 
ATOM 902 H HB2  . ALA A 1 63 ? 1.511   7.257   -6.588  1.00 1.13 ? 134 ALA A HB2  1 
ATOM 903 H HB3  . ALA A 1 63 ? 0.172   7.759   -7.619  1.00 1.06 ? 134 ALA A HB3  1 
ATOM 904 N N    . ARG A 1 64 ? 1.476   3.983   -7.836  1.00 0.41 ? 135 ARG A N    1 
ATOM 905 C CA   . ARG A 1 64 ? 2.620   3.039   -7.794  1.00 0.46 ? 135 ARG A CA   1 
ATOM 906 C C    . ARG A 1 64 ? 3.867   3.636   -8.457  1.00 0.46 ? 135 ARG A C    1 
ATOM 907 O O    . ARG A 1 64 ? 3.825   4.105   -9.576  1.00 0.60 ? 135 ARG A O    1 
ATOM 908 C CB   . ARG A 1 64 ? 2.131   1.825   -8.576  1.00 0.64 ? 135 ARG A CB   1 
ATOM 909 C CG   . ARG A 1 64 ? 3.105   0.676   -8.361  1.00 0.76 ? 135 ARG A CG   1 
ATOM 910 C CD   . ARG A 1 64 ? 2.339   -0.646  -8.280  1.00 1.16 ? 135 ARG A CD   1 
ATOM 911 N NE   . ARG A 1 64 ? 1.984   -0.982  -9.696  1.00 1.30 ? 135 ARG A NE   1 
ATOM 912 C CZ   . ARG A 1 64 ? 1.510   -2.169  -10.022 1.00 1.74 ? 135 ARG A CZ   1 
ATOM 913 N NH1  . ARG A 1 64 ? 1.325   -3.108  -9.122  1.00 2.55 ? 135 ARG A NH1  1 
ATOM 914 N NH2  . ARG A 1 64 ? 1.216   -2.416  -11.269 1.00 2.00 ? 135 ARG A NH2  1 
ATOM 915 H H    . ARG A 1 64 ? 0.881   3.974   -8.605  1.00 0.48 ? 135 ARG A H    1 
ATOM 916 H HA   . ARG A 1 64 ? 2.835   2.753   -6.778  1.00 0.44 ? 135 ARG A HA   1 
ATOM 917 H HB2  . ARG A 1 64 ? 1.149   1.541   -8.223  1.00 0.82 ? 135 ARG A HB2  1 
ATOM 918 H HB3  . ARG A 1 64 ? 2.083   2.064   -9.626  1.00 0.73 ? 135 ARG A HB3  1 
ATOM 919 H HG2  . ARG A 1 64 ? 3.801   0.643   -9.185  1.00 1.33 ? 135 ARG A HG2  1 
ATOM 920 H HG3  . ARG A 1 64 ? 3.639   0.837   -7.442  1.00 1.37 ? 135 ARG A HG3  1 
ATOM 921 H HD2  . ARG A 1 64 ? 2.967   -1.415  -7.855  1.00 1.76 ? 135 ARG A HD2  1 
ATOM 922 H HD3  . ARG A 1 64 ? 1.444   -0.523  -7.689  1.00 1.63 ? 135 ARG A HD3  1 
ATOM 923 H HE   . ARG A 1 64 ? 2.106   -0.308  -10.398 1.00 1.68 ? 135 ARG A HE   1 
ATOM 924 H HH11 . ARG A 1 64 ? 1.544   -2.940  -8.162  1.00 2.79 ? 135 ARG A HH11 1 
ATOM 925 H HH12 . ARG A 1 64 ? 0.964   -3.997  -9.400  1.00 3.14 ? 135 ARG A HH12 1 
ATOM 926 H HH21 . ARG A 1 64 ? 1.351   -1.710  -11.965 1.00 2.04 ? 135 ARG A HH21 1 
ATOM 927 H HH22 . ARG A 1 64 ? 0.855   -3.311  -11.530 1.00 2.55 ? 135 ARG A HH22 1 
ATOM 928 N N    . VAL A 1 65 ? 4.978   3.603   -7.764  1.00 0.42 ? 136 VAL A N    1 
ATOM 929 C CA   . VAL A 1 65 ? 6.250   4.144   -8.320  1.00 0.51 ? 136 VAL A CA   1 
ATOM 930 C C    . VAL A 1 65 ? 7.391   3.142   -8.077  1.00 0.68 ? 136 VAL A C    1 
ATOM 931 O O    . VAL A 1 65 ? 7.319   2.306   -7.191  1.00 0.60 ? 136 VAL A O    1 
ATOM 932 C CB   . VAL A 1 65 ? 6.511   5.440   -7.548  1.00 0.70 ? 136 VAL A CB   1 
ATOM 933 C CG1  . VAL A 1 65 ? 5.413   6.458   -7.859  1.00 0.81 ? 136 VAL A CG1  1 
ATOM 934 C CG2  . VAL A 1 65 ? 6.538   5.167   -6.039  1.00 0.86 ? 136 VAL A CG2  1 
ATOM 935 H H    . VAL A 1 65 ? 4.980   3.216   -6.871  1.00 0.43 ? 136 VAL A H    1 
ATOM 936 H HA   . VAL A 1 65 ? 6.147   4.356   -9.374  1.00 0.52 ? 136 VAL A HA   1 
ATOM 937 H HB   . VAL A 1 65 ? 7.458   5.838   -7.852  1.00 0.79 ? 136 VAL A HB   1 
ATOM 938 H HG11 . VAL A 1 65 ? 4.987   6.243   -8.829  1.00 1.41 ? 136 VAL A HG11 1 
ATOM 939 H HG12 . VAL A 1 65 ? 4.642   6.397   -7.106  1.00 1.35 ? 136 VAL A HG12 1 
ATOM 940 H HG13 . VAL A 1 65 ? 5.835   7.452   -7.864  1.00 1.22 ? 136 VAL A HG13 1 
ATOM 941 H HG21 . VAL A 1 65 ? 7.130   4.284   -5.842  1.00 1.37 ? 136 VAL A HG21 1 
ATOM 942 H HG22 . VAL A 1 65 ? 6.972   6.012   -5.528  1.00 1.40 ? 136 VAL A HG22 1 
ATOM 943 H HG23 . VAL A 1 65 ? 5.529   5.011   -5.683  1.00 1.26 ? 136 VAL A HG23 1 
ATOM 944 N N    . ASP A 1 66 ? 8.437   3.224   -8.859  1.00 1.08 ? 137 ASP A N    1 
ATOM 945 C CA   . ASP A 1 66 ? 9.579   2.305   -8.701  1.00 1.44 ? 137 ASP A CA   1 
ATOM 946 C C    . ASP A 1 66 ? 10.814  3.091   -8.244  1.00 2.28 ? 137 ASP A C    1 
ATOM 947 O O    . ASP A 1 66 ? 11.771  3.243   -8.980  1.00 2.85 ? 137 ASP A O    1 
ATOM 948 C CB   . ASP A 1 66 ? 9.794   1.708   -10.103 1.00 2.07 ? 137 ASP A CB   1 
ATOM 949 C CG   . ASP A 1 66 ? 10.087  2.818   -11.127 1.00 2.87 ? 137 ASP A CG   1 
ATOM 950 O OD1  . ASP A 1 66 ? 10.048  3.981   -10.754 1.00 3.37 ? 137 ASP A OD1  1 
ATOM 951 O OD2  . ASP A 1 66 ? 10.346  2.481   -12.270 1.00 3.41 ? 137 ASP A OD2  1 
ATOM 952 H H    . ASP A 1 66 ? 8.476   3.889   -9.555  1.00 1.20 ? 137 ASP A H    1 
ATOM 953 H HA   . ASP A 1 66 ? 9.343   1.524   -7.997  1.00 0.98 ? 137 ASP A HA   1 
ATOM 954 H HB2  . ASP A 1 66 ? 10.624  1.019   -10.079 1.00 2.45 ? 137 ASP A HB2  1 
ATOM 955 H HB3  . ASP A 1 66 ? 8.901   1.178   -10.402 1.00 2.23 ? 137 ASP A HB3  1 
ATOM 956 N N    . SER A 1 67 ? 10.792  3.592   -7.036  1.00 2.90 ? 138 SER A N    1 
ATOM 957 C CA   . SER A 1 67 ? 11.959  4.371   -6.521  1.00 3.84 ? 138 SER A CA   1 
ATOM 958 C C    . SER A 1 67 ? 12.360  3.866   -5.133  1.00 4.46 ? 138 SER A C    1 
ATOM 959 O O    . SER A 1 67 ? 11.722  4.264   -4.173  1.00 4.79 ? 138 SER A O    1 
ATOM 960 C CB   . SER A 1 67 ? 11.467  5.815   -6.446  1.00 4.60 ? 138 SER A CB   1 
ATOM 961 O OG   . SER A 1 67 ? 12.570  6.696   -6.614  1.00 5.44 ? 138 SER A OG   1 
ATOM 962 H H    . SER A 1 67 ? 10.008  3.456   -6.465  1.00 3.04 ? 138 SER A H    1 
ATOM 963 H HA   . SER A 1 67 ? 12.789  4.299   -7.205  1.00 3.94 ? 138 SER A HA   1 
ATOM 964 H HB2  . SER A 1 67 ? 10.749  5.994   -7.230  1.00 4.53 ? 138 SER A HB2  1 
ATOM 965 H HB3  . SER A 1 67 ? 10.998  5.986   -5.485  1.00 4.91 ? 138 SER A HB3  1 
ATOM 966 H HG   . SER A 1 67 ? 12.862  6.636   -7.526  1.00 5.78 ? 138 SER A HG   1 
# 
